data_3ZG4
#
_entry.id   3ZG4
#
_cell.length_a   1.000
_cell.length_b   1.000
_cell.length_c   1.000
_cell.angle_alpha   90.00
_cell.angle_beta   90.00
_cell.angle_gamma   90.00
#
_symmetry.space_group_name_H-M   'P 1'
#
_entity_poly.entity_id   1
_entity_poly.type   'polypeptide(L)'
_entity_poly.pdbx_seq_one_letter_code
;GHMEDTYIEVDLENQHMWYYKDGKVALETDIVSGKPTTPTPAGVFYVWNKEEDATLKGTNDDGTPYESPVNYWMPIDWTG
VGIHDSDWQPEYGGDLWKTRGSHGCINTPPSVMKELFGMVEKGTPVLVF
;
_entity_poly.pdbx_strand_id   A
#
# COMPACT_ATOMS: atom_id res chain seq x y z
N GLY A 1 6.14 9.03 10.91
CA GLY A 1 7.33 9.84 11.27
C GLY A 1 8.55 9.36 10.52
N HIS A 2 8.80 9.98 9.38
CA HIS A 2 9.84 9.55 8.47
C HIS A 2 9.94 10.55 7.34
N MET A 3 10.85 11.49 7.51
CA MET A 3 11.00 12.65 6.63
C MET A 3 9.93 13.69 6.92
N GLU A 4 9.99 14.78 6.18
CA GLU A 4 9.10 15.91 6.41
C GLU A 4 8.23 16.17 5.20
N ASP A 5 8.51 15.47 4.13
CA ASP A 5 7.72 15.57 2.91
C ASP A 5 6.25 15.28 3.10
N THR A 6 5.52 15.64 2.08
CA THR A 6 4.16 15.25 1.92
C THR A 6 4.13 13.99 1.08
N TYR A 7 3.55 12.96 1.62
CA TYR A 7 3.55 11.66 0.99
C TYR A 7 2.49 10.77 1.60
N ILE A 8 2.56 9.51 1.21
CA ILE A 8 1.82 8.48 1.90
C ILE A 8 2.81 7.71 2.76
N GLU A 9 2.36 7.05 3.81
CA GLU A 9 3.28 6.31 4.67
C GLU A 9 2.72 4.97 5.03
N VAL A 10 3.61 4.06 5.33
CA VAL A 10 3.28 2.71 5.68
C VAL A 10 4.32 2.18 6.63
N ASP A 11 3.84 1.50 7.62
CA ASP A 11 4.71 0.85 8.55
C ASP A 11 4.41 -0.63 8.52
N LEU A 12 5.37 -1.41 8.08
CA LEU A 12 5.18 -2.84 7.94
C LEU A 12 4.99 -3.48 9.29
N GLU A 13 5.88 -3.09 10.17
CA GLU A 13 5.97 -3.61 11.52
C GLU A 13 4.64 -3.55 12.26
N ASN A 14 4.07 -2.36 12.24
CA ASN A 14 2.86 -2.05 12.95
C ASN A 14 1.71 -2.02 11.97
N GLN A 15 2.01 -2.48 10.76
CA GLN A 15 1.04 -2.59 9.67
C GLN A 15 0.04 -1.45 9.70
N HIS A 16 0.52 -0.29 9.31
CA HIS A 16 -0.27 0.93 9.36
C HIS A 16 0.20 1.88 8.25
N MET A 17 -0.74 2.31 7.44
CA MET A 17 -0.48 3.20 6.34
C MET A 17 -1.13 4.55 6.58
N TRP A 18 -0.32 5.57 6.42
CA TRP A 18 -0.69 6.94 6.68
C TRP A 18 -0.71 7.76 5.43
N TYR A 19 -1.17 8.98 5.56
CA TYR A 19 -0.97 9.99 4.54
C TYR A 19 -0.32 11.15 5.22
N TYR A 20 0.89 11.45 4.85
CA TYR A 20 1.56 12.54 5.49
C TYR A 20 1.55 13.78 4.64
N LYS A 21 1.10 14.82 5.27
CA LYS A 21 1.09 16.11 4.74
C LYS A 21 1.28 17.08 5.85
N ASP A 22 2.12 18.06 5.57
CA ASP A 22 2.45 19.11 6.49
C ASP A 22 3.32 18.54 7.58
N GLY A 23 3.78 17.35 7.29
CA GLY A 23 4.63 16.64 8.18
C GLY A 23 3.84 15.91 9.25
N LYS A 24 2.58 15.84 8.96
CA LYS A 24 1.56 15.37 9.85
C LYS A 24 0.71 14.42 9.05
N VAL A 25 -0.17 13.65 9.65
CA VAL A 25 -0.93 12.75 8.83
C VAL A 25 -2.28 13.28 8.56
N ALA A 26 -2.60 13.05 7.35
CA ALA A 26 -3.84 13.34 6.77
C ALA A 26 -4.71 12.13 6.88
N LEU A 27 -4.04 11.00 6.96
CA LEU A 27 -4.70 9.74 6.90
C LEU A 27 -3.88 8.71 7.64
N GLU A 28 -4.55 7.68 8.10
CA GLU A 28 -3.92 6.62 8.90
C GLU A 28 -4.84 5.44 8.98
N THR A 29 -4.36 4.31 8.54
CA THR A 29 -5.09 3.10 8.69
C THR A 29 -4.17 1.94 8.90
N ASP A 30 -4.75 0.87 9.31
CA ASP A 30 -4.06 -0.37 9.47
C ASP A 30 -4.05 -1.04 8.12
N ILE A 31 -3.00 -1.78 7.88
CA ILE A 31 -2.82 -2.44 6.61
C ILE A 31 -2.18 -3.80 6.76
N VAL A 32 -1.95 -4.45 5.65
CA VAL A 32 -1.22 -5.70 5.63
C VAL A 32 -0.47 -5.83 4.31
N SER A 33 0.84 -5.91 4.41
CA SER A 33 1.72 -5.72 3.28
C SER A 33 2.90 -6.67 3.32
N GLY A 34 3.28 -7.16 2.15
CA GLY A 34 4.60 -7.75 2.00
C GLY A 34 4.79 -9.12 2.62
N LYS A 35 3.85 -10.05 2.43
CA LYS A 35 3.89 -11.36 3.06
C LYS A 35 5.27 -11.96 2.92
N PRO A 36 5.69 -12.69 3.95
CA PRO A 36 7.04 -13.24 4.13
C PRO A 36 7.74 -13.73 2.84
N THR A 37 6.96 -14.17 1.87
CA THR A 37 7.50 -14.70 0.64
C THR A 37 7.79 -13.58 -0.35
N THR A 38 6.99 -12.53 -0.29
CA THR A 38 7.16 -11.36 -1.16
C THR A 38 6.88 -10.09 -0.37
N PRO A 39 7.82 -9.76 0.50
CA PRO A 39 7.75 -8.63 1.42
C PRO A 39 7.89 -7.28 0.76
N THR A 40 7.44 -6.28 1.50
CA THR A 40 7.55 -4.91 1.12
C THR A 40 8.99 -4.42 1.25
N PRO A 41 9.33 -3.44 0.42
CA PRO A 41 10.68 -2.93 0.24
C PRO A 41 11.12 -1.93 1.30
N ALA A 42 10.28 -0.91 1.53
CA ALA A 42 10.59 0.17 2.46
C ALA A 42 11.71 1.09 1.97
N GLY A 43 11.35 2.37 1.85
CA GLY A 43 12.27 3.36 1.35
C GLY A 43 11.56 4.63 0.99
N VAL A 44 11.74 5.07 -0.23
CA VAL A 44 11.11 6.26 -0.72
C VAL A 44 10.35 5.94 -2.00
N PHE A 45 9.05 5.94 -1.90
CA PHE A 45 8.21 5.46 -2.95
C PHE A 45 7.40 6.62 -3.50
N TYR A 46 6.94 6.51 -4.74
CA TYR A 46 6.06 7.53 -5.33
C TYR A 46 5.09 6.91 -6.29
N VAL A 47 3.87 7.38 -6.26
CA VAL A 47 2.88 6.84 -7.16
C VAL A 47 3.10 7.35 -8.58
N TRP A 48 3.24 6.42 -9.50
CA TRP A 48 3.51 6.76 -10.88
C TRP A 48 2.31 6.53 -11.77
N ASN A 49 1.23 6.11 -11.15
CA ASN A 49 -0.02 5.90 -11.84
C ASN A 49 -1.15 5.78 -10.85
N LYS A 50 -2.32 6.18 -11.29
CA LYS A 50 -3.52 5.98 -10.53
C LYS A 50 -4.40 4.98 -11.23
N GLU A 51 -4.67 3.92 -10.54
CA GLU A 51 -5.48 2.86 -11.06
C GLU A 51 -6.70 2.67 -10.21
N GLU A 52 -7.81 2.79 -10.86
CA GLU A 52 -9.08 2.68 -10.21
C GLU A 52 -9.86 1.56 -10.82
N ASP A 53 -10.48 0.79 -9.98
CA ASP A 53 -11.16 -0.42 -10.42
C ASP A 53 -10.17 -1.23 -11.24
N ALA A 54 -8.96 -1.19 -10.73
CA ALA A 54 -7.83 -1.80 -11.35
C ALA A 54 -7.62 -3.20 -10.88
N THR A 55 -6.72 -3.85 -11.54
CA THR A 55 -6.39 -5.21 -11.25
C THR A 55 -4.90 -5.35 -11.14
N LEU A 56 -4.49 -5.46 -9.92
CA LEU A 56 -3.15 -5.71 -9.55
C LEU A 56 -2.79 -7.10 -9.89
N LYS A 57 -1.53 -7.32 -10.08
CA LYS A 57 -1.02 -8.55 -10.51
C LYS A 57 0.39 -8.64 -10.08
N GLY A 58 1.00 -9.78 -10.29
CA GLY A 58 2.33 -9.91 -9.83
C GLY A 58 2.84 -11.29 -9.91
N THR A 59 4.13 -11.40 -9.81
CA THR A 59 4.74 -12.68 -9.72
C THR A 59 4.96 -13.00 -8.29
N ASN A 60 4.32 -14.06 -7.93
CA ASN A 60 4.39 -14.61 -6.60
C ASN A 60 5.82 -14.81 -6.16
N ASP A 61 6.00 -15.29 -4.95
CA ASP A 61 7.30 -15.78 -4.52
C ASP A 61 7.81 -16.83 -5.50
N ASP A 62 6.87 -17.47 -6.19
CA ASP A 62 7.19 -18.59 -7.06
C ASP A 62 7.53 -18.08 -8.44
N GLY A 63 7.00 -16.91 -8.74
CA GLY A 63 7.06 -16.41 -10.08
C GLY A 63 5.80 -16.73 -10.83
N THR A 64 4.72 -16.73 -10.08
CA THR A 64 3.44 -17.03 -10.60
C THR A 64 2.61 -15.81 -10.48
N PRO A 65 2.03 -15.39 -11.56
CA PRO A 65 1.26 -14.20 -11.61
C PRO A 65 -0.04 -14.36 -10.89
N TYR A 66 -0.38 -13.31 -10.24
CA TYR A 66 -1.51 -13.26 -9.36
C TYR A 66 -2.25 -11.98 -9.64
N GLU A 67 -3.30 -11.73 -8.90
CA GLU A 67 -4.06 -10.50 -9.04
C GLU A 67 -4.53 -9.98 -7.71
N SER A 68 -4.90 -8.72 -7.76
CA SER A 68 -5.54 -8.02 -6.70
C SER A 68 -6.59 -7.10 -7.33
N PRO A 69 -7.87 -7.53 -7.33
CA PRO A 69 -8.96 -6.71 -7.80
C PRO A 69 -9.19 -5.55 -6.88
N VAL A 70 -8.74 -4.43 -7.33
CA VAL A 70 -8.72 -3.24 -6.58
C VAL A 70 -9.64 -2.21 -7.21
N ASN A 71 -9.97 -1.24 -6.39
CA ASN A 71 -10.87 -0.18 -6.71
C ASN A 71 -10.08 1.09 -6.74
N TYR A 72 -9.07 1.09 -5.89
CA TYR A 72 -8.11 2.18 -5.82
C TYR A 72 -6.71 1.65 -5.71
N TRP A 73 -5.93 1.94 -6.72
CA TRP A 73 -4.54 1.51 -6.83
C TRP A 73 -3.64 2.69 -7.04
N MET A 74 -2.57 2.69 -6.32
CA MET A 74 -1.55 3.68 -6.50
C MET A 74 -0.16 3.06 -6.49
N PRO A 75 0.31 2.58 -7.65
CA PRO A 75 1.63 1.93 -7.78
C PRO A 75 2.77 2.91 -7.65
N ILE A 76 3.79 2.44 -6.96
CA ILE A 76 4.94 3.24 -6.59
C ILE A 76 6.22 2.60 -7.08
N ASP A 77 6.11 1.32 -7.44
CA ASP A 77 7.24 0.55 -7.95
C ASP A 77 6.82 -0.22 -9.19
N TRP A 78 7.79 -0.73 -9.95
CA TRP A 78 7.49 -1.45 -11.18
C TRP A 78 7.51 -2.97 -10.98
N THR A 79 7.46 -3.41 -9.75
CA THR A 79 7.33 -4.83 -9.46
C THR A 79 5.86 -5.10 -9.24
N GLY A 80 5.20 -4.05 -8.81
CA GLY A 80 3.81 -4.10 -8.53
C GLY A 80 3.50 -3.71 -7.12
N VAL A 81 4.31 -2.83 -6.57
CA VAL A 81 4.07 -2.34 -5.24
C VAL A 81 3.44 -0.97 -5.28
N GLY A 82 2.63 -0.70 -4.28
CA GLY A 82 1.92 0.55 -4.19
C GLY A 82 0.92 0.53 -3.08
N ILE A 83 0.03 1.51 -3.06
CA ILE A 83 -1.03 1.54 -2.09
C ILE A 83 -2.31 1.11 -2.77
N HIS A 84 -3.13 0.32 -2.09
CA HIS A 84 -4.40 -0.11 -2.66
C HIS A 84 -5.44 -0.32 -1.61
N ASP A 85 -6.67 -0.37 -2.07
CA ASP A 85 -7.78 -0.71 -1.27
C ASP A 85 -7.97 -2.21 -1.37
N SER A 86 -8.25 -2.84 -0.27
CA SER A 86 -8.32 -4.27 -0.27
C SER A 86 -9.59 -4.69 0.42
N ASP A 87 -10.53 -5.04 -0.42
CA ASP A 87 -11.85 -5.41 0.01
C ASP A 87 -11.99 -6.91 0.16
N TRP A 88 -11.30 -7.62 -0.75
CA TRP A 88 -11.20 -9.08 -0.72
C TRP A 88 -10.48 -9.49 0.53
N GLN A 89 -9.65 -8.58 1.00
CA GLN A 89 -8.74 -8.81 2.09
C GLN A 89 -9.01 -7.84 3.21
N PRO A 90 -9.97 -8.23 3.98
CA PRO A 90 -10.72 -7.38 4.86
C PRO A 90 -10.03 -7.06 6.17
N GLU A 91 -8.80 -7.51 6.30
CA GLU A 91 -8.08 -7.36 7.55
C GLU A 91 -6.90 -6.41 7.39
N TYR A 92 -6.51 -5.83 8.51
CA TYR A 92 -5.52 -4.76 8.57
C TYR A 92 -5.02 -4.62 9.99
N GLY A 93 -3.73 -4.70 10.18
CA GLY A 93 -3.19 -4.56 11.50
C GLY A 93 -1.95 -5.38 11.69
N GLY A 94 -1.55 -5.53 12.96
CA GLY A 94 -0.45 -6.41 13.35
C GLY A 94 -0.31 -7.61 12.45
N ASP A 95 0.89 -8.17 12.38
CA ASP A 95 1.35 -8.81 11.16
C ASP A 95 0.41 -9.87 10.69
N LEU A 96 -0.33 -9.42 9.72
CA LEU A 96 -1.27 -10.19 9.00
C LEU A 96 -0.62 -10.65 7.74
N TRP A 97 0.27 -9.83 7.23
CA TRP A 97 0.89 -10.09 5.94
C TRP A 97 1.36 -11.52 5.85
N LYS A 98 1.85 -12.02 6.97
CA LYS A 98 2.44 -13.34 7.06
C LYS A 98 1.49 -14.43 6.66
N THR A 99 0.23 -14.17 6.84
CA THR A 99 -0.77 -15.15 6.55
C THR A 99 -1.60 -14.70 5.35
N ARG A 100 -1.83 -13.40 5.30
CA ARG A 100 -2.80 -12.82 4.39
C ARG A 100 -2.24 -12.57 2.99
N GLY A 101 -0.94 -12.61 2.90
CA GLY A 101 -0.31 -12.84 1.60
C GLY A 101 -0.30 -11.68 0.62
N SER A 102 -0.05 -10.45 1.09
CA SER A 102 0.09 -9.30 0.18
C SER A 102 1.54 -9.23 -0.32
N HIS A 103 1.74 -9.08 -1.62
CA HIS A 103 3.08 -9.21 -2.21
C HIS A 103 3.74 -7.86 -2.40
N GLY A 104 4.06 -7.23 -1.29
CA GLY A 104 4.70 -5.94 -1.33
C GLY A 104 3.66 -4.84 -1.41
N CYS A 105 2.45 -5.26 -1.69
CA CYS A 105 1.33 -4.36 -1.82
C CYS A 105 0.71 -4.11 -0.46
N ILE A 106 0.32 -2.88 -0.22
CA ILE A 106 -0.22 -2.50 1.06
C ILE A 106 -1.74 -2.57 1.07
N ASN A 107 -2.24 -3.47 1.88
CA ASN A 107 -3.67 -3.69 2.01
C ASN A 107 -4.33 -2.58 2.84
N THR A 108 -4.75 -1.52 2.17
CA THR A 108 -5.49 -0.44 2.78
C THR A 108 -6.97 -0.72 2.68
N PRO A 109 -7.71 -0.41 3.74
CA PRO A 109 -9.15 -0.59 3.77
C PRO A 109 -9.84 0.17 2.67
N PRO A 110 -10.80 -0.47 2.00
CA PRO A 110 -11.49 0.06 0.82
C PRO A 110 -12.12 1.40 1.06
N SER A 111 -12.55 1.59 2.28
CA SER A 111 -13.20 2.80 2.66
C SER A 111 -12.18 3.89 2.97
N VAL A 112 -11.09 3.49 3.62
CA VAL A 112 -10.04 4.43 3.98
C VAL A 112 -9.13 4.73 2.79
N MET A 113 -9.00 3.76 1.90
CA MET A 113 -8.22 3.93 0.70
C MET A 113 -8.89 4.93 -0.23
N LYS A 114 -10.16 5.15 0.02
CA LYS A 114 -10.98 6.10 -0.67
C LYS A 114 -10.75 7.50 -0.14
N GLU A 115 -10.26 7.49 1.08
CA GLU A 115 -9.91 8.69 1.79
C GLU A 115 -8.57 9.09 1.31
N LEU A 116 -7.74 8.09 1.29
CA LEU A 116 -6.43 8.19 0.80
C LEU A 116 -6.39 8.49 -0.66
N PHE A 117 -6.83 7.56 -1.49
CA PHE A 117 -6.87 7.79 -2.92
C PHE A 117 -7.57 9.13 -3.16
N GLY A 118 -8.41 9.43 -2.18
CA GLY A 118 -9.18 10.64 -2.17
C GLY A 118 -8.31 11.88 -1.91
N MET A 119 -7.22 11.69 -1.13
CA MET A 119 -6.21 12.74 -0.96
C MET A 119 -5.13 12.67 -2.02
N VAL A 120 -4.63 11.47 -2.21
CA VAL A 120 -3.43 11.23 -2.97
C VAL A 120 -3.67 10.69 -4.34
N GLU A 121 -2.88 11.27 -5.20
CA GLU A 121 -2.85 10.99 -6.58
C GLU A 121 -1.41 10.94 -6.97
N LYS A 122 -1.12 10.73 -8.23
CA LYS A 122 0.22 10.76 -8.66
C LYS A 122 0.93 12.00 -8.22
N GLY A 123 2.21 11.88 -8.27
CA GLY A 123 3.05 12.95 -7.86
C GLY A 123 3.42 12.84 -6.41
N THR A 124 2.55 12.23 -5.63
CA THR A 124 2.74 12.09 -4.22
C THR A 124 3.58 10.85 -3.97
N PRO A 125 4.49 10.90 -3.03
CA PRO A 125 5.23 9.76 -2.65
C PRO A 125 4.43 8.85 -1.78
N VAL A 126 4.99 7.72 -1.51
CA VAL A 126 4.48 6.87 -0.49
C VAL A 126 5.67 6.34 0.28
N LEU A 127 5.39 5.89 1.46
CA LEU A 127 6.41 5.38 2.31
C LEU A 127 5.99 4.06 2.86
N VAL A 128 6.96 3.22 3.04
CA VAL A 128 6.80 2.03 3.80
C VAL A 128 8.10 1.80 4.55
N PHE A 129 8.02 1.24 5.76
CA PHE A 129 9.20 1.03 6.58
C PHE A 129 8.90 0.13 7.77
N GLY A 1 8.19 11.83 11.83
CA GLY A 1 9.31 10.94 12.19
C GLY A 1 10.17 10.58 11.00
N HIS A 2 9.67 9.69 10.17
CA HIS A 2 10.36 9.28 8.95
C HIS A 2 10.08 10.28 7.85
N MET A 3 11.02 11.21 7.71
CA MET A 3 10.91 12.33 6.79
C MET A 3 9.90 13.35 7.28
N GLU A 4 9.69 14.40 6.51
CA GLU A 4 8.77 15.46 6.90
C GLU A 4 7.94 15.96 5.73
N ASP A 5 8.26 15.48 4.55
CA ASP A 5 7.46 15.74 3.35
C ASP A 5 6.02 15.32 3.49
N THR A 6 5.26 15.74 2.50
CA THR A 6 3.94 15.25 2.31
C THR A 6 4.01 14.08 1.35
N TYR A 7 3.48 12.97 1.81
CA TYR A 7 3.53 11.70 1.12
C TYR A 7 2.51 10.76 1.68
N ILE A 8 2.60 9.52 1.26
CA ILE A 8 1.90 8.45 1.92
C ILE A 8 2.89 7.70 2.79
N GLU A 9 2.44 7.01 3.81
CA GLU A 9 3.36 6.26 4.66
C GLU A 9 2.78 4.93 5.02
N VAL A 10 3.66 4.00 5.31
CA VAL A 10 3.31 2.65 5.63
C VAL A 10 4.31 2.06 6.57
N ASP A 11 3.80 1.39 7.55
CA ASP A 11 4.63 0.65 8.47
C ASP A 11 4.29 -0.81 8.34
N LEU A 12 5.24 -1.59 7.92
CA LEU A 12 5.03 -3.00 7.69
C LEU A 12 4.82 -3.72 9.01
N GLU A 13 5.74 -3.42 9.90
CA GLU A 13 5.80 -3.99 11.23
C GLU A 13 4.50 -3.80 11.99
N ASN A 14 4.09 -2.55 12.07
CA ASN A 14 2.94 -2.16 12.86
C ASN A 14 1.74 -2.08 11.94
N GLN A 15 1.96 -2.57 10.72
CA GLN A 15 0.90 -2.67 9.70
C GLN A 15 -0.03 -1.47 9.73
N HIS A 16 0.49 -0.35 9.29
CA HIS A 16 -0.28 0.90 9.33
C HIS A 16 0.20 1.82 8.22
N MET A 17 -0.72 2.25 7.40
CA MET A 17 -0.46 3.14 6.31
C MET A 17 -1.08 4.51 6.56
N TRP A 18 -0.26 5.51 6.43
CA TRP A 18 -0.65 6.89 6.67
C TRP A 18 -0.67 7.69 5.41
N TYR A 19 -1.15 8.91 5.54
CA TYR A 19 -0.92 9.91 4.54
C TYR A 19 -0.31 11.06 5.25
N TYR A 20 0.92 11.34 4.96
CA TYR A 20 1.56 12.43 5.62
C TYR A 20 1.48 13.67 4.80
N LYS A 21 0.96 14.68 5.42
CA LYS A 21 0.92 15.96 4.89
C LYS A 21 1.35 16.94 5.92
N ASP A 22 2.14 17.87 5.44
CA ASP A 22 2.64 18.96 6.21
C ASP A 22 3.51 18.43 7.31
N GLY A 23 3.81 17.17 7.15
CA GLY A 23 4.65 16.47 8.07
C GLY A 23 3.87 15.85 9.19
N LYS A 24 2.59 15.82 8.96
CA LYS A 24 1.59 15.36 9.87
C LYS A 24 0.78 14.34 9.10
N VAL A 25 -0.15 13.62 9.69
CA VAL A 25 -0.89 12.72 8.86
C VAL A 25 -2.26 13.21 8.59
N ALA A 26 -2.53 13.04 7.35
CA ALA A 26 -3.76 13.35 6.74
C ALA A 26 -4.63 12.13 6.82
N LEU A 27 -3.97 10.99 6.93
CA LEU A 27 -4.64 9.74 6.86
C LEU A 27 -3.83 8.70 7.60
N GLU A 28 -4.50 7.68 8.08
CA GLU A 28 -3.87 6.64 8.90
C GLU A 28 -4.77 5.45 8.99
N THR A 29 -4.29 4.32 8.56
CA THR A 29 -5.05 3.12 8.70
C THR A 29 -4.16 1.92 8.88
N ASP A 30 -4.80 0.87 9.27
CA ASP A 30 -4.22 -0.41 9.46
C ASP A 30 -4.20 -1.11 8.13
N ILE A 31 -3.13 -1.83 7.89
CA ILE A 31 -2.94 -2.49 6.63
C ILE A 31 -2.29 -3.86 6.78
N VAL A 32 -1.93 -4.44 5.66
CA VAL A 32 -1.25 -5.71 5.62
C VAL A 32 -0.51 -5.85 4.29
N SER A 33 0.82 -5.90 4.39
CA SER A 33 1.69 -5.75 3.23
C SER A 33 2.90 -6.66 3.30
N GLY A 34 3.33 -7.14 2.15
CA GLY A 34 4.66 -7.69 2.02
C GLY A 34 4.91 -9.05 2.66
N LYS A 35 3.99 -10.01 2.48
CA LYS A 35 4.08 -11.29 3.13
C LYS A 35 5.47 -11.86 3.00
N PRO A 36 5.92 -12.54 4.04
CA PRO A 36 7.29 -13.02 4.22
C PRO A 36 8.02 -13.48 2.95
N THR A 37 7.28 -14.03 1.99
CA THR A 37 7.85 -14.54 0.76
C THR A 37 8.12 -13.42 -0.22
N THR A 38 7.25 -12.42 -0.21
CA THR A 38 7.36 -11.29 -1.11
C THR A 38 7.02 -10.01 -0.37
N PRO A 39 7.94 -9.62 0.51
CA PRO A 39 7.82 -8.47 1.39
C PRO A 39 7.89 -7.14 0.69
N THR A 40 7.44 -6.14 1.41
CA THR A 40 7.51 -4.78 0.97
C THR A 40 8.95 -4.27 1.12
N PRO A 41 9.30 -3.35 0.23
CA PRO A 41 10.66 -2.86 0.04
C PRO A 41 11.10 -1.87 1.11
N ALA A 42 10.26 -0.88 1.37
CA ALA A 42 10.53 0.16 2.35
C ALA A 42 11.64 1.11 1.95
N GLY A 43 11.28 2.38 1.89
CA GLY A 43 12.17 3.42 1.46
C GLY A 43 11.41 4.67 1.10
N VAL A 44 11.64 5.16 -0.09
CA VAL A 44 10.97 6.32 -0.59
C VAL A 44 10.34 6.00 -1.92
N PHE A 45 9.03 5.92 -1.92
CA PHE A 45 8.31 5.48 -3.08
C PHE A 45 7.49 6.63 -3.63
N TYR A 46 6.92 6.47 -4.81
CA TYR A 46 6.04 7.49 -5.39
C TYR A 46 5.02 6.85 -6.29
N VAL A 47 3.80 7.32 -6.23
CA VAL A 47 2.78 6.80 -7.11
C VAL A 47 3.01 7.30 -8.53
N TRP A 48 3.18 6.35 -9.44
CA TRP A 48 3.50 6.69 -10.81
C TRP A 48 2.36 6.40 -11.75
N ASN A 49 1.27 5.97 -11.19
CA ASN A 49 0.08 5.67 -11.96
C ASN A 49 -1.08 5.65 -11.02
N LYS A 50 -2.22 6.10 -11.48
CA LYS A 50 -3.38 6.16 -10.64
C LYS A 50 -4.45 5.27 -11.22
N GLU A 51 -4.69 4.19 -10.53
CA GLU A 51 -5.55 3.16 -10.99
C GLU A 51 -6.74 3.02 -10.10
N GLU A 52 -7.86 2.99 -10.74
CA GLU A 52 -9.12 2.88 -10.09
C GLU A 52 -9.92 1.78 -10.73
N ASP A 53 -10.51 0.97 -9.91
CA ASP A 53 -11.20 -0.22 -10.37
C ASP A 53 -10.22 -1.00 -11.24
N ALA A 54 -9.01 -1.01 -10.74
CA ALA A 54 -7.88 -1.59 -11.39
C ALA A 54 -7.62 -3.00 -10.92
N THR A 55 -6.73 -3.63 -11.63
CA THR A 55 -6.37 -4.99 -11.36
C THR A 55 -4.89 -5.12 -11.21
N LEU A 56 -4.51 -5.28 -9.98
CA LEU A 56 -3.17 -5.54 -9.58
C LEU A 56 -2.78 -6.92 -9.90
N LYS A 57 -1.50 -7.12 -9.99
CA LYS A 57 -0.95 -8.37 -10.31
C LYS A 57 0.36 -8.50 -9.62
N GLY A 58 1.07 -9.57 -9.89
CA GLY A 58 2.36 -9.66 -9.29
C GLY A 58 3.12 -10.90 -9.62
N THR A 59 3.90 -11.32 -8.66
CA THR A 59 4.58 -12.57 -8.68
C THR A 59 4.56 -13.14 -7.30
N ASN A 60 3.92 -14.27 -7.26
CA ASN A 60 3.76 -15.03 -6.04
C ASN A 60 5.06 -15.33 -5.33
N ASP A 61 4.98 -16.02 -4.23
CA ASP A 61 6.17 -16.59 -3.61
C ASP A 61 6.95 -17.44 -4.62
N ASP A 62 6.26 -17.90 -5.65
CA ASP A 62 6.88 -18.76 -6.65
C ASP A 62 7.43 -17.97 -7.81
N GLY A 63 6.88 -16.80 -8.00
CA GLY A 63 7.15 -16.08 -9.21
C GLY A 63 6.07 -16.34 -10.22
N THR A 64 4.87 -16.49 -9.68
CA THR A 64 3.72 -16.75 -10.45
C THR A 64 2.81 -15.59 -10.27
N PRO A 65 2.38 -15.01 -11.33
CA PRO A 65 1.59 -13.83 -11.29
C PRO A 65 0.23 -14.11 -10.69
N TYR A 66 -0.28 -13.08 -10.11
CA TYR A 66 -1.52 -13.10 -9.37
C TYR A 66 -2.24 -11.83 -9.68
N GLU A 67 -3.35 -11.59 -9.03
CA GLU A 67 -4.09 -10.35 -9.19
C GLU A 67 -4.67 -9.86 -7.90
N SER A 68 -4.99 -8.59 -7.91
CA SER A 68 -5.62 -7.90 -6.84
C SER A 68 -6.69 -6.98 -7.43
N PRO A 69 -7.95 -7.41 -7.40
CA PRO A 69 -9.07 -6.61 -7.85
C PRO A 69 -9.27 -5.43 -6.93
N VAL A 70 -8.83 -4.31 -7.39
CA VAL A 70 -8.79 -3.12 -6.64
C VAL A 70 -9.69 -2.08 -7.24
N ASN A 71 -10.01 -1.14 -6.41
CA ASN A 71 -10.91 -0.06 -6.71
C ASN A 71 -10.12 1.20 -6.71
N TYR A 72 -9.10 1.18 -5.88
CA TYR A 72 -8.14 2.28 -5.79
C TYR A 72 -6.73 1.74 -5.68
N TRP A 73 -5.95 2.06 -6.69
CA TRP A 73 -4.58 1.61 -6.81
C TRP A 73 -3.63 2.76 -6.97
N MET A 74 -2.58 2.71 -6.22
CA MET A 74 -1.51 3.66 -6.35
C MET A 74 -0.15 2.97 -6.36
N PRO A 75 0.31 2.54 -7.54
CA PRO A 75 1.59 1.87 -7.68
C PRO A 75 2.74 2.84 -7.55
N ILE A 76 3.76 2.39 -6.86
CA ILE A 76 4.86 3.22 -6.50
C ILE A 76 6.17 2.61 -6.95
N ASP A 77 6.10 1.34 -7.34
CA ASP A 77 7.25 0.65 -7.93
C ASP A 77 6.79 -0.11 -9.18
N TRP A 78 7.73 -0.60 -9.97
CA TRP A 78 7.40 -1.26 -11.23
C TRP A 78 7.38 -2.79 -11.14
N THR A 79 7.37 -3.35 -9.95
CA THR A 79 7.24 -4.80 -9.85
C THR A 79 5.81 -5.11 -9.52
N GLY A 80 5.20 -4.15 -8.86
CA GLY A 80 3.80 -4.23 -8.56
C GLY A 80 3.49 -3.86 -7.15
N VAL A 81 4.29 -2.98 -6.59
CA VAL A 81 4.04 -2.49 -5.26
C VAL A 81 3.43 -1.12 -5.26
N GLY A 82 2.58 -0.88 -4.28
CA GLY A 82 1.90 0.38 -4.16
C GLY A 82 0.89 0.36 -3.03
N ILE A 83 0.03 1.35 -3.00
CA ILE A 83 -1.04 1.40 -2.04
C ILE A 83 -2.33 1.04 -2.74
N HIS A 84 -3.18 0.28 -2.07
CA HIS A 84 -4.45 -0.07 -2.66
C HIS A 84 -5.50 -0.29 -1.61
N ASP A 85 -6.73 -0.33 -2.08
CA ASP A 85 -7.84 -0.69 -1.27
C ASP A 85 -8.03 -2.18 -1.39
N SER A 86 -8.26 -2.83 -0.30
CA SER A 86 -8.37 -4.26 -0.33
C SER A 86 -9.61 -4.68 0.39
N ASP A 87 -10.58 -5.01 -0.42
CA ASP A 87 -11.87 -5.40 0.04
C ASP A 87 -11.99 -6.91 0.16
N TRP A 88 -11.23 -7.59 -0.71
CA TRP A 88 -11.10 -9.05 -0.70
C TRP A 88 -10.36 -9.49 0.54
N GLN A 89 -9.52 -8.58 1.00
CA GLN A 89 -8.64 -8.80 2.13
C GLN A 89 -8.94 -7.79 3.20
N PRO A 90 -9.98 -8.11 3.91
CA PRO A 90 -10.71 -7.21 4.76
C PRO A 90 -10.10 -7.05 6.14
N GLU A 91 -8.93 -7.61 6.32
CA GLU A 91 -8.23 -7.49 7.58
C GLU A 91 -6.98 -6.69 7.38
N TYR A 92 -6.62 -5.97 8.42
CA TYR A 92 -5.56 -4.98 8.42
C TYR A 92 -5.13 -4.77 9.86
N GLY A 93 -3.86 -4.81 10.11
CA GLY A 93 -3.40 -4.62 11.45
C GLY A 93 -2.18 -5.43 11.72
N GLY A 94 -1.84 -5.54 13.01
CA GLY A 94 -0.72 -6.37 13.46
C GLY A 94 -0.48 -7.58 12.57
N ASP A 95 0.75 -8.05 12.53
CA ASP A 95 1.27 -8.63 11.30
C ASP A 95 0.40 -9.73 10.79
N LEU A 96 -0.34 -9.30 9.81
CA LEU A 96 -1.23 -10.11 9.05
C LEU A 96 -0.53 -10.53 7.80
N TRP A 97 0.36 -9.68 7.32
CA TRP A 97 1.03 -9.91 6.06
C TRP A 97 1.56 -11.34 5.98
N LYS A 98 2.05 -11.82 7.10
CA LYS A 98 2.69 -13.11 7.18
C LYS A 98 1.76 -14.24 6.83
N THR A 99 0.49 -14.00 7.00
CA THR A 99 -0.49 -15.02 6.78
C THR A 99 -1.35 -14.68 5.58
N ARG A 100 -1.63 -13.39 5.45
CA ARG A 100 -2.60 -12.93 4.48
C ARG A 100 -2.00 -12.80 3.09
N GLY A 101 -0.70 -12.74 3.02
CA GLY A 101 -0.03 -12.96 1.75
C GLY A 101 -0.09 -11.79 0.77
N SER A 102 0.09 -10.56 1.22
CA SER A 102 0.15 -9.42 0.31
C SER A 102 1.60 -9.28 -0.19
N HIS A 103 1.79 -9.13 -1.50
CA HIS A 103 3.14 -9.20 -2.07
C HIS A 103 3.69 -7.82 -2.31
N GLY A 104 3.98 -7.14 -1.21
CA GLY A 104 4.54 -5.80 -1.27
C GLY A 104 3.44 -4.77 -1.39
N CYS A 105 2.24 -5.25 -1.57
CA CYS A 105 1.08 -4.41 -1.76
C CYS A 105 0.38 -4.15 -0.44
N ILE A 106 0.16 -2.87 -0.18
CA ILE A 106 -0.37 -2.44 1.09
C ILE A 106 -1.88 -2.44 1.07
N ASN A 107 -2.44 -3.33 1.87
CA ASN A 107 -3.88 -3.50 1.92
C ASN A 107 -4.53 -2.42 2.77
N THR A 108 -4.87 -1.33 2.13
CA THR A 108 -5.59 -0.26 2.77
C THR A 108 -7.08 -0.54 2.67
N PRO A 109 -7.79 -0.33 3.76
CA PRO A 109 -9.22 -0.55 3.81
C PRO A 109 -9.93 0.21 2.72
N PRO A 110 -10.86 -0.44 2.04
CA PRO A 110 -11.53 0.09 0.85
C PRO A 110 -12.16 1.43 1.08
N SER A 111 -12.59 1.62 2.30
CA SER A 111 -13.23 2.84 2.68
C SER A 111 -12.19 3.92 2.97
N VAL A 112 -11.10 3.52 3.61
CA VAL A 112 -10.04 4.46 3.95
C VAL A 112 -9.14 4.75 2.75
N MET A 113 -9.02 3.78 1.88
CA MET A 113 -8.24 3.94 0.67
C MET A 113 -8.88 4.95 -0.25
N LYS A 114 -10.16 5.16 0.00
CA LYS A 114 -10.97 6.13 -0.72
C LYS A 114 -10.71 7.52 -0.21
N GLU A 115 -10.24 7.53 1.02
CA GLU A 115 -9.85 8.72 1.71
C GLU A 115 -8.51 9.09 1.23
N LEU A 116 -7.70 8.07 1.23
CA LEU A 116 -6.38 8.14 0.76
C LEU A 116 -6.31 8.43 -0.71
N PHE A 117 -6.75 7.49 -1.53
CA PHE A 117 -6.75 7.72 -2.97
C PHE A 117 -7.44 9.06 -3.23
N GLY A 118 -8.31 9.36 -2.27
CA GLY A 118 -9.08 10.57 -2.27
C GLY A 118 -8.21 11.79 -2.04
N MET A 119 -7.13 11.63 -1.26
CA MET A 119 -6.11 12.66 -1.11
C MET A 119 -5.03 12.53 -2.17
N VAL A 120 -4.54 11.30 -2.28
CA VAL A 120 -3.33 11.01 -3.03
C VAL A 120 -3.58 10.33 -4.34
N GLU A 121 -2.88 10.89 -5.27
CA GLU A 121 -2.83 10.48 -6.61
C GLU A 121 -1.40 10.63 -7.04
N LYS A 122 -1.12 10.35 -8.29
CA LYS A 122 0.21 10.47 -8.77
C LYS A 122 0.88 11.74 -8.37
N GLY A 123 2.18 11.63 -8.34
CA GLY A 123 2.99 12.73 -7.94
C GLY A 123 3.40 12.63 -6.49
N THR A 124 2.52 12.10 -5.67
CA THR A 124 2.74 11.98 -4.25
C THR A 124 3.63 10.79 -3.96
N PRO A 125 4.53 10.92 -2.98
CA PRO A 125 5.34 9.83 -2.53
C PRO A 125 4.56 8.86 -1.73
N VAL A 126 5.13 7.72 -1.57
CA VAL A 126 4.61 6.72 -0.73
C VAL A 126 5.73 6.16 0.10
N LEU A 127 5.48 5.99 1.36
CA LEU A 127 6.45 5.45 2.26
C LEU A 127 6.00 4.12 2.77
N VAL A 128 6.95 3.25 2.92
CA VAL A 128 6.79 2.05 3.68
C VAL A 128 8.09 1.78 4.41
N PHE A 129 8.02 1.15 5.57
CA PHE A 129 9.21 0.90 6.37
C PHE A 129 8.93 -0.08 7.49
N GLY A 1 7.43 12.05 11.02
CA GLY A 1 8.69 11.27 11.06
C GLY A 1 9.04 10.73 9.69
N HIS A 2 10.34 10.48 9.48
CA HIS A 2 10.83 9.97 8.19
C HIS A 2 10.47 10.92 7.06
N MET A 3 11.34 11.91 6.91
CA MET A 3 11.14 13.03 5.98
C MET A 3 10.14 14.03 6.54
N GLU A 4 9.83 15.01 5.74
CA GLU A 4 8.91 16.07 6.13
C GLU A 4 7.98 16.43 4.98
N ASP A 5 8.22 15.81 3.85
CA ASP A 5 7.36 15.91 2.68
C ASP A 5 5.93 15.52 2.97
N THR A 6 5.10 15.85 2.02
CA THR A 6 3.78 15.33 1.96
C THR A 6 3.83 14.09 1.06
N TYR A 7 3.40 12.99 1.64
CA TYR A 7 3.49 11.70 1.00
C TYR A 7 2.47 10.75 1.59
N ILE A 8 2.59 9.50 1.21
CA ILE A 8 1.87 8.45 1.88
C ILE A 8 2.85 7.69 2.75
N GLU A 9 2.37 6.95 3.74
CA GLU A 9 3.29 6.20 4.60
C GLU A 9 2.72 4.87 4.96
N VAL A 10 3.60 3.96 5.28
CA VAL A 10 3.27 2.61 5.62
C VAL A 10 4.31 2.06 6.57
N ASP A 11 3.82 1.36 7.55
CA ASP A 11 4.68 0.63 8.44
C ASP A 11 4.36 -0.83 8.30
N LEU A 12 5.31 -1.61 7.87
CA LEU A 12 5.08 -3.02 7.64
C LEU A 12 4.96 -3.74 8.96
N GLU A 13 5.87 -3.40 9.83
CA GLU A 13 5.98 -4.00 11.15
C GLU A 13 4.76 -3.77 12.00
N ASN A 14 4.30 -2.53 11.99
CA ASN A 14 3.21 -2.12 12.82
C ASN A 14 1.99 -1.92 11.96
N GLN A 15 2.09 -2.52 10.77
CA GLN A 15 0.97 -2.65 9.81
C GLN A 15 0.05 -1.45 9.82
N HIS A 16 0.55 -0.33 9.36
CA HIS A 16 -0.22 0.91 9.38
C HIS A 16 0.23 1.82 8.25
N MET A 17 -0.72 2.22 7.45
CA MET A 17 -0.47 3.09 6.32
C MET A 17 -1.09 4.45 6.55
N TRP A 18 -0.26 5.46 6.39
CA TRP A 18 -0.62 6.84 6.64
C TRP A 18 -0.66 7.64 5.38
N TYR A 19 -1.13 8.86 5.51
CA TYR A 19 -0.91 9.85 4.49
C TYR A 19 -0.29 11.02 5.19
N TYR A 20 0.92 11.34 4.84
CA TYR A 20 1.56 12.45 5.46
C TYR A 20 1.44 13.69 4.64
N LYS A 21 0.92 14.68 5.27
CA LYS A 21 0.84 15.97 4.76
C LYS A 21 1.19 16.94 5.83
N ASP A 22 1.90 17.94 5.40
CA ASP A 22 2.27 19.05 6.26
C ASP A 22 3.18 18.55 7.34
N GLY A 23 3.65 17.35 7.07
CA GLY A 23 4.53 16.69 7.96
C GLY A 23 3.80 15.99 9.09
N LYS A 24 2.53 15.86 8.84
CA LYS A 24 1.55 15.37 9.76
C LYS A 24 0.78 14.34 8.98
N VAL A 25 -0.12 13.59 9.57
CA VAL A 25 -0.86 12.68 8.75
C VAL A 25 -2.23 13.18 8.47
N ALA A 26 -2.53 12.96 7.25
CA ALA A 26 -3.76 13.26 6.64
C ALA A 26 -4.63 12.05 6.73
N LEU A 27 -3.96 10.92 6.86
CA LEU A 27 -4.64 9.67 6.80
C LEU A 27 -3.82 8.64 7.56
N GLU A 28 -4.48 7.63 8.05
CA GLU A 28 -3.85 6.60 8.88
C GLU A 28 -4.75 5.40 8.97
N THR A 29 -4.26 4.27 8.56
CA THR A 29 -5.01 3.07 8.73
C THR A 29 -4.13 1.87 8.93
N ASP A 30 -4.79 0.84 9.35
CA ASP A 30 -4.24 -0.44 9.57
C ASP A 30 -4.21 -1.16 8.25
N ILE A 31 -3.13 -1.88 8.02
CA ILE A 31 -2.92 -2.57 6.78
C ILE A 31 -2.25 -3.92 6.97
N VAL A 32 -1.88 -4.53 5.86
CA VAL A 32 -1.13 -5.78 5.85
C VAL A 32 -0.39 -5.90 4.53
N SER A 33 0.92 -6.00 4.63
CA SER A 33 1.78 -5.87 3.48
C SER A 33 2.97 -6.81 3.51
N GLY A 34 3.35 -7.29 2.33
CA GLY A 34 4.67 -7.87 2.16
C GLY A 34 4.92 -9.21 2.83
N LYS A 35 4.00 -10.19 2.69
CA LYS A 35 4.10 -11.45 3.39
C LYS A 35 5.50 -12.02 3.28
N PRO A 36 5.96 -12.64 4.34
CA PRO A 36 7.34 -13.09 4.54
C PRO A 36 8.08 -13.58 3.29
N THR A 37 7.36 -14.17 2.35
CA THR A 37 7.97 -14.70 1.14
C THR A 37 8.18 -13.60 0.10
N THR A 38 7.28 -12.63 0.10
CA THR A 38 7.36 -11.52 -0.83
C THR A 38 7.00 -10.22 -0.12
N PRO A 39 7.93 -9.79 0.71
CA PRO A 39 7.83 -8.60 1.55
C PRO A 39 7.95 -7.30 0.80
N THR A 40 7.52 -6.25 1.49
CA THR A 40 7.61 -4.91 1.01
C THR A 40 9.05 -4.39 1.12
N PRO A 41 9.37 -3.42 0.27
CA PRO A 41 10.72 -2.90 0.07
C PRO A 41 11.14 -1.89 1.13
N ALA A 42 10.29 -0.89 1.37
CA ALA A 42 10.57 0.20 2.30
C ALA A 42 11.68 1.13 1.84
N GLY A 43 11.30 2.41 1.75
CA GLY A 43 12.21 3.43 1.27
C GLY A 43 11.47 4.70 0.96
N VAL A 44 11.65 5.17 -0.26
CA VAL A 44 10.98 6.36 -0.72
C VAL A 44 10.27 6.07 -2.04
N PHE A 45 8.97 6.01 -1.95
CA PHE A 45 8.15 5.54 -3.03
C PHE A 45 7.37 6.70 -3.63
N TYR A 46 6.90 6.54 -4.86
CA TYR A 46 6.09 7.58 -5.49
C TYR A 46 5.08 6.97 -6.41
N VAL A 47 3.85 7.46 -6.38
CA VAL A 47 2.86 6.93 -7.28
C VAL A 47 3.09 7.45 -8.69
N TRP A 48 3.24 6.52 -9.62
CA TRP A 48 3.55 6.87 -11.00
C TRP A 48 2.38 6.64 -11.92
N ASN A 49 1.28 6.23 -11.35
CA ASN A 49 0.07 5.98 -12.11
C ASN A 49 -1.09 5.97 -11.14
N LYS A 50 -2.23 6.39 -11.59
CA LYS A 50 -3.39 6.39 -10.76
C LYS A 50 -4.42 5.47 -11.38
N GLU A 51 -4.72 4.44 -10.65
CA GLU A 51 -5.57 3.39 -11.13
C GLU A 51 -6.78 3.22 -10.26
N GLU A 52 -7.89 3.20 -10.91
CA GLU A 52 -9.15 3.10 -10.27
C GLU A 52 -9.94 1.99 -10.88
N ASP A 53 -10.56 1.21 -10.02
CA ASP A 53 -11.23 -0.01 -10.46
C ASP A 53 -10.24 -0.81 -11.28
N ALA A 54 -9.03 -0.78 -10.76
CA ALA A 54 -7.89 -1.34 -11.41
C ALA A 54 -7.65 -2.75 -10.95
N THR A 55 -6.78 -3.39 -11.67
CA THR A 55 -6.49 -4.76 -11.44
C THR A 55 -5.01 -4.95 -11.29
N LEU A 56 -4.64 -5.07 -10.06
CA LEU A 56 -3.32 -5.35 -9.65
C LEU A 56 -2.98 -6.76 -9.94
N LYS A 57 -1.71 -7.00 -10.04
CA LYS A 57 -1.20 -8.26 -10.38
C LYS A 57 0.15 -8.39 -9.78
N GLY A 58 0.66 -9.58 -9.79
CA GLY A 58 1.86 -9.81 -9.04
C GLY A 58 2.36 -11.21 -9.16
N THR A 59 3.59 -11.40 -8.80
CA THR A 59 4.18 -12.68 -8.83
C THR A 59 4.11 -13.31 -7.49
N ASN A 60 3.39 -14.39 -7.51
CA ASN A 60 3.21 -15.25 -6.35
C ASN A 60 4.50 -15.64 -5.69
N ASP A 61 4.38 -16.43 -4.65
CA ASP A 61 5.54 -17.05 -4.04
C ASP A 61 6.32 -17.85 -5.08
N ASP A 62 5.65 -18.23 -6.18
CA ASP A 62 6.24 -19.10 -7.17
C ASP A 62 6.80 -18.27 -8.30
N GLY A 63 6.22 -17.11 -8.47
CA GLY A 63 6.49 -16.34 -9.65
C GLY A 63 5.38 -16.48 -10.64
N THR A 64 4.19 -16.61 -10.09
CA THR A 64 3.01 -16.75 -10.86
C THR A 64 2.16 -15.58 -10.59
N PRO A 65 1.73 -14.94 -11.63
CA PRO A 65 0.99 -13.74 -11.52
C PRO A 65 -0.38 -13.98 -10.95
N TYR A 66 -0.78 -13.02 -10.19
CA TYR A 66 -2.01 -13.00 -9.45
C TYR A 66 -2.67 -11.68 -9.71
N GLU A 67 -3.79 -11.42 -9.09
CA GLU A 67 -4.46 -10.14 -9.25
C GLU A 67 -4.99 -9.60 -7.93
N SER A 68 -5.26 -8.32 -7.98
CA SER A 68 -5.88 -7.60 -6.92
C SER A 68 -6.92 -6.65 -7.52
N PRO A 69 -8.19 -7.05 -7.50
CA PRO A 69 -9.29 -6.20 -7.92
C PRO A 69 -9.46 -5.04 -6.96
N VAL A 70 -9.01 -3.91 -7.40
CA VAL A 70 -8.96 -2.75 -6.60
C VAL A 70 -9.82 -1.65 -7.20
N ASN A 71 -10.28 -0.75 -6.35
CA ASN A 71 -11.02 0.42 -6.74
C ASN A 71 -10.08 1.58 -6.87
N TYR A 72 -9.10 1.56 -6.01
CA TYR A 72 -8.12 2.64 -5.94
C TYR A 72 -6.73 2.10 -5.78
N TRP A 73 -5.94 2.36 -6.80
CA TRP A 73 -4.58 1.87 -6.90
C TRP A 73 -3.61 3.00 -7.07
N MET A 74 -2.54 2.92 -6.32
CA MET A 74 -1.47 3.84 -6.45
C MET A 74 -0.12 3.15 -6.48
N PRO A 75 0.32 2.73 -7.67
CA PRO A 75 1.61 2.05 -7.85
C PRO A 75 2.77 3.00 -7.71
N ILE A 76 3.80 2.51 -7.07
CA ILE A 76 4.93 3.33 -6.69
C ILE A 76 6.22 2.78 -7.24
N ASP A 77 6.19 1.51 -7.64
CA ASP A 77 7.31 0.91 -8.33
C ASP A 77 6.81 0.08 -9.50
N TRP A 78 7.75 -0.42 -10.30
CA TRP A 78 7.43 -1.16 -11.50
C TRP A 78 7.54 -2.66 -11.28
N THR A 79 7.58 -3.10 -10.03
CA THR A 79 7.57 -4.52 -9.76
C THR A 79 6.15 -4.92 -9.43
N GLY A 80 5.43 -3.95 -8.90
CA GLY A 80 4.04 -4.13 -8.66
C GLY A 80 3.63 -3.77 -7.26
N VAL A 81 4.37 -2.88 -6.63
CA VAL A 81 4.00 -2.42 -5.32
C VAL A 81 3.39 -1.03 -5.36
N GLY A 82 2.53 -0.79 -4.40
CA GLY A 82 1.89 0.50 -4.27
C GLY A 82 0.90 0.50 -3.15
N ILE A 83 0.05 1.50 -3.10
CA ILE A 83 -1.00 1.54 -2.13
C ILE A 83 -2.30 1.15 -2.78
N HIS A 84 -3.08 0.33 -2.12
CA HIS A 84 -4.36 -0.07 -2.67
C HIS A 84 -5.33 -0.39 -1.57
N ASP A 85 -6.57 -0.51 -1.99
CA ASP A 85 -7.64 -0.92 -1.16
C ASP A 85 -7.73 -2.43 -1.19
N SER A 86 -8.21 -2.99 -0.12
CA SER A 86 -8.35 -4.43 -0.08
C SER A 86 -9.64 -4.79 0.56
N ASP A 87 -10.57 -5.10 -0.31
CA ASP A 87 -11.87 -5.52 0.09
C ASP A 87 -11.94 -7.04 0.15
N TRP A 88 -11.15 -7.67 -0.73
CA TRP A 88 -10.98 -9.12 -0.74
C TRP A 88 -10.19 -9.54 0.47
N GLN A 89 -9.38 -8.61 0.92
CA GLN A 89 -8.47 -8.82 2.03
C GLN A 89 -8.87 -7.94 3.18
N PRO A 90 -9.85 -8.44 3.87
CA PRO A 90 -10.68 -7.69 4.77
C PRO A 90 -10.05 -7.43 6.12
N GLU A 91 -8.80 -7.83 6.25
CA GLU A 91 -8.10 -7.64 7.50
C GLU A 91 -6.93 -6.69 7.31
N TYR A 92 -6.59 -6.03 8.39
CA TYR A 92 -5.61 -4.95 8.43
C TYR A 92 -5.21 -4.73 9.88
N GLY A 93 -3.95 -4.78 10.15
CA GLY A 93 -3.51 -4.58 11.48
C GLY A 93 -2.29 -5.40 11.76
N GLY A 94 -1.95 -5.52 13.05
CA GLY A 94 -0.85 -6.38 13.49
C GLY A 94 -0.64 -7.58 12.61
N ASP A 95 0.59 -8.09 12.57
CA ASP A 95 1.08 -8.81 11.40
C ASP A 95 0.16 -9.89 10.97
N LEU A 96 -0.55 -9.49 9.95
CA LEU A 96 -1.40 -10.30 9.19
C LEU A 96 -0.66 -10.73 7.97
N TRP A 97 0.21 -9.87 7.49
CA TRP A 97 0.90 -10.09 6.23
C TRP A 97 1.48 -11.49 6.16
N LYS A 98 2.00 -11.94 7.30
CA LYS A 98 2.65 -13.22 7.41
C LYS A 98 1.72 -14.36 7.08
N THR A 99 0.45 -14.12 7.25
CA THR A 99 -0.53 -15.16 7.04
C THR A 99 -1.38 -14.83 5.82
N ARG A 100 -1.64 -13.54 5.65
CA ARG A 100 -2.60 -13.08 4.66
C ARG A 100 -1.97 -12.91 3.29
N GLY A 101 -0.67 -12.88 3.24
CA GLY A 101 0.00 -13.11 1.97
C GLY A 101 -0.05 -11.96 0.97
N SER A 102 0.16 -10.73 1.41
CA SER A 102 0.25 -9.59 0.50
C SER A 102 1.67 -9.53 -0.08
N HIS A 103 1.80 -9.40 -1.39
CA HIS A 103 3.10 -9.55 -2.04
C HIS A 103 3.72 -8.19 -2.31
N GLY A 104 4.09 -7.50 -1.25
CA GLY A 104 4.69 -6.20 -1.38
C GLY A 104 3.62 -5.14 -1.38
N CYS A 105 2.40 -5.57 -1.57
CA CYS A 105 1.29 -4.66 -1.64
C CYS A 105 0.74 -4.37 -0.26
N ILE A 106 0.23 -3.17 -0.07
CA ILE A 106 -0.31 -2.74 1.19
C ILE A 106 -1.82 -2.79 1.17
N ASN A 107 -2.38 -3.60 2.05
CA ASN A 107 -3.82 -3.74 2.11
C ASN A 107 -4.46 -2.60 2.89
N THR A 108 -4.81 -1.53 2.21
CA THR A 108 -5.54 -0.43 2.81
C THR A 108 -7.02 -0.71 2.71
N PRO A 109 -7.75 -0.41 3.78
CA PRO A 109 -9.18 -0.63 3.84
C PRO A 109 -9.93 0.12 2.77
N PRO A 110 -10.84 -0.54 2.08
CA PRO A 110 -11.48 0.00 0.87
C PRO A 110 -12.05 1.37 1.08
N SER A 111 -12.63 1.54 2.24
CA SER A 111 -13.26 2.78 2.59
C SER A 111 -12.20 3.84 2.85
N VAL A 112 -11.13 3.43 3.51
CA VAL A 112 -10.05 4.33 3.85
C VAL A 112 -9.16 4.63 2.64
N MET A 113 -9.04 3.66 1.75
CA MET A 113 -8.25 3.80 0.56
C MET A 113 -8.85 4.85 -0.36
N LYS A 114 -10.15 5.07 -0.15
CA LYS A 114 -10.92 6.07 -0.85
C LYS A 114 -10.64 7.45 -0.31
N GLU A 115 -10.22 7.45 0.93
CA GLU A 115 -9.86 8.63 1.64
C GLU A 115 -8.52 9.03 1.20
N LEU A 116 -7.70 8.02 1.20
CA LEU A 116 -6.39 8.10 0.73
C LEU A 116 -6.31 8.42 -0.72
N PHE A 117 -6.75 7.51 -1.57
CA PHE A 117 -6.73 7.79 -3.00
C PHE A 117 -7.44 9.12 -3.22
N GLY A 118 -8.32 9.39 -2.27
CA GLY A 118 -9.11 10.58 -2.26
C GLY A 118 -8.26 11.82 -1.96
N MET A 119 -7.17 11.63 -1.21
CA MET A 119 -6.16 12.67 -1.03
C MET A 119 -5.07 12.58 -2.10
N VAL A 120 -4.57 11.36 -2.25
CA VAL A 120 -3.37 11.09 -3.01
C VAL A 120 -3.59 10.44 -4.34
N GLU A 121 -2.90 11.02 -5.27
CA GLU A 121 -2.79 10.58 -6.60
C GLU A 121 -1.37 10.76 -7.01
N LYS A 122 -1.08 10.48 -8.27
CA LYS A 122 0.23 10.68 -8.76
C LYS A 122 0.84 11.98 -8.36
N GLY A 123 2.14 11.93 -8.32
CA GLY A 123 2.89 13.05 -7.90
C GLY A 123 3.31 12.95 -6.44
N THR A 124 2.47 12.30 -5.66
CA THR A 124 2.68 12.13 -4.25
C THR A 124 3.55 10.91 -4.01
N PRO A 125 4.45 10.97 -3.04
CA PRO A 125 5.21 9.84 -2.63
C PRO A 125 4.39 8.89 -1.81
N VAL A 126 4.96 7.75 -1.57
CA VAL A 126 4.45 6.87 -0.56
C VAL A 126 5.62 6.34 0.21
N LEU A 127 5.35 5.89 1.39
CA LEU A 127 6.37 5.36 2.23
C LEU A 127 5.96 4.04 2.77
N VAL A 128 6.93 3.19 2.93
CA VAL A 128 6.78 1.99 3.69
C VAL A 128 8.09 1.76 4.42
N PHE A 129 8.03 1.17 5.60
CA PHE A 129 9.23 0.98 6.41
C PHE A 129 8.95 0.09 7.62
N GLY A 1 6.65 13.31 9.66
CA GLY A 1 7.05 12.10 10.42
C GLY A 1 8.35 11.53 9.90
N HIS A 2 8.25 10.49 9.09
CA HIS A 2 9.41 9.96 8.39
C HIS A 2 9.68 10.84 7.19
N MET A 3 10.55 11.81 7.42
CA MET A 3 10.76 12.95 6.53
C MET A 3 9.67 13.98 6.73
N GLU A 4 9.84 15.12 6.09
CA GLU A 4 8.99 16.26 6.29
C GLU A 4 8.05 16.47 5.11
N ASP A 5 8.29 15.73 4.06
CA ASP A 5 7.48 15.79 2.84
C ASP A 5 6.01 15.50 3.07
N THR A 6 5.27 15.82 2.05
CA THR A 6 3.92 15.37 1.91
C THR A 6 3.97 14.09 1.09
N TYR A 7 3.44 13.03 1.64
CA TYR A 7 3.51 11.73 1.03
C TYR A 7 2.47 10.81 1.60
N ILE A 8 2.57 9.55 1.21
CA ILE A 8 1.84 8.51 1.87
C ILE A 8 2.81 7.74 2.74
N GLU A 9 2.33 7.02 3.75
CA GLU A 9 3.25 6.28 4.62
C GLU A 9 2.70 4.94 4.96
N VAL A 10 3.60 4.05 5.27
CA VAL A 10 3.28 2.69 5.60
C VAL A 10 4.31 2.15 6.54
N ASP A 11 3.83 1.45 7.53
CA ASP A 11 4.70 0.77 8.44
C ASP A 11 4.42 -0.72 8.34
N LEU A 12 5.39 -1.47 7.90
CA LEU A 12 5.21 -2.89 7.73
C LEU A 12 5.14 -3.56 9.07
N GLU A 13 6.05 -3.12 9.91
CA GLU A 13 6.24 -3.63 11.25
C GLU A 13 4.98 -3.52 12.09
N ASN A 14 4.41 -2.33 12.08
CA ASN A 14 3.27 -1.99 12.90
C ASN A 14 2.04 -1.93 12.04
N GLN A 15 2.18 -2.46 10.82
CA GLN A 15 1.09 -2.60 9.86
C GLN A 15 0.16 -1.40 9.88
N HIS A 16 0.62 -0.30 9.34
CA HIS A 16 -0.17 0.93 9.35
C HIS A 16 0.26 1.84 8.21
N MET A 17 -0.70 2.24 7.41
CA MET A 17 -0.48 3.12 6.29
C MET A 17 -1.12 4.47 6.54
N TRP A 18 -0.31 5.50 6.36
CA TRP A 18 -0.71 6.88 6.62
C TRP A 18 -0.74 7.70 5.37
N TYR A 19 -1.20 8.92 5.51
CA TYR A 19 -0.99 9.94 4.50
C TYR A 19 -0.38 11.09 5.21
N TYR A 20 0.79 11.47 4.80
CA TYR A 20 1.45 12.56 5.44
C TYR A 20 1.38 13.81 4.61
N LYS A 21 0.99 14.84 5.28
CA LYS A 21 0.98 16.15 4.77
C LYS A 21 1.23 17.09 5.89
N ASP A 22 2.10 18.04 5.59
CA ASP A 22 2.49 19.07 6.53
C ASP A 22 3.36 18.45 7.57
N GLY A 23 3.78 17.24 7.24
CA GLY A 23 4.62 16.47 8.10
C GLY A 23 3.84 15.72 9.14
N LYS A 24 2.55 15.78 8.95
CA LYS A 24 1.56 15.30 9.85
C LYS A 24 0.71 14.34 9.04
N VAL A 25 -0.17 13.58 9.64
CA VAL A 25 -0.93 12.70 8.82
C VAL A 25 -2.30 13.21 8.57
N ALA A 26 -2.61 13.00 7.34
CA ALA A 26 -3.85 13.30 6.78
C ALA A 26 -4.71 12.08 6.86
N LEU A 27 -4.03 10.96 6.92
CA LEU A 27 -4.70 9.70 6.85
C LEU A 27 -3.88 8.67 7.58
N GLU A 28 -4.55 7.63 8.04
CA GLU A 28 -3.93 6.61 8.88
C GLU A 28 -4.82 5.41 8.98
N THR A 29 -4.32 4.27 8.57
CA THR A 29 -5.04 3.05 8.76
C THR A 29 -4.11 1.90 8.99
N ASP A 30 -4.68 0.83 9.42
CA ASP A 30 -3.99 -0.41 9.61
C ASP A 30 -4.01 -1.12 8.29
N ILE A 31 -2.99 -1.88 8.05
CA ILE A 31 -2.83 -2.58 6.79
C ILE A 31 -2.16 -3.91 6.98
N VAL A 32 -1.82 -4.53 5.86
CA VAL A 32 -1.11 -5.78 5.85
C VAL A 32 -0.37 -5.92 4.53
N SER A 33 0.93 -6.00 4.62
CA SER A 33 1.80 -5.87 3.48
C SER A 33 2.98 -6.82 3.51
N GLY A 34 3.38 -7.27 2.33
CA GLY A 34 4.68 -7.88 2.18
C GLY A 34 4.86 -9.27 2.78
N LYS A 35 3.90 -10.18 2.57
CA LYS A 35 3.90 -11.49 3.19
C LYS A 35 5.27 -12.13 3.04
N PRO A 36 5.67 -12.87 4.06
CA PRO A 36 7.02 -13.42 4.22
C PRO A 36 7.76 -13.83 2.94
N THR A 37 7.01 -14.27 1.93
CA THR A 37 7.60 -14.74 0.69
C THR A 37 7.94 -13.57 -0.22
N THR A 38 7.12 -12.53 -0.17
CA THR A 38 7.30 -11.36 -1.00
C THR A 38 6.97 -10.10 -0.23
N PRO A 39 7.89 -9.76 0.68
CA PRO A 39 7.80 -8.60 1.56
C PRO A 39 8.00 -7.28 0.87
N THR A 40 7.55 -6.25 1.55
CA THR A 40 7.67 -4.89 1.10
C THR A 40 9.09 -4.38 1.25
N PRO A 41 9.43 -3.43 0.38
CA PRO A 41 10.78 -2.89 0.19
C PRO A 41 11.19 -1.85 1.21
N ALA A 42 10.33 -0.85 1.43
CA ALA A 42 10.59 0.23 2.35
C ALA A 42 11.69 1.18 1.89
N GLY A 43 11.31 2.46 1.79
CA GLY A 43 12.22 3.48 1.32
C GLY A 43 11.48 4.75 1.00
N VAL A 44 11.68 5.24 -0.21
CA VAL A 44 11.05 6.46 -0.66
C VAL A 44 10.34 6.20 -1.98
N PHE A 45 9.04 6.00 -1.87
CA PHE A 45 8.24 5.54 -2.98
C PHE A 45 7.47 6.70 -3.58
N TYR A 46 6.98 6.54 -4.81
CA TYR A 46 6.17 7.57 -5.45
C TYR A 46 5.14 6.95 -6.35
N VAL A 47 3.92 7.45 -6.29
CA VAL A 47 2.90 6.94 -7.16
C VAL A 47 3.12 7.44 -8.59
N TRP A 48 3.21 6.49 -9.51
CA TRP A 48 3.47 6.82 -10.89
C TRP A 48 2.26 6.57 -11.78
N ASN A 49 1.19 6.17 -11.15
CA ASN A 49 -0.06 5.93 -11.86
C ASN A 49 -1.20 5.83 -10.87
N LYS A 50 -2.37 6.20 -11.33
CA LYS A 50 -3.58 5.96 -10.61
C LYS A 50 -4.42 4.96 -11.33
N GLU A 51 -4.81 3.96 -10.60
CA GLU A 51 -5.60 2.89 -11.12
C GLU A 51 -6.82 2.63 -10.29
N GLU A 52 -7.94 2.79 -10.91
CA GLU A 52 -9.19 2.66 -10.27
C GLU A 52 -9.96 1.51 -10.83
N ASP A 53 -10.56 0.76 -9.95
CA ASP A 53 -11.23 -0.48 -10.32
C ASP A 53 -10.26 -1.30 -11.16
N ALA A 54 -9.03 -1.19 -10.73
CA ALA A 54 -7.91 -1.78 -11.40
C ALA A 54 -7.63 -3.17 -10.93
N THR A 55 -6.77 -3.81 -11.66
CA THR A 55 -6.41 -5.17 -11.39
C THR A 55 -4.92 -5.30 -11.27
N LEU A 56 -4.53 -5.43 -10.05
CA LEU A 56 -3.18 -5.70 -9.68
C LEU A 56 -2.85 -7.11 -9.96
N LYS A 57 -1.57 -7.36 -10.09
CA LYS A 57 -1.09 -8.63 -10.36
C LYS A 57 0.22 -8.80 -9.65
N GLY A 58 0.86 -9.90 -9.84
CA GLY A 58 2.11 -10.05 -9.16
C GLY A 58 2.82 -11.33 -9.42
N THR A 59 3.50 -11.74 -8.37
CA THR A 59 4.20 -12.98 -8.34
C THR A 59 4.05 -13.60 -6.97
N ASN A 60 3.50 -14.78 -7.04
CA ASN A 60 3.26 -15.63 -5.91
C ASN A 60 4.51 -15.86 -5.09
N ASP A 61 4.38 -16.65 -4.05
CA ASP A 61 5.53 -17.09 -3.29
C ASP A 61 6.60 -17.68 -4.20
N ASP A 62 6.19 -18.21 -5.34
CA ASP A 62 7.13 -18.90 -6.22
C ASP A 62 7.59 -18.00 -7.32
N GLY A 63 6.75 -17.10 -7.71
CA GLY A 63 7.05 -16.28 -8.85
C GLY A 63 6.10 -16.54 -9.99
N THR A 64 4.85 -16.74 -9.63
CA THR A 64 3.79 -16.89 -10.58
C THR A 64 2.81 -15.79 -10.34
N PRO A 65 2.12 -15.38 -11.32
CA PRO A 65 1.23 -14.24 -11.25
C PRO A 65 0.07 -14.46 -10.32
N TYR A 66 -0.51 -13.36 -9.99
CA TYR A 66 -1.73 -13.31 -9.22
C TYR A 66 -2.45 -12.04 -9.59
N GLU A 67 -3.52 -11.73 -8.91
CA GLU A 67 -4.23 -10.48 -9.11
C GLU A 67 -4.77 -9.94 -7.82
N SER A 68 -5.03 -8.65 -7.87
CA SER A 68 -5.63 -7.93 -6.81
C SER A 68 -6.69 -7.01 -7.41
N PRO A 69 -7.95 -7.44 -7.38
CA PRO A 69 -9.06 -6.62 -7.81
C PRO A 69 -9.23 -5.45 -6.88
N VAL A 70 -8.78 -4.33 -7.33
CA VAL A 70 -8.72 -3.14 -6.58
C VAL A 70 -9.66 -2.12 -7.18
N ASN A 71 -10.01 -1.18 -6.35
CA ASN A 71 -10.91 -0.12 -6.65
C ASN A 71 -10.10 1.13 -6.75
N TYR A 72 -9.08 1.16 -5.93
CA TYR A 72 -8.13 2.25 -5.89
C TYR A 72 -6.70 1.73 -5.80
N TRP A 73 -5.94 2.00 -6.82
CA TRP A 73 -4.57 1.57 -6.93
C TRP A 73 -3.67 2.76 -7.13
N MET A 74 -2.60 2.77 -6.41
CA MET A 74 -1.59 3.76 -6.59
C MET A 74 -0.20 3.14 -6.57
N PRO A 75 0.28 2.66 -7.73
CA PRO A 75 1.59 2.00 -7.84
C PRO A 75 2.72 2.99 -7.70
N ILE A 76 3.74 2.52 -7.00
CA ILE A 76 4.87 3.34 -6.61
C ILE A 76 6.17 2.76 -7.11
N ASP A 77 6.12 1.49 -7.47
CA ASP A 77 7.25 0.80 -8.05
C ASP A 77 6.80 0.00 -9.27
N TRP A 78 7.74 -0.52 -10.05
CA TRP A 78 7.40 -1.23 -11.28
C TRP A 78 7.46 -2.75 -11.13
N THR A 79 7.51 -3.28 -9.91
CA THR A 79 7.42 -4.72 -9.74
C THR A 79 6.00 -5.05 -9.38
N GLY A 80 5.37 -4.09 -8.76
CA GLY A 80 3.96 -4.18 -8.48
C GLY A 80 3.61 -3.76 -7.09
N VAL A 81 4.38 -2.86 -6.53
CA VAL A 81 4.06 -2.34 -5.21
C VAL A 81 3.45 -0.96 -5.29
N GLY A 82 2.57 -0.70 -4.34
CA GLY A 82 1.90 0.58 -4.27
C GLY A 82 0.90 0.61 -3.15
N ILE A 83 0.03 1.60 -3.15
CA ILE A 83 -1.03 1.66 -2.19
C ILE A 83 -2.32 1.22 -2.85
N HIS A 84 -3.11 0.45 -2.15
CA HIS A 84 -4.39 0.02 -2.70
C HIS A 84 -5.38 -0.22 -1.61
N ASP A 85 -6.62 -0.33 -2.05
CA ASP A 85 -7.72 -0.70 -1.22
C ASP A 85 -7.86 -2.20 -1.32
N SER A 86 -8.23 -2.83 -0.24
CA SER A 86 -8.40 -4.25 -0.25
C SER A 86 -9.67 -4.63 0.42
N ASP A 87 -10.60 -4.93 -0.44
CA ASP A 87 -11.91 -5.35 -0.07
C ASP A 87 -11.97 -6.85 0.01
N TRP A 88 -11.16 -7.47 -0.84
CA TRP A 88 -10.99 -8.92 -0.88
C TRP A 88 -10.23 -9.36 0.34
N GLN A 89 -9.42 -8.45 0.82
CA GLN A 89 -8.49 -8.71 1.90
C GLN A 89 -8.84 -7.84 3.06
N PRO A 90 -9.79 -8.34 3.78
CA PRO A 90 -10.61 -7.59 4.68
C PRO A 90 -9.95 -7.27 6.01
N GLU A 91 -8.70 -7.65 6.15
CA GLU A 91 -8.00 -7.45 7.40
C GLU A 91 -6.86 -6.48 7.27
N TYR A 92 -6.51 -5.90 8.40
CA TYR A 92 -5.54 -4.80 8.51
C TYR A 92 -5.12 -4.67 9.94
N GLY A 93 -3.85 -4.75 10.18
CA GLY A 93 -3.37 -4.62 11.52
C GLY A 93 -2.15 -5.46 11.74
N GLY A 94 -1.78 -5.61 13.01
CA GLY A 94 -0.67 -6.48 13.43
C GLY A 94 -0.49 -7.68 12.52
N ASP A 95 0.74 -8.21 12.46
CA ASP A 95 1.20 -8.91 11.28
C ASP A 95 0.24 -9.97 10.85
N LEU A 96 -0.48 -9.55 9.86
CA LEU A 96 -1.39 -10.34 9.12
C LEU A 96 -0.70 -10.80 7.87
N TRP A 97 0.21 -9.97 7.38
CA TRP A 97 0.85 -10.22 6.10
C TRP A 97 1.32 -11.65 5.97
N LYS A 98 1.81 -12.19 7.09
CA LYS A 98 2.37 -13.51 7.14
C LYS A 98 1.38 -14.59 6.76
N THR A 99 0.12 -14.29 6.92
CA THR A 99 -0.90 -15.25 6.63
C THR A 99 -1.74 -14.78 5.46
N ARG A 100 -1.93 -13.48 5.40
CA ARG A 100 -2.86 -12.88 4.48
C ARG A 100 -2.26 -12.63 3.10
N GLY A 101 -0.96 -12.70 3.03
CA GLY A 101 -0.29 -12.95 1.77
C GLY A 101 -0.25 -11.77 0.79
N SER A 102 0.00 -10.56 1.27
CA SER A 102 0.15 -9.41 0.37
C SER A 102 1.60 -9.35 -0.13
N HIS A 103 1.81 -9.23 -1.42
CA HIS A 103 3.13 -9.42 -2.00
C HIS A 103 3.79 -8.08 -2.29
N GLY A 104 4.13 -7.38 -1.22
CA GLY A 104 4.72 -6.08 -1.36
C GLY A 104 3.66 -5.01 -1.38
N CYS A 105 2.43 -5.44 -1.56
CA CYS A 105 1.32 -4.54 -1.64
C CYS A 105 0.72 -4.29 -0.25
N ILE A 106 0.20 -3.10 -0.05
CA ILE A 106 -0.34 -2.70 1.23
C ILE A 106 -1.86 -2.73 1.21
N ASN A 107 -2.44 -3.56 2.07
CA ASN A 107 -3.90 -3.67 2.11
C ASN A 107 -4.52 -2.52 2.89
N THR A 108 -4.82 -1.44 2.19
CA THR A 108 -5.53 -0.34 2.79
C THR A 108 -7.02 -0.58 2.68
N PRO A 109 -7.74 -0.33 3.75
CA PRO A 109 -9.18 -0.53 3.81
C PRO A 109 -9.87 0.24 2.72
N PRO A 110 -10.83 -0.41 2.05
CA PRO A 110 -11.50 0.13 0.87
C PRO A 110 -12.13 1.48 1.11
N SER A 111 -12.59 1.66 2.31
CA SER A 111 -13.23 2.88 2.69
C SER A 111 -12.18 3.95 2.97
N VAL A 112 -11.10 3.54 3.61
CA VAL A 112 -10.03 4.46 3.96
C VAL A 112 -9.14 4.76 2.76
N MET A 113 -9.02 3.80 1.86
CA MET A 113 -8.24 3.97 0.65
C MET A 113 -8.90 4.99 -0.26
N LYS A 114 -10.17 5.22 -0.01
CA LYS A 114 -10.98 6.21 -0.71
C LYS A 114 -10.73 7.58 -0.17
N GLU A 115 -10.25 7.57 1.05
CA GLU A 115 -9.89 8.76 1.76
C GLU A 115 -8.54 9.15 1.29
N LEU A 116 -7.73 8.14 1.26
CA LEU A 116 -6.42 8.22 0.76
C LEU A 116 -6.39 8.52 -0.71
N PHE A 117 -6.86 7.61 -1.54
CA PHE A 117 -6.93 7.87 -2.97
C PHE A 117 -7.62 9.21 -3.17
N GLY A 118 -8.43 9.53 -2.15
CA GLY A 118 -9.17 10.75 -2.12
C GLY A 118 -8.29 11.97 -1.85
N MET A 119 -7.17 11.76 -1.13
CA MET A 119 -6.15 12.80 -0.96
C MET A 119 -5.06 12.71 -2.02
N VAL A 120 -4.58 11.51 -2.22
CA VAL A 120 -3.38 11.28 -2.98
C VAL A 120 -3.63 10.74 -4.36
N GLU A 121 -2.87 11.32 -5.22
CA GLU A 121 -2.84 11.06 -6.61
C GLU A 121 -1.41 11.02 -7.01
N LYS A 122 -1.14 10.81 -8.27
CA LYS A 122 0.21 10.82 -8.71
C LYS A 122 0.95 12.04 -8.28
N GLY A 123 2.23 11.88 -8.33
CA GLY A 123 3.12 12.93 -7.91
C GLY A 123 3.51 12.82 -6.47
N THR A 124 2.62 12.24 -5.67
CA THR A 124 2.82 12.12 -4.26
C THR A 124 3.69 10.90 -3.98
N PRO A 125 4.56 10.98 -3.00
CA PRO A 125 5.32 9.85 -2.56
C PRO A 125 4.48 8.92 -1.76
N VAL A 126 5.02 7.79 -1.53
CA VAL A 126 4.49 6.90 -0.53
C VAL A 126 5.65 6.36 0.24
N LEU A 127 5.39 5.98 1.43
CA LEU A 127 6.40 5.44 2.27
C LEU A 127 5.98 4.11 2.78
N VAL A 128 6.96 3.28 2.94
CA VAL A 128 6.83 2.08 3.70
C VAL A 128 8.14 1.86 4.42
N PHE A 129 8.09 1.31 5.61
CA PHE A 129 9.30 1.12 6.41
C PHE A 129 9.09 0.05 7.48
N GLY A 1 15.97 10.89 11.49
CA GLY A 1 14.83 10.07 11.01
C GLY A 1 14.58 10.23 9.53
N HIS A 2 13.46 9.72 9.05
CA HIS A 2 13.10 9.86 7.66
C HIS A 2 12.43 11.19 7.41
N MET A 3 12.00 11.35 6.17
CA MET A 3 11.53 12.61 5.62
C MET A 3 10.42 13.29 6.41
N GLU A 4 10.07 14.47 5.94
CA GLU A 4 9.05 15.30 6.53
C GLU A 4 8.12 15.84 5.45
N ASP A 5 8.47 15.53 4.21
CA ASP A 5 7.63 15.82 3.05
C ASP A 5 6.24 15.25 3.19
N THR A 6 5.43 15.68 2.27
CA THR A 6 4.11 15.17 2.16
C THR A 6 4.10 14.00 1.19
N TYR A 7 3.61 12.90 1.71
CA TYR A 7 3.61 11.62 1.03
C TYR A 7 2.58 10.72 1.61
N ILE A 8 2.62 9.47 1.20
CA ILE A 8 1.87 8.44 1.88
C ILE A 8 2.83 7.69 2.79
N GLU A 9 2.34 7.01 3.79
CA GLU A 9 3.24 6.26 4.66
C GLU A 9 2.66 4.93 5.00
N VAL A 10 3.55 4.03 5.30
CA VAL A 10 3.22 2.68 5.63
C VAL A 10 4.24 2.13 6.58
N ASP A 11 3.75 1.49 7.59
CA ASP A 11 4.59 0.78 8.48
C ASP A 11 4.26 -0.69 8.38
N LEU A 12 5.26 -1.49 8.10
CA LEU A 12 5.07 -2.90 7.91
C LEU A 12 4.86 -3.59 9.23
N GLU A 13 5.69 -3.17 10.16
CA GLU A 13 5.76 -3.73 11.49
C GLU A 13 4.45 -3.65 12.23
N ASN A 14 3.90 -2.46 12.32
CA ASN A 14 2.65 -2.23 13.01
C ASN A 14 1.55 -2.01 12.00
N GLN A 15 1.87 -2.50 10.80
CA GLN A 15 0.93 -2.62 9.68
C GLN A 15 -0.07 -1.48 9.65
N HIS A 16 0.43 -0.33 9.29
CA HIS A 16 -0.37 0.89 9.31
C HIS A 16 0.11 1.82 8.22
N MET A 17 -0.81 2.24 7.39
CA MET A 17 -0.52 3.14 6.29
C MET A 17 -1.17 4.49 6.54
N TRP A 18 -0.34 5.51 6.42
CA TRP A 18 -0.73 6.88 6.68
C TRP A 18 -0.73 7.70 5.42
N TYR A 19 -1.20 8.91 5.55
CA TYR A 19 -0.98 9.90 4.52
C TYR A 19 -0.36 11.07 5.20
N TYR A 20 0.87 11.33 4.89
CA TYR A 20 1.55 12.41 5.53
C TYR A 20 1.53 13.63 4.67
N LYS A 21 1.09 14.68 5.26
CA LYS A 21 1.12 15.96 4.70
C LYS A 21 1.43 16.94 5.79
N ASP A 22 2.33 17.83 5.44
CA ASP A 22 2.76 18.89 6.33
C ASP A 22 3.58 18.30 7.43
N GLY A 23 3.91 17.04 7.20
CA GLY A 23 4.72 16.30 8.11
C GLY A 23 3.89 15.65 9.19
N LYS A 24 2.61 15.68 8.92
CA LYS A 24 1.57 15.27 9.81
C LYS A 24 0.69 14.31 9.03
N VAL A 25 -0.20 13.57 9.64
CA VAL A 25 -0.97 12.69 8.83
C VAL A 25 -2.33 13.21 8.56
N ALA A 26 -2.63 12.98 7.34
CA ALA A 26 -3.87 13.28 6.75
C ALA A 26 -4.74 12.07 6.83
N LEU A 27 -4.07 10.93 6.91
CA LEU A 27 -4.74 9.69 6.83
C LEU A 27 -3.92 8.65 7.58
N GLU A 28 -4.59 7.62 8.03
CA GLU A 28 -3.97 6.58 8.87
C GLU A 28 -4.88 5.39 8.91
N THR A 29 -4.38 4.26 8.51
CA THR A 29 -5.12 3.06 8.65
C THR A 29 -4.25 1.87 8.86
N ASP A 30 -4.90 0.83 9.24
CA ASP A 30 -4.33 -0.46 9.45
C ASP A 30 -4.30 -1.17 8.13
N ILE A 31 -3.22 -1.86 7.89
CA ILE A 31 -2.99 -2.53 6.63
C ILE A 31 -2.34 -3.87 6.81
N VAL A 32 -1.96 -4.47 5.70
CA VAL A 32 -1.23 -5.71 5.69
C VAL A 32 -0.46 -5.83 4.38
N SER A 33 0.86 -5.93 4.51
CA SER A 33 1.75 -5.75 3.38
C SER A 33 2.94 -6.70 3.39
N GLY A 34 3.37 -7.13 2.22
CA GLY A 34 4.70 -7.69 2.11
C GLY A 34 4.93 -9.06 2.76
N LYS A 35 4.03 -10.02 2.55
CA LYS A 35 4.10 -11.32 3.18
C LYS A 35 5.48 -11.92 3.03
N PRO A 36 5.91 -12.64 4.07
CA PRO A 36 7.26 -13.19 4.24
C PRO A 36 7.93 -13.69 2.96
N THR A 37 7.13 -14.19 2.02
CA THR A 37 7.62 -14.72 0.76
C THR A 37 7.95 -13.59 -0.21
N THR A 38 7.14 -12.54 -0.19
CA THR A 38 7.34 -11.40 -1.05
C THR A 38 7.03 -10.10 -0.31
N PRO A 39 7.93 -9.76 0.59
CA PRO A 39 7.84 -8.61 1.48
C PRO A 39 7.96 -7.27 0.81
N THR A 40 7.52 -6.26 1.53
CA THR A 40 7.61 -4.90 1.10
C THR A 40 9.04 -4.39 1.21
N PRO A 41 9.36 -3.42 0.36
CA PRO A 41 10.69 -2.88 0.17
C PRO A 41 11.10 -1.88 1.23
N ALA A 42 10.23 -0.90 1.49
CA ALA A 42 10.50 0.17 2.44
C ALA A 42 11.61 1.09 1.99
N GLY A 43 11.26 2.38 1.94
CA GLY A 43 12.18 3.39 1.49
C GLY A 43 11.45 4.66 1.13
N VAL A 44 11.64 5.09 -0.10
CA VAL A 44 10.99 6.26 -0.62
C VAL A 44 10.35 5.94 -1.96
N PHE A 45 9.05 5.84 -1.94
CA PHE A 45 8.32 5.38 -3.09
C PHE A 45 7.52 6.54 -3.68
N TYR A 46 6.98 6.37 -4.87
CA TYR A 46 6.14 7.39 -5.48
C TYR A 46 5.11 6.76 -6.37
N VAL A 47 3.90 7.26 -6.32
CA VAL A 47 2.88 6.76 -7.21
C VAL A 47 3.14 7.25 -8.63
N TRP A 48 3.27 6.30 -9.54
CA TRP A 48 3.60 6.62 -10.92
C TRP A 48 2.44 6.38 -11.86
N ASN A 49 1.33 6.02 -11.29
CA ASN A 49 0.12 5.77 -12.05
C ASN A 49 -1.04 5.77 -11.10
N LYS A 50 -2.18 6.20 -11.56
CA LYS A 50 -3.35 6.23 -10.74
C LYS A 50 -4.39 5.33 -11.36
N GLU A 51 -4.70 4.29 -10.65
CA GLU A 51 -5.57 3.26 -11.11
C GLU A 51 -6.76 3.15 -10.23
N GLU A 52 -7.89 3.10 -10.87
CA GLU A 52 -9.15 3.06 -10.21
C GLU A 52 -9.99 1.97 -10.80
N ASP A 53 -10.59 1.21 -9.93
CA ASP A 53 -11.31 0.01 -10.34
C ASP A 53 -10.35 -0.83 -11.15
N ALA A 54 -9.15 -0.83 -10.66
CA ALA A 54 -8.03 -1.43 -11.32
C ALA A 54 -7.77 -2.82 -10.84
N THR A 55 -6.91 -3.48 -11.55
CA THR A 55 -6.57 -4.84 -11.26
C THR A 55 -5.08 -4.98 -11.12
N LEU A 56 -4.70 -5.14 -9.89
CA LEU A 56 -3.35 -5.35 -9.50
C LEU A 56 -2.89 -6.69 -9.90
N LYS A 57 -1.60 -6.83 -9.98
CA LYS A 57 -0.99 -8.02 -10.38
C LYS A 57 0.31 -8.15 -9.67
N GLY A 58 1.06 -9.15 -9.97
CA GLY A 58 2.35 -9.24 -9.33
C GLY A 58 3.19 -10.38 -9.78
N THR A 59 3.92 -10.90 -8.82
CA THR A 59 4.67 -12.11 -8.97
C THR A 59 4.61 -12.87 -7.69
N ASN A 60 4.13 -14.07 -7.86
CA ASN A 60 4.01 -15.03 -6.79
C ASN A 60 5.34 -15.28 -6.10
N ASP A 61 5.34 -16.18 -5.13
CA ASP A 61 6.59 -16.59 -4.49
C ASP A 61 7.63 -17.06 -5.52
N ASP A 62 7.17 -17.43 -6.72
CA ASP A 62 8.07 -17.99 -7.72
C ASP A 62 8.35 -17.00 -8.82
N GLY A 63 7.41 -16.15 -9.05
CA GLY A 63 7.53 -15.26 -10.17
C GLY A 63 6.46 -15.53 -11.21
N THR A 64 5.29 -15.85 -10.72
CA THR A 64 4.13 -16.02 -11.52
C THR A 64 3.18 -14.99 -11.09
N PRO A 65 2.67 -14.23 -12.00
CA PRO A 65 1.83 -13.13 -11.69
C PRO A 65 0.53 -13.55 -11.04
N TYR A 66 -0.10 -12.59 -10.46
CA TYR A 66 -1.34 -12.76 -9.74
C TYR A 66 -2.18 -11.54 -10.02
N GLU A 67 -3.27 -11.37 -9.32
CA GLU A 67 -4.09 -10.18 -9.46
C GLU A 67 -4.78 -9.81 -8.16
N SER A 68 -5.08 -8.54 -8.06
CA SER A 68 -5.69 -7.96 -6.91
C SER A 68 -6.68 -6.85 -7.31
N PRO A 69 -7.97 -7.18 -7.34
CA PRO A 69 -9.07 -6.28 -7.74
C PRO A 69 -9.29 -5.13 -6.77
N VAL A 70 -8.93 -3.97 -7.23
CA VAL A 70 -8.93 -2.78 -6.45
C VAL A 70 -9.81 -1.71 -7.06
N ASN A 71 -10.32 -0.87 -6.21
CA ASN A 71 -11.13 0.26 -6.60
C ASN A 71 -10.27 1.50 -6.74
N TYR A 72 -9.21 1.51 -5.97
CA TYR A 72 -8.23 2.59 -5.98
C TYR A 72 -6.82 2.05 -5.81
N TRP A 73 -6.01 2.31 -6.80
CA TRP A 73 -4.65 1.80 -6.87
C TRP A 73 -3.67 2.92 -7.06
N MET A 74 -2.60 2.84 -6.31
CA MET A 74 -1.52 3.77 -6.45
C MET A 74 -0.18 3.05 -6.45
N PRO A 75 0.27 2.58 -7.61
CA PRO A 75 1.54 1.88 -7.75
C PRO A 75 2.71 2.82 -7.62
N ILE A 76 3.70 2.34 -6.90
CA ILE A 76 4.86 3.14 -6.56
C ILE A 76 6.13 2.46 -7.01
N ASP A 77 6.01 1.18 -7.35
CA ASP A 77 7.14 0.42 -7.88
C ASP A 77 6.70 -0.37 -9.10
N TRP A 78 7.65 -0.83 -9.90
CA TRP A 78 7.34 -1.56 -11.13
C TRP A 78 7.32 -3.07 -10.92
N THR A 79 7.29 -3.49 -9.67
CA THR A 79 7.15 -4.90 -9.37
C THR A 79 5.69 -5.18 -9.18
N GLY A 80 5.01 -4.12 -8.80
CA GLY A 80 3.61 -4.17 -8.55
C GLY A 80 3.28 -3.76 -7.15
N VAL A 81 4.15 -2.93 -6.59
CA VAL A 81 3.94 -2.44 -5.26
C VAL A 81 3.34 -1.05 -5.29
N GLY A 82 2.52 -0.78 -4.30
CA GLY A 82 1.85 0.49 -4.21
C GLY A 82 0.87 0.52 -3.07
N ILE A 83 -0.01 1.50 -3.06
CA ILE A 83 -1.04 1.57 -2.08
C ILE A 83 -2.36 1.17 -2.73
N HIS A 84 -3.15 0.39 -2.02
CA HIS A 84 -4.41 -0.04 -2.57
C HIS A 84 -5.40 -0.36 -1.49
N ASP A 85 -6.63 -0.56 -1.94
CA ASP A 85 -7.70 -1.00 -1.11
C ASP A 85 -7.75 -2.50 -1.10
N SER A 86 -8.26 -3.06 -0.05
CA SER A 86 -8.40 -4.49 0.01
C SER A 86 -9.69 -4.84 0.66
N ASP A 87 -10.62 -5.15 -0.19
CA ASP A 87 -11.92 -5.60 0.20
C ASP A 87 -11.96 -7.12 0.20
N TRP A 88 -11.16 -7.70 -0.71
CA TRP A 88 -10.96 -9.15 -0.80
C TRP A 88 -10.20 -9.60 0.43
N GLN A 89 -9.43 -8.67 0.94
CA GLN A 89 -8.53 -8.90 2.06
C GLN A 89 -8.90 -8.04 3.22
N PRO A 90 -9.87 -8.53 3.92
CA PRO A 90 -10.68 -7.78 4.82
C PRO A 90 -10.04 -7.52 6.18
N GLU A 91 -8.80 -7.93 6.31
CA GLU A 91 -8.07 -7.73 7.54
C GLU A 91 -6.91 -6.78 7.32
N TYR A 92 -6.55 -6.11 8.40
CA TYR A 92 -5.57 -5.03 8.42
C TYR A 92 -5.14 -4.82 9.85
N GLY A 93 -3.86 -4.83 10.08
CA GLY A 93 -3.38 -4.60 11.41
C GLY A 93 -2.11 -5.36 11.66
N GLY A 94 -1.70 -5.42 12.94
CA GLY A 94 -0.54 -6.20 13.36
C GLY A 94 -0.30 -7.43 12.51
N ASP A 95 0.94 -7.92 12.49
CA ASP A 95 1.46 -8.58 11.29
C ASP A 95 0.57 -9.69 10.85
N LEU A 96 -0.18 -9.31 9.85
CA LEU A 96 -1.10 -10.16 9.16
C LEU A 96 -0.46 -10.68 7.92
N TRP A 97 0.42 -9.83 7.40
CA TRP A 97 1.09 -10.05 6.14
C TRP A 97 1.68 -11.44 6.06
N LYS A 98 2.11 -11.94 7.20
CA LYS A 98 2.73 -13.23 7.30
C LYS A 98 1.83 -14.37 6.91
N THR A 99 0.56 -14.11 6.95
CA THR A 99 -0.42 -15.12 6.65
C THR A 99 -1.28 -14.71 5.47
N ARG A 100 -1.56 -13.42 5.42
CA ARG A 100 -2.55 -12.87 4.51
C ARG A 100 -1.99 -12.64 3.11
N GLY A 101 -0.69 -12.66 3.02
CA GLY A 101 -0.03 -12.90 1.75
C GLY A 101 -0.04 -11.74 0.75
N SER A 102 0.18 -10.52 1.21
CA SER A 102 0.29 -9.38 0.30
C SER A 102 1.72 -9.26 -0.21
N HIS A 103 1.92 -9.09 -1.51
CA HIS A 103 3.25 -9.16 -2.11
C HIS A 103 3.84 -7.78 -2.30
N GLY A 104 4.15 -7.13 -1.20
CA GLY A 104 4.72 -5.80 -1.25
C GLY A 104 3.64 -4.76 -1.34
N CYS A 105 2.43 -5.23 -1.57
CA CYS A 105 1.28 -4.37 -1.71
C CYS A 105 0.64 -4.12 -0.36
N ILE A 106 0.26 -2.88 -0.12
CA ILE A 106 -0.28 -2.48 1.16
C ILE A 106 -1.79 -2.49 1.13
N ASN A 107 -2.34 -3.40 1.90
CA ASN A 107 -3.78 -3.59 1.92
C ASN A 107 -4.47 -2.57 2.80
N THR A 108 -4.89 -1.47 2.19
CA THR A 108 -5.64 -0.43 2.85
C THR A 108 -7.12 -0.73 2.73
N PRO A 109 -7.86 -0.46 3.80
CA PRO A 109 -9.30 -0.65 3.82
C PRO A 109 -9.96 0.11 2.69
N PRO A 110 -10.93 -0.52 2.04
CA PRO A 110 -11.58 0.01 0.83
C PRO A 110 -12.18 1.36 1.05
N SER A 111 -12.65 1.56 2.26
CA SER A 111 -13.29 2.78 2.60
C SER A 111 -12.26 3.86 2.86
N VAL A 112 -11.16 3.46 3.49
CA VAL A 112 -10.08 4.38 3.81
C VAL A 112 -9.21 4.66 2.58
N MET A 113 -9.11 3.69 1.69
CA MET A 113 -8.32 3.83 0.49
C MET A 113 -8.91 4.91 -0.41
N LYS A 114 -10.19 5.16 -0.20
CA LYS A 114 -10.95 6.19 -0.87
C LYS A 114 -10.63 7.56 -0.33
N GLU A 115 -10.22 7.54 0.93
CA GLU A 115 -9.86 8.72 1.65
C GLU A 115 -8.51 9.10 1.21
N LEU A 116 -7.71 8.08 1.16
CA LEU A 116 -6.39 8.15 0.70
C LEU A 116 -6.30 8.46 -0.75
N PHE A 117 -6.75 7.56 -1.60
CA PHE A 117 -6.72 7.82 -3.03
C PHE A 117 -7.39 9.16 -3.27
N GLY A 118 -8.29 9.45 -2.33
CA GLY A 118 -9.04 10.67 -2.32
C GLY A 118 -8.17 11.88 -2.05
N MET A 119 -7.09 11.69 -1.26
CA MET A 119 -6.07 12.71 -1.08
C MET A 119 -4.97 12.59 -2.13
N VAL A 120 -4.50 11.37 -2.29
CA VAL A 120 -3.29 11.07 -3.04
C VAL A 120 -3.54 10.43 -4.37
N GLU A 121 -2.82 10.99 -5.29
CA GLU A 121 -2.74 10.57 -6.63
C GLU A 121 -1.31 10.70 -7.05
N LYS A 122 -1.03 10.42 -8.30
CA LYS A 122 0.30 10.55 -8.79
C LYS A 122 0.94 11.83 -8.40
N GLY A 123 2.24 11.74 -8.37
CA GLY A 123 3.03 12.86 -7.96
C GLY A 123 3.40 12.80 -6.51
N THR A 124 2.60 12.10 -5.72
CA THR A 124 2.81 11.98 -4.31
C THR A 124 3.68 10.77 -4.03
N PRO A 125 4.58 10.87 -3.06
CA PRO A 125 5.36 9.75 -2.64
C PRO A 125 4.56 8.79 -1.83
N VAL A 126 5.15 7.67 -1.62
CA VAL A 126 4.61 6.68 -0.76
C VAL A 126 5.73 6.15 0.10
N LEU A 127 5.47 6.02 1.36
CA LEU A 127 6.44 5.48 2.26
C LEU A 127 5.98 4.17 2.78
N VAL A 128 6.93 3.30 2.95
CA VAL A 128 6.77 2.11 3.73
C VAL A 128 8.09 1.88 4.44
N PHE A 129 8.05 1.33 5.65
CA PHE A 129 9.25 1.15 6.44
C PHE A 129 9.06 0.07 7.50
N GLY A 1 10.82 12.54 13.23
CA GLY A 1 10.17 11.37 12.62
C GLY A 1 10.81 11.00 11.29
N HIS A 2 10.14 10.15 10.52
CA HIS A 2 10.65 9.73 9.23
C HIS A 2 10.28 10.75 8.17
N MET A 3 11.23 11.64 7.90
CA MET A 3 11.03 12.76 6.99
C MET A 3 9.97 13.72 7.49
N GLU A 4 9.64 14.70 6.66
CA GLU A 4 8.63 15.69 6.99
C GLU A 4 7.83 16.09 5.76
N ASP A 5 8.24 15.59 4.62
CA ASP A 5 7.53 15.80 3.36
C ASP A 5 6.09 15.35 3.41
N THR A 6 5.38 15.77 2.40
CA THR A 6 4.05 15.32 2.19
C THR A 6 4.08 14.12 1.25
N TYR A 7 3.52 13.03 1.73
CA TYR A 7 3.56 11.76 1.05
C TYR A 7 2.54 10.83 1.64
N ILE A 8 2.64 9.58 1.22
CA ILE A 8 1.92 8.52 1.89
C ILE A 8 2.90 7.75 2.76
N GLU A 9 2.43 7.04 3.77
CA GLU A 9 3.35 6.30 4.64
C GLU A 9 2.77 4.96 5.01
N VAL A 10 3.66 4.06 5.34
CA VAL A 10 3.32 2.70 5.70
C VAL A 10 4.36 2.16 6.64
N ASP A 11 3.88 1.46 7.62
CA ASP A 11 4.74 0.77 8.54
C ASP A 11 4.40 -0.70 8.47
N LEU A 12 5.35 -1.48 8.02
CA LEU A 12 5.14 -2.89 7.80
C LEU A 12 4.91 -3.59 9.12
N GLU A 13 5.79 -3.26 10.03
CA GLU A 13 5.84 -3.84 11.35
C GLU A 13 4.53 -3.71 12.09
N ASN A 14 4.07 -2.47 12.15
CA ASN A 14 2.90 -2.10 12.91
C ASN A 14 1.73 -2.03 11.97
N GLN A 15 1.98 -2.52 10.75
CA GLN A 15 0.96 -2.62 9.70
C GLN A 15 0.02 -1.44 9.71
N HIS A 16 0.55 -0.30 9.33
CA HIS A 16 -0.22 0.94 9.36
C HIS A 16 0.24 1.85 8.23
N MET A 17 -0.69 2.27 7.43
CA MET A 17 -0.44 3.16 6.32
C MET A 17 -1.07 4.52 6.55
N TRP A 18 -0.24 5.53 6.40
CA TRP A 18 -0.62 6.90 6.65
C TRP A 18 -0.64 7.72 5.39
N TYR A 19 -1.11 8.93 5.50
CA TYR A 19 -0.86 9.94 4.50
C TYR A 19 -0.25 11.10 5.21
N TYR A 20 0.98 11.38 4.91
CA TYR A 20 1.63 12.46 5.59
C TYR A 20 1.56 13.73 4.82
N LYS A 21 1.07 14.72 5.49
CA LYS A 21 0.99 16.04 5.04
C LYS A 21 1.13 16.95 6.21
N ASP A 22 1.87 18.00 5.98
CA ASP A 22 2.11 19.03 6.95
C ASP A 22 3.01 18.49 8.02
N GLY A 23 3.61 17.36 7.65
CA GLY A 23 4.51 16.67 8.52
C GLY A 23 3.77 15.86 9.54
N LYS A 24 2.53 15.68 9.23
CA LYS A 24 1.54 15.12 10.08
C LYS A 24 0.73 14.20 9.21
N VAL A 25 -0.25 13.51 9.71
CA VAL A 25 -0.98 12.64 8.83
C VAL A 25 -2.33 13.16 8.52
N ALA A 26 -2.55 13.05 7.27
CA ALA A 26 -3.77 13.33 6.64
C ALA A 26 -4.63 12.12 6.72
N LEU A 27 -3.96 10.99 6.82
CA LEU A 27 -4.62 9.74 6.78
C LEU A 27 -3.83 8.71 7.56
N GLU A 28 -4.53 7.71 8.04
CA GLU A 28 -3.94 6.67 8.88
C GLU A 28 -4.82 5.46 8.93
N THR A 29 -4.29 4.34 8.53
CA THR A 29 -5.02 3.12 8.67
C THR A 29 -4.11 1.94 8.89
N ASP A 30 -4.75 0.89 9.28
CA ASP A 30 -4.17 -0.39 9.48
C ASP A 30 -4.16 -1.11 8.16
N ILE A 31 -3.09 -1.82 7.91
CA ILE A 31 -2.90 -2.49 6.64
C ILE A 31 -2.28 -3.86 6.79
N VAL A 32 -2.00 -4.47 5.66
CA VAL A 32 -1.29 -5.74 5.62
C VAL A 32 -0.52 -5.89 4.30
N SER A 33 0.80 -5.95 4.42
CA SER A 33 1.68 -5.73 3.29
C SER A 33 2.88 -6.66 3.26
N GLY A 34 3.27 -7.13 2.09
CA GLY A 34 4.59 -7.70 1.93
C GLY A 34 4.84 -9.05 2.60
N LYS A 35 3.94 -10.03 2.45
CA LYS A 35 4.06 -11.31 3.15
C LYS A 35 5.47 -11.85 3.05
N PRO A 36 5.90 -12.52 4.10
CA PRO A 36 7.26 -13.05 4.26
C PRO A 36 7.88 -13.63 2.98
N THR A 37 7.06 -14.17 2.10
CA THR A 37 7.52 -14.76 0.86
C THR A 37 7.76 -13.70 -0.21
N THR A 38 6.95 -12.65 -0.17
CA THR A 38 7.05 -11.54 -1.11
C THR A 38 6.81 -10.22 -0.39
N PRO A 39 7.79 -9.85 0.42
CA PRO A 39 7.77 -8.69 1.31
C PRO A 39 7.82 -7.34 0.63
N THR A 40 7.45 -6.34 1.41
CA THR A 40 7.56 -4.95 1.05
C THR A 40 9.01 -4.48 1.13
N PRO A 41 9.30 -3.45 0.34
CA PRO A 41 10.65 -2.91 0.12
C PRO A 41 11.10 -1.92 1.19
N ALA A 42 10.28 -0.90 1.45
CA ALA A 42 10.59 0.18 2.38
C ALA A 42 11.68 1.14 1.88
N GLY A 43 11.31 2.41 1.83
CA GLY A 43 12.18 3.45 1.33
C GLY A 43 11.41 4.72 1.07
N VAL A 44 11.61 5.25 -0.12
CA VAL A 44 10.97 6.48 -0.54
C VAL A 44 10.29 6.24 -1.87
N PHE A 45 9.00 6.02 -1.80
CA PHE A 45 8.22 5.55 -2.93
C PHE A 45 7.43 6.69 -3.53
N TYR A 46 6.88 6.47 -4.72
CA TYR A 46 6.02 7.46 -5.37
C TYR A 46 5.01 6.79 -6.24
N VAL A 47 3.78 7.27 -6.23
CA VAL A 47 2.78 6.72 -7.11
C VAL A 47 3.01 7.19 -8.54
N TRP A 48 3.23 6.24 -9.44
CA TRP A 48 3.56 6.57 -10.81
C TRP A 48 2.43 6.30 -11.76
N ASN A 49 1.31 5.89 -11.20
CA ASN A 49 0.14 5.60 -11.99
C ASN A 49 -1.04 5.58 -11.05
N LYS A 50 -2.18 6.00 -11.53
CA LYS A 50 -3.35 6.06 -10.70
C LYS A 50 -4.39 5.15 -11.30
N GLU A 51 -4.67 4.10 -10.60
CA GLU A 51 -5.52 3.07 -11.08
C GLU A 51 -6.73 2.92 -10.21
N GLU A 52 -7.85 2.94 -10.85
CA GLU A 52 -9.11 2.87 -10.21
C GLU A 52 -9.94 1.79 -10.83
N ASP A 53 -10.54 1.01 -10.00
CA ASP A 53 -11.25 -0.20 -10.44
C ASP A 53 -10.28 -1.01 -11.28
N ALA A 54 -9.06 -1.01 -10.80
CA ALA A 54 -7.94 -1.62 -11.45
C ALA A 54 -7.70 -3.01 -10.96
N THR A 55 -6.84 -3.68 -11.65
CA THR A 55 -6.53 -5.05 -11.38
C THR A 55 -5.04 -5.23 -11.22
N LEU A 56 -4.68 -5.39 -9.99
CA LEU A 56 -3.34 -5.65 -9.59
C LEU A 56 -2.96 -7.03 -9.99
N LYS A 57 -1.69 -7.22 -10.17
CA LYS A 57 -1.16 -8.43 -10.63
C LYS A 57 0.25 -8.52 -10.15
N GLY A 58 0.88 -9.63 -10.40
CA GLY A 58 2.21 -9.75 -9.91
C GLY A 58 2.75 -11.12 -9.99
N THR A 59 4.02 -11.22 -9.81
CA THR A 59 4.68 -12.46 -9.73
C THR A 59 4.79 -12.85 -8.29
N ASN A 60 4.20 -13.98 -8.06
CA ASN A 60 4.22 -14.63 -6.77
C ASN A 60 5.64 -14.75 -6.24
N ASP A 61 5.81 -15.32 -5.07
CA ASP A 61 7.15 -15.69 -4.62
C ASP A 61 7.80 -16.63 -5.63
N ASP A 62 6.97 -17.30 -6.42
CA ASP A 62 7.43 -18.29 -7.38
C ASP A 62 7.77 -17.67 -8.71
N GLY A 63 7.14 -16.56 -8.99
CA GLY A 63 7.22 -16.01 -10.31
C GLY A 63 6.00 -16.38 -11.10
N THR A 64 4.89 -16.47 -10.40
CA THR A 64 3.64 -16.80 -10.97
C THR A 64 2.74 -15.62 -10.78
N PRO A 65 2.16 -15.17 -11.84
CA PRO A 65 1.34 -14.00 -11.81
C PRO A 65 0.05 -14.23 -11.08
N TYR A 66 -0.40 -13.17 -10.49
CA TYR A 66 -1.58 -13.16 -9.66
C TYR A 66 -2.36 -11.91 -9.96
N GLU A 67 -3.44 -11.70 -9.24
CA GLU A 67 -4.23 -10.49 -9.36
C GLU A 67 -4.81 -10.07 -8.03
N SER A 68 -5.09 -8.80 -7.98
CA SER A 68 -5.68 -8.18 -6.84
C SER A 68 -6.66 -7.10 -7.31
N PRO A 69 -7.96 -7.43 -7.36
CA PRO A 69 -9.02 -6.55 -7.84
C PRO A 69 -9.24 -5.37 -6.92
N VAL A 70 -8.81 -4.24 -7.38
CA VAL A 70 -8.82 -3.05 -6.62
C VAL A 70 -9.72 -2.00 -7.27
N ASN A 71 -10.03 -1.04 -6.45
CA ASN A 71 -10.91 0.04 -6.78
C ASN A 71 -10.10 1.30 -6.79
N TYR A 72 -9.10 1.27 -5.95
CA TYR A 72 -8.12 2.34 -5.87
C TYR A 72 -6.72 1.78 -5.75
N TRP A 73 -5.93 2.07 -6.76
CA TRP A 73 -4.57 1.59 -6.86
C TRP A 73 -3.61 2.73 -7.02
N MET A 74 -2.56 2.67 -6.27
CA MET A 74 -1.47 3.58 -6.43
C MET A 74 -0.12 2.87 -6.43
N PRO A 75 0.33 2.43 -7.60
CA PRO A 75 1.64 1.76 -7.74
C PRO A 75 2.77 2.74 -7.61
N ILE A 76 3.77 2.29 -6.90
CA ILE A 76 4.91 3.10 -6.54
C ILE A 76 6.20 2.46 -7.02
N ASP A 77 6.12 1.18 -7.36
CA ASP A 77 7.26 0.47 -7.90
C ASP A 77 6.84 -0.36 -9.09
N TRP A 78 7.77 -0.72 -9.96
CA TRP A 78 7.45 -1.47 -11.17
C TRP A 78 7.46 -2.99 -10.94
N THR A 79 7.48 -3.40 -9.68
CA THR A 79 7.38 -4.82 -9.38
C THR A 79 5.92 -5.12 -9.18
N GLY A 80 5.22 -4.08 -8.79
CA GLY A 80 3.82 -4.16 -8.54
C GLY A 80 3.48 -3.79 -7.13
N VAL A 81 4.29 -2.90 -6.57
CA VAL A 81 4.05 -2.43 -5.24
C VAL A 81 3.40 -1.07 -5.26
N GLY A 82 2.56 -0.83 -4.27
CA GLY A 82 1.85 0.41 -4.18
C GLY A 82 0.85 0.41 -3.05
N ILE A 83 -0.01 1.41 -3.03
CA ILE A 83 -1.06 1.49 -2.06
C ILE A 83 -2.37 1.09 -2.74
N HIS A 84 -3.21 0.34 -2.05
CA HIS A 84 -4.47 -0.05 -2.63
C HIS A 84 -5.53 -0.28 -1.59
N ASP A 85 -6.75 -0.32 -2.06
CA ASP A 85 -7.88 -0.68 -1.27
C ASP A 85 -8.06 -2.17 -1.38
N SER A 86 -8.42 -2.81 -0.31
CA SER A 86 -8.52 -4.23 -0.35
C SER A 86 -9.73 -4.70 0.38
N ASP A 87 -10.69 -5.06 -0.42
CA ASP A 87 -11.96 -5.51 0.03
C ASP A 87 -11.98 -7.04 0.14
N TRP A 88 -11.19 -7.66 -0.75
CA TRP A 88 -11.01 -9.11 -0.75
C TRP A 88 -10.25 -9.55 0.48
N GLN A 89 -9.46 -8.61 0.96
CA GLN A 89 -8.56 -8.82 2.10
C GLN A 89 -8.91 -7.88 3.20
N PRO A 90 -9.90 -8.30 3.92
CA PRO A 90 -10.69 -7.47 4.79
C PRO A 90 -10.08 -7.23 6.16
N GLU A 91 -8.86 -7.69 6.33
CA GLU A 91 -8.17 -7.54 7.60
C GLU A 91 -6.96 -6.64 7.40
N TYR A 92 -6.61 -5.94 8.47
CA TYR A 92 -5.58 -4.92 8.47
C TYR A 92 -5.13 -4.70 9.89
N GLY A 93 -3.86 -4.76 10.12
CA GLY A 93 -3.37 -4.56 11.46
C GLY A 93 -2.14 -5.37 11.72
N GLY A 94 -1.77 -5.47 13.01
CA GLY A 94 -0.65 -6.31 13.44
C GLY A 94 -0.43 -7.52 12.57
N ASP A 95 0.79 -8.01 12.50
CA ASP A 95 1.30 -8.61 11.28
C ASP A 95 0.42 -9.71 10.79
N LEU A 96 -0.33 -9.32 9.81
CA LEU A 96 -1.24 -10.14 9.10
C LEU A 96 -0.59 -10.63 7.84
N TRP A 97 0.29 -9.77 7.34
CA TRP A 97 0.98 -9.98 6.09
C TRP A 97 1.60 -11.35 6.00
N LYS A 98 2.01 -11.85 7.15
CA LYS A 98 2.68 -13.13 7.26
C LYS A 98 1.77 -14.27 6.89
N THR A 99 0.50 -14.01 6.94
CA THR A 99 -0.48 -15.03 6.68
C THR A 99 -1.32 -14.64 5.49
N ARG A 100 -1.63 -13.36 5.40
CA ARG A 100 -2.62 -12.85 4.47
C ARG A 100 -2.06 -12.64 3.07
N GLY A 101 -0.75 -12.60 2.99
CA GLY A 101 -0.09 -12.85 1.71
C GLY A 101 -0.10 -11.70 0.71
N SER A 102 0.11 -10.46 1.15
CA SER A 102 0.24 -9.33 0.22
C SER A 102 1.66 -9.29 -0.36
N HIS A 103 1.79 -9.07 -1.66
CA HIS A 103 3.09 -9.17 -2.33
C HIS A 103 3.72 -7.80 -2.49
N GLY A 104 4.07 -7.20 -1.37
CA GLY A 104 4.73 -5.91 -1.38
C GLY A 104 3.72 -4.80 -1.42
N CYS A 105 2.49 -5.17 -1.72
CA CYS A 105 1.41 -4.21 -1.80
C CYS A 105 0.83 -3.97 -0.42
N ILE A 106 0.36 -2.77 -0.19
CA ILE A 106 -0.20 -2.41 1.09
C ILE A 106 -1.71 -2.48 1.06
N ASN A 107 -2.21 -3.28 1.97
CA ASN A 107 -3.62 -3.58 2.05
C ASN A 107 -4.37 -2.48 2.80
N THR A 108 -4.74 -1.42 2.10
CA THR A 108 -5.49 -0.34 2.70
C THR A 108 -6.97 -0.63 2.60
N PRO A 109 -7.70 -0.36 3.68
CA PRO A 109 -9.13 -0.57 3.73
C PRO A 109 -9.84 0.21 2.64
N PRO A 110 -10.80 -0.44 1.99
CA PRO A 110 -11.54 0.11 0.83
C PRO A 110 -12.16 1.44 1.12
N SER A 111 -12.56 1.60 2.36
CA SER A 111 -13.21 2.80 2.78
C SER A 111 -12.17 3.90 3.01
N VAL A 112 -11.07 3.52 3.63
CA VAL A 112 -10.01 4.46 3.94
C VAL A 112 -9.15 4.77 2.72
N MET A 113 -9.03 3.81 1.82
CA MET A 113 -8.24 3.96 0.63
C MET A 113 -8.88 4.98 -0.30
N LYS A 114 -10.16 5.21 -0.06
CA LYS A 114 -10.94 6.21 -0.76
C LYS A 114 -10.68 7.58 -0.22
N GLU A 115 -10.21 7.57 1.00
CA GLU A 115 -9.84 8.75 1.72
C GLU A 115 -8.50 9.13 1.25
N LEU A 116 -7.69 8.11 1.22
CA LEU A 116 -6.37 8.18 0.74
C LEU A 116 -6.32 8.50 -0.72
N PHE A 117 -6.80 7.60 -1.57
CA PHE A 117 -6.83 7.88 -2.98
C PHE A 117 -7.54 9.21 -3.19
N GLY A 118 -8.38 9.50 -2.21
CA GLY A 118 -9.15 10.70 -2.18
C GLY A 118 -8.28 11.92 -1.89
N MET A 119 -7.16 11.71 -1.21
CA MET A 119 -6.13 12.74 -1.06
C MET A 119 -5.04 12.59 -2.13
N VAL A 120 -4.55 11.37 -2.23
CA VAL A 120 -3.36 11.05 -2.99
C VAL A 120 -3.61 10.30 -4.25
N GLU A 121 -2.95 10.84 -5.23
CA GLU A 121 -2.88 10.36 -6.55
C GLU A 121 -1.47 10.58 -7.00
N LYS A 122 -1.17 10.27 -8.24
CA LYS A 122 0.15 10.43 -8.73
C LYS A 122 0.78 11.73 -8.37
N GLY A 123 2.08 11.66 -8.35
CA GLY A 123 2.87 12.78 -7.97
C GLY A 123 3.32 12.74 -6.53
N THR A 124 2.46 12.17 -5.70
CA THR A 124 2.70 12.08 -4.28
C THR A 124 3.57 10.87 -4.00
N PRO A 125 4.48 10.97 -3.04
CA PRO A 125 5.26 9.85 -2.61
C PRO A 125 4.45 8.92 -1.77
N VAL A 126 5.02 7.79 -1.53
CA VAL A 126 4.51 6.90 -0.53
C VAL A 126 5.68 6.36 0.26
N LEU A 127 5.41 5.91 1.43
CA LEU A 127 6.42 5.38 2.28
C LEU A 127 6.00 4.06 2.82
N VAL A 128 6.97 3.22 3.00
CA VAL A 128 6.83 2.03 3.78
C VAL A 128 8.14 1.81 4.51
N PHE A 129 8.09 1.24 5.70
CA PHE A 129 9.27 1.04 6.52
C PHE A 129 8.99 0.13 7.72
N GLY A 1 11.15 10.79 12.93
CA GLY A 1 10.81 11.68 11.79
C GLY A 1 11.37 11.17 10.48
N HIS A 2 10.56 10.44 9.74
CA HIS A 2 10.97 9.89 8.46
C HIS A 2 10.58 10.83 7.34
N MET A 3 11.53 11.67 6.99
CA MET A 3 11.35 12.72 5.99
C MET A 3 10.40 13.81 6.48
N GLU A 4 10.18 14.81 5.66
CA GLU A 4 9.33 15.94 6.01
C GLU A 4 8.34 16.24 4.89
N ASP A 5 8.51 15.55 3.80
CA ASP A 5 7.63 15.65 2.64
C ASP A 5 6.18 15.37 2.95
N THR A 6 5.37 15.73 1.99
CA THR A 6 4.01 15.28 1.93
C THR A 6 3.99 14.03 1.08
N TYR A 7 3.49 12.96 1.65
CA TYR A 7 3.51 11.67 1.01
C TYR A 7 2.49 10.75 1.61
N ILE A 8 2.59 9.50 1.23
CA ILE A 8 1.87 8.45 1.92
C ILE A 8 2.86 7.70 2.79
N GLU A 9 2.40 6.97 3.79
CA GLU A 9 3.33 6.23 4.65
C GLU A 9 2.77 4.89 5.02
N VAL A 10 3.66 3.99 5.34
CA VAL A 10 3.34 2.63 5.69
C VAL A 10 4.37 2.10 6.65
N ASP A 11 3.90 1.39 7.64
CA ASP A 11 4.76 0.75 8.60
C ASP A 11 4.42 -0.71 8.67
N LEU A 12 5.32 -1.49 8.07
CA LEU A 12 5.13 -2.90 7.78
C LEU A 12 4.95 -3.70 9.03
N GLU A 13 5.75 -3.28 9.99
CA GLU A 13 5.80 -3.84 11.31
C GLU A 13 4.47 -3.79 12.01
N ASN A 14 3.94 -2.59 12.13
CA ASN A 14 2.74 -2.33 12.90
C ASN A 14 1.54 -2.34 11.99
N GLN A 15 1.84 -2.64 10.73
CA GLN A 15 0.87 -2.76 9.67
C GLN A 15 -0.06 -1.55 9.63
N HIS A 16 0.50 -0.41 9.33
CA HIS A 16 -0.27 0.83 9.35
C HIS A 16 0.22 1.75 8.25
N MET A 17 -0.71 2.21 7.44
CA MET A 17 -0.44 3.09 6.34
C MET A 17 -1.08 4.45 6.57
N TRP A 18 -0.26 5.47 6.42
CA TRP A 18 -0.63 6.84 6.68
C TRP A 18 -0.65 7.67 5.43
N TYR A 19 -1.11 8.89 5.57
CA TYR A 19 -0.91 9.90 4.56
C TYR A 19 -0.26 11.06 5.23
N TYR A 20 0.96 11.34 4.88
CA TYR A 20 1.66 12.42 5.53
C TYR A 20 1.60 13.69 4.75
N LYS A 21 1.14 14.68 5.44
CA LYS A 21 1.06 15.99 4.98
C LYS A 21 1.21 16.90 6.16
N ASP A 22 1.95 17.96 5.91
CA ASP A 22 2.23 18.97 6.89
C ASP A 22 3.14 18.41 7.94
N GLY A 23 3.75 17.31 7.54
CA GLY A 23 4.65 16.60 8.38
C GLY A 23 3.92 15.80 9.43
N LYS A 24 2.68 15.61 9.13
CA LYS A 24 1.69 15.08 10.00
C LYS A 24 0.85 14.13 9.16
N VAL A 25 -0.11 13.46 9.73
CA VAL A 25 -0.88 12.59 8.90
C VAL A 25 -2.24 13.12 8.64
N ALA A 26 -2.53 12.94 7.41
CA ALA A 26 -3.77 13.26 6.83
C ALA A 26 -4.66 12.06 6.88
N LEU A 27 -3.99 10.92 6.96
CA LEU A 27 -4.67 9.68 6.89
C LEU A 27 -3.86 8.63 7.60
N GLU A 28 -4.53 7.60 8.06
CA GLU A 28 -3.93 6.55 8.87
C GLU A 28 -4.85 5.36 8.92
N THR A 29 -4.36 4.23 8.49
CA THR A 29 -5.10 3.03 8.65
C THR A 29 -4.19 1.86 8.88
N ASP A 30 -4.78 0.80 9.29
CA ASP A 30 -4.11 -0.45 9.46
C ASP A 30 -4.12 -1.11 8.12
N ILE A 31 -3.11 -1.87 7.87
CA ILE A 31 -2.95 -2.54 6.60
C ILE A 31 -2.33 -3.90 6.78
N VAL A 32 -1.98 -4.51 5.67
CA VAL A 32 -1.25 -5.76 5.68
C VAL A 32 -0.44 -5.85 4.39
N SER A 33 0.85 -5.97 4.55
CA SER A 33 1.77 -5.79 3.44
C SER A 33 2.97 -6.72 3.49
N GLY A 34 3.39 -7.18 2.32
CA GLY A 34 4.71 -7.76 2.20
C GLY A 34 4.94 -9.13 2.82
N LYS A 35 4.02 -10.09 2.64
CA LYS A 35 4.10 -11.38 3.30
C LYS A 35 5.50 -11.95 3.17
N PRO A 36 5.93 -12.66 4.22
CA PRO A 36 7.28 -13.19 4.41
C PRO A 36 8.00 -13.65 3.13
N THR A 37 7.24 -14.16 2.17
CA THR A 37 7.80 -14.66 0.92
C THR A 37 8.09 -13.53 -0.05
N THR A 38 7.23 -12.53 -0.04
CA THR A 38 7.37 -11.39 -0.93
C THR A 38 7.04 -10.10 -0.21
N PRO A 39 7.94 -9.71 0.67
CA PRO A 39 7.85 -8.52 1.52
C PRO A 39 7.98 -7.21 0.79
N THR A 40 7.54 -6.17 1.49
CA THR A 40 7.64 -4.82 1.03
C THR A 40 9.08 -4.32 1.11
N PRO A 41 9.38 -3.35 0.24
CA PRO A 41 10.73 -2.83 0.02
C PRO A 41 11.18 -1.83 1.07
N ALA A 42 10.32 -0.84 1.34
CA ALA A 42 10.62 0.24 2.28
C ALA A 42 11.72 1.17 1.81
N GLY A 43 11.36 2.45 1.72
CA GLY A 43 12.25 3.47 1.25
C GLY A 43 11.51 4.73 0.91
N VAL A 44 11.66 5.17 -0.32
CA VAL A 44 11.00 6.36 -0.80
C VAL A 44 10.27 6.02 -2.10
N PHE A 45 8.97 6.05 -2.02
CA PHE A 45 8.13 5.56 -3.08
C PHE A 45 7.33 6.69 -3.68
N TYR A 46 6.81 6.51 -4.88
CA TYR A 46 5.98 7.53 -5.51
C TYR A 46 4.94 6.91 -6.38
N VAL A 47 3.72 7.40 -6.33
CA VAL A 47 2.71 6.87 -7.20
C VAL A 47 2.93 7.37 -8.62
N TRP A 48 3.16 6.44 -9.52
CA TRP A 48 3.49 6.78 -10.89
C TRP A 48 2.34 6.50 -11.84
N ASN A 49 1.25 6.06 -11.28
CA ASN A 49 0.05 5.79 -12.05
C ASN A 49 -1.11 5.77 -11.09
N LYS A 50 -2.25 6.16 -11.56
CA LYS A 50 -3.42 6.16 -10.73
C LYS A 50 -4.44 5.23 -11.35
N GLU A 51 -4.77 4.22 -10.61
CA GLU A 51 -5.61 3.17 -11.08
C GLU A 51 -6.80 2.99 -10.19
N GLU A 52 -7.91 3.00 -10.82
CA GLU A 52 -9.16 2.86 -10.18
C GLU A 52 -9.92 1.74 -10.78
N ASP A 53 -10.50 0.94 -9.96
CA ASP A 53 -11.19 -0.26 -10.41
C ASP A 53 -10.21 -1.06 -11.27
N ALA A 54 -9.00 -1.04 -10.78
CA ALA A 54 -7.86 -1.62 -11.43
C ALA A 54 -7.61 -3.03 -10.96
N THR A 55 -6.73 -3.68 -11.66
CA THR A 55 -6.40 -5.05 -11.41
C THR A 55 -4.90 -5.21 -11.26
N LEU A 56 -4.54 -5.37 -10.03
CA LEU A 56 -3.20 -5.66 -9.64
C LEU A 56 -2.86 -7.08 -9.90
N LYS A 57 -1.61 -7.35 -9.99
CA LYS A 57 -1.12 -8.64 -10.28
C LYS A 57 0.19 -8.82 -9.60
N GLY A 58 0.83 -9.94 -9.83
CA GLY A 58 2.12 -10.08 -9.24
C GLY A 58 2.81 -11.37 -9.54
N THR A 59 3.49 -11.82 -8.52
CA THR A 59 4.11 -13.09 -8.48
C THR A 59 3.98 -13.64 -7.10
N ASN A 60 3.38 -14.79 -7.08
CA ASN A 60 3.17 -15.55 -5.86
C ASN A 60 4.48 -15.78 -5.13
N ASP A 61 4.41 -16.46 -4.01
CA ASP A 61 5.61 -16.95 -3.37
C ASP A 61 6.43 -17.80 -4.34
N ASP A 62 5.75 -18.36 -5.34
CA ASP A 62 6.37 -19.26 -6.30
C ASP A 62 6.93 -18.52 -7.49
N GLY A 63 6.36 -17.36 -7.74
CA GLY A 63 6.66 -16.66 -8.96
C GLY A 63 5.60 -16.91 -9.98
N THR A 64 4.40 -17.02 -9.49
CA THR A 64 3.25 -17.24 -10.30
C THR A 64 2.35 -16.08 -10.07
N PRO A 65 1.93 -15.46 -11.11
CA PRO A 65 1.17 -14.25 -11.03
C PRO A 65 -0.16 -14.46 -10.36
N TYR A 66 -0.67 -13.36 -9.88
CA TYR A 66 -1.91 -13.30 -9.15
C TYR A 66 -2.59 -12.03 -9.53
N GLU A 67 -3.66 -11.69 -8.86
CA GLU A 67 -4.33 -10.42 -9.08
C GLU A 67 -4.87 -9.86 -7.79
N SER A 68 -5.12 -8.57 -7.85
CA SER A 68 -5.72 -7.84 -6.81
C SER A 68 -6.78 -6.93 -7.42
N PRO A 69 -8.05 -7.35 -7.36
CA PRO A 69 -9.15 -6.53 -7.80
C PRO A 69 -9.31 -5.33 -6.90
N VAL A 70 -8.85 -4.23 -7.37
CA VAL A 70 -8.79 -3.05 -6.63
C VAL A 70 -9.69 -1.99 -7.24
N ASN A 71 -9.99 -1.04 -6.42
CA ASN A 71 -10.90 0.02 -6.71
C ASN A 71 -10.11 1.30 -6.74
N TYR A 72 -9.10 1.28 -5.91
CA TYR A 72 -8.15 2.38 -5.84
C TYR A 72 -6.73 1.85 -5.73
N TRP A 73 -5.95 2.13 -6.74
CA TRP A 73 -4.58 1.68 -6.86
C TRP A 73 -3.64 2.84 -7.02
N MET A 74 -2.58 2.79 -6.27
CA MET A 74 -1.53 3.76 -6.40
C MET A 74 -0.16 3.08 -6.42
N PRO A 75 0.29 2.65 -7.61
CA PRO A 75 1.58 1.98 -7.78
C PRO A 75 2.73 2.94 -7.64
N ILE A 76 3.75 2.45 -6.96
CA ILE A 76 4.90 3.25 -6.60
C ILE A 76 6.18 2.61 -7.09
N ASP A 77 6.08 1.35 -7.48
CA ASP A 77 7.20 0.64 -8.07
C ASP A 77 6.73 -0.12 -9.30
N TRP A 78 7.66 -0.57 -10.13
CA TRP A 78 7.31 -1.24 -11.37
C TRP A 78 7.33 -2.76 -11.24
N THR A 79 7.36 -3.26 -10.02
CA THR A 79 7.24 -4.68 -9.80
C THR A 79 5.80 -4.98 -9.53
N GLY A 80 5.15 -3.97 -9.00
CA GLY A 80 3.76 -4.03 -8.72
C GLY A 80 3.45 -3.69 -7.29
N VAL A 81 4.26 -2.81 -6.72
CA VAL A 81 4.03 -2.35 -5.39
C VAL A 81 3.40 -0.98 -5.39
N GLY A 82 2.57 -0.76 -4.40
CA GLY A 82 1.90 0.51 -4.25
C GLY A 82 0.91 0.47 -3.11
N ILE A 83 0.04 1.46 -3.07
CA ILE A 83 -1.01 1.49 -2.08
C ILE A 83 -2.31 1.11 -2.77
N HIS A 84 -3.13 0.33 -2.10
CA HIS A 84 -4.41 -0.06 -2.69
C HIS A 84 -5.44 -0.31 -1.62
N ASP A 85 -6.67 -0.35 -2.07
CA ASP A 85 -7.78 -0.73 -1.25
C ASP A 85 -7.92 -2.24 -1.33
N SER A 86 -8.34 -2.83 -0.26
CA SER A 86 -8.51 -4.25 -0.25
C SER A 86 -9.75 -4.63 0.47
N ASP A 87 -10.70 -4.94 -0.36
CA ASP A 87 -12.00 -5.38 0.08
C ASP A 87 -12.05 -6.89 0.15
N TRP A 88 -11.20 -7.51 -0.69
CA TRP A 88 -11.00 -8.95 -0.70
C TRP A 88 -10.22 -9.37 0.52
N GLN A 89 -9.43 -8.44 1.00
CA GLN A 89 -8.54 -8.65 2.13
C GLN A 89 -8.92 -7.72 3.23
N PRO A 90 -9.92 -8.15 3.93
CA PRO A 90 -10.74 -7.35 4.80
C PRO A 90 -10.13 -7.14 6.17
N GLU A 91 -8.92 -7.62 6.35
CA GLU A 91 -8.23 -7.45 7.60
C GLU A 91 -7.02 -6.57 7.40
N TYR A 92 -6.68 -5.86 8.46
CA TYR A 92 -5.65 -4.83 8.46
C TYR A 92 -5.21 -4.62 9.87
N GLY A 93 -3.95 -4.73 10.11
CA GLY A 93 -3.48 -4.55 11.46
C GLY A 93 -2.27 -5.40 11.72
N GLY A 94 -1.91 -5.52 13.00
CA GLY A 94 -0.81 -6.38 13.45
C GLY A 94 -0.59 -7.58 12.56
N ASP A 95 0.64 -8.09 12.54
CA ASP A 95 1.17 -8.71 11.34
C ASP A 95 0.30 -9.80 10.83
N LEU A 96 -0.43 -9.39 9.84
CA LEU A 96 -1.31 -10.21 9.09
C LEU A 96 -0.60 -10.65 7.85
N TRP A 97 0.30 -9.81 7.38
CA TRP A 97 0.99 -10.07 6.13
C TRP A 97 1.50 -11.49 6.06
N LYS A 98 1.99 -11.98 7.19
CA LYS A 98 2.59 -13.28 7.28
C LYS A 98 1.65 -14.39 6.92
N THR A 99 0.38 -14.11 7.04
CA THR A 99 -0.62 -15.10 6.80
C THR A 99 -1.44 -14.72 5.58
N ARG A 100 -1.69 -13.43 5.46
CA ARG A 100 -2.63 -12.90 4.49
C ARG A 100 -2.02 -12.70 3.12
N GLY A 101 -0.71 -12.71 3.08
CA GLY A 101 0.00 -12.97 1.84
C GLY A 101 0.03 -11.84 0.82
N SER A 102 0.23 -10.61 1.28
CA SER A 102 0.37 -9.47 0.37
C SER A 102 1.79 -9.44 -0.19
N HIS A 103 1.95 -9.09 -1.46
CA HIS A 103 3.26 -9.23 -2.10
C HIS A 103 3.86 -7.88 -2.38
N GLY A 104 4.30 -7.21 -1.31
CA GLY A 104 4.84 -5.88 -1.43
C GLY A 104 3.73 -4.86 -1.45
N CYS A 105 2.52 -5.34 -1.60
CA CYS A 105 1.35 -4.50 -1.70
C CYS A 105 0.77 -4.25 -0.33
N ILE A 106 0.24 -3.05 -0.13
CA ILE A 106 -0.32 -2.64 1.13
C ILE A 106 -1.84 -2.66 1.06
N ASN A 107 -2.44 -3.53 1.86
CA ASN A 107 -3.90 -3.65 1.87
C ASN A 107 -4.52 -2.55 2.71
N THR A 108 -4.88 -1.45 2.06
CA THR A 108 -5.59 -0.37 2.70
C THR A 108 -7.07 -0.62 2.60
N PRO A 109 -7.79 -0.36 3.68
CA PRO A 109 -9.23 -0.55 3.73
C PRO A 109 -9.93 0.24 2.64
N PRO A 110 -10.89 -0.39 1.98
CA PRO A 110 -11.58 0.15 0.80
C PRO A 110 -12.18 1.51 1.04
N SER A 111 -12.64 1.69 2.25
CA SER A 111 -13.25 2.93 2.63
C SER A 111 -12.20 3.98 2.90
N VAL A 112 -11.12 3.55 3.55
CA VAL A 112 -10.04 4.47 3.90
C VAL A 112 -9.13 4.74 2.70
N MET A 113 -9.04 3.79 1.80
CA MET A 113 -8.25 3.93 0.61
C MET A 113 -8.89 4.97 -0.31
N LYS A 114 -10.16 5.22 -0.05
CA LYS A 114 -10.95 6.21 -0.76
C LYS A 114 -10.68 7.58 -0.22
N GLU A 115 -10.23 7.58 1.01
CA GLU A 115 -9.85 8.75 1.72
C GLU A 115 -8.51 9.13 1.26
N LEU A 116 -7.70 8.11 1.25
CA LEU A 116 -6.38 8.17 0.76
C LEU A 116 -6.32 8.47 -0.71
N PHE A 117 -6.77 7.55 -1.54
CA PHE A 117 -6.77 7.80 -2.98
C PHE A 117 -7.45 9.14 -3.22
N GLY A 118 -8.32 9.46 -2.26
CA GLY A 118 -9.07 10.67 -2.25
C GLY A 118 -8.20 11.89 -1.99
N MET A 119 -7.12 11.71 -1.21
CA MET A 119 -6.10 12.73 -1.05
C MET A 119 -5.03 12.59 -2.11
N VAL A 120 -4.55 11.37 -2.26
CA VAL A 120 -3.36 11.07 -3.01
C VAL A 120 -3.60 10.39 -4.32
N GLU A 121 -2.94 10.96 -5.27
CA GLU A 121 -2.88 10.52 -6.60
C GLU A 121 -1.46 10.69 -7.05
N LYS A 122 -1.19 10.40 -8.30
CA LYS A 122 0.12 10.54 -8.80
C LYS A 122 0.79 11.83 -8.41
N GLY A 123 2.07 11.72 -8.40
CA GLY A 123 2.89 12.82 -7.98
C GLY A 123 3.32 12.71 -6.54
N THR A 124 2.43 12.21 -5.71
CA THR A 124 2.66 12.08 -4.29
C THR A 124 3.52 10.86 -4.02
N PRO A 125 4.43 10.95 -3.07
CA PRO A 125 5.20 9.82 -2.65
C PRO A 125 4.40 8.89 -1.80
N VAL A 126 4.96 7.76 -1.56
CA VAL A 126 4.48 6.89 -0.53
C VAL A 126 5.67 6.38 0.23
N LEU A 127 5.42 5.96 1.43
CA LEU A 127 6.45 5.45 2.27
C LEU A 127 6.04 4.12 2.81
N VAL A 128 7.01 3.28 2.95
CA VAL A 128 6.88 2.08 3.72
C VAL A 128 8.21 1.85 4.43
N PHE A 129 8.16 1.29 5.62
CA PHE A 129 9.37 1.08 6.41
C PHE A 129 9.11 0.07 7.53
N GLY A 1 7.90 11.41 11.91
CA GLY A 1 9.35 11.52 12.18
C GLY A 1 10.19 11.13 10.98
N HIS A 2 9.65 10.28 10.12
CA HIS A 2 10.33 9.87 8.91
C HIS A 2 10.01 10.83 7.78
N MET A 3 10.88 11.84 7.67
CA MET A 3 10.71 12.93 6.72
C MET A 3 9.62 13.91 7.16
N GLU A 4 9.36 14.87 6.31
CA GLU A 4 8.39 15.92 6.61
C GLU A 4 7.63 16.38 5.36
N ASP A 5 8.04 15.84 4.22
CA ASP A 5 7.31 16.01 2.96
C ASP A 5 5.85 15.58 3.07
N THR A 6 5.14 15.92 2.04
CA THR A 6 3.82 15.42 1.85
C THR A 6 3.91 14.16 1.01
N TYR A 7 3.43 13.07 1.58
CA TYR A 7 3.53 11.76 0.98
C TYR A 7 2.50 10.83 1.57
N ILE A 8 2.63 9.57 1.22
CA ILE A 8 1.91 8.53 1.90
C ILE A 8 2.88 7.77 2.79
N GLU A 9 2.39 7.03 3.78
CA GLU A 9 3.30 6.28 4.64
C GLU A 9 2.72 4.95 4.99
N VAL A 10 3.60 4.04 5.31
CA VAL A 10 3.27 2.68 5.66
C VAL A 10 4.29 2.13 6.60
N ASP A 11 3.81 1.45 7.59
CA ASP A 11 4.66 0.72 8.47
C ASP A 11 4.32 -0.75 8.34
N LEU A 12 5.28 -1.53 7.90
CA LEU A 12 5.05 -2.95 7.70
C LEU A 12 4.95 -3.64 9.02
N GLU A 13 5.88 -3.30 9.87
CA GLU A 13 6.02 -3.88 11.18
C GLU A 13 4.79 -3.67 12.05
N ASN A 14 4.30 -2.44 12.03
CA ASN A 14 3.18 -2.04 12.86
C ASN A 14 1.97 -1.85 11.98
N GLN A 15 2.08 -2.47 10.80
CA GLN A 15 0.98 -2.59 9.83
C GLN A 15 0.06 -1.39 9.83
N HIS A 16 0.55 -0.26 9.38
CA HIS A 16 -0.22 0.96 9.39
C HIS A 16 0.22 1.88 8.28
N MET A 17 -0.72 2.27 7.45
CA MET A 17 -0.48 3.15 6.33
C MET A 17 -1.10 4.51 6.59
N TRP A 18 -0.27 5.53 6.42
CA TRP A 18 -0.63 6.90 6.67
C TRP A 18 -0.68 7.71 5.42
N TYR A 19 -1.14 8.94 5.56
CA TYR A 19 -0.96 9.93 4.53
C TYR A 19 -0.32 11.11 5.20
N TYR A 20 0.85 11.47 4.76
CA TYR A 20 1.52 12.56 5.36
C TYR A 20 1.40 13.82 4.57
N LYS A 21 0.97 14.82 5.26
CA LYS A 21 0.87 16.13 4.80
C LYS A 21 1.06 17.03 5.97
N ASP A 22 1.78 18.09 5.72
CA ASP A 22 2.07 19.09 6.72
C ASP A 22 3.05 18.55 7.70
N GLY A 23 3.67 17.45 7.25
CA GLY A 23 4.63 16.77 8.03
C GLY A 23 3.98 15.93 9.10
N LYS A 24 2.72 15.73 8.86
CA LYS A 24 1.79 15.18 9.79
C LYS A 24 0.91 14.24 9.00
N VAL A 25 -0.03 13.58 9.61
CA VAL A 25 -0.84 12.68 8.83
C VAL A 25 -2.20 13.21 8.60
N ALA A 26 -2.55 12.99 7.40
CA ALA A 26 -3.81 13.30 6.86
C ALA A 26 -4.67 12.09 6.94
N LEU A 27 -4.00 10.96 6.99
CA LEU A 27 -4.67 9.70 6.91
C LEU A 27 -3.84 8.66 7.63
N GLU A 28 -4.50 7.63 8.09
CA GLU A 28 -3.88 6.59 8.89
C GLU A 28 -4.79 5.40 8.98
N THR A 29 -4.30 4.27 8.57
CA THR A 29 -5.04 3.07 8.75
C THR A 29 -4.13 1.88 8.97
N ASP A 30 -4.73 0.82 9.40
CA ASP A 30 -4.07 -0.43 9.55
C ASP A 30 -4.08 -1.10 8.22
N ILE A 31 -3.04 -1.85 7.97
CA ILE A 31 -2.86 -2.52 6.70
C ILE A 31 -2.21 -3.88 6.86
N VAL A 32 -1.87 -4.47 5.75
CA VAL A 32 -1.16 -5.73 5.72
C VAL A 32 -0.42 -5.84 4.40
N SER A 33 0.89 -5.92 4.49
CA SER A 33 1.74 -5.78 3.33
C SER A 33 2.94 -6.73 3.37
N GLY A 34 3.37 -7.17 2.19
CA GLY A 34 4.67 -7.74 2.07
C GLY A 34 4.88 -9.11 2.70
N LYS A 35 3.96 -10.05 2.52
CA LYS A 35 4.02 -11.35 3.17
C LYS A 35 5.42 -11.93 3.06
N PRO A 36 5.84 -12.62 4.11
CA PRO A 36 7.21 -13.12 4.30
C PRO A 36 7.93 -13.62 3.03
N THR A 37 7.16 -14.11 2.07
CA THR A 37 7.71 -14.64 0.83
C THR A 37 7.97 -13.52 -0.17
N THR A 38 7.12 -12.51 -0.13
CA THR A 38 7.23 -11.38 -1.04
C THR A 38 6.92 -10.08 -0.30
N PRO A 39 7.86 -9.70 0.55
CA PRO A 39 7.76 -8.53 1.43
C PRO A 39 7.86 -7.21 0.72
N THR A 40 7.49 -6.18 1.46
CA THR A 40 7.60 -4.82 1.00
C THR A 40 9.04 -4.33 1.15
N PRO A 41 9.39 -3.38 0.30
CA PRO A 41 10.75 -2.86 0.14
C PRO A 41 11.15 -1.88 1.21
N ALA A 42 10.29 -0.88 1.45
CA ALA A 42 10.54 0.18 2.41
C ALA A 42 11.65 1.13 2.00
N GLY A 43 11.27 2.41 1.92
CA GLY A 43 12.18 3.44 1.50
C GLY A 43 11.45 4.72 1.17
N VAL A 44 11.65 5.19 -0.04
CA VAL A 44 11.00 6.39 -0.51
C VAL A 44 10.33 6.11 -1.86
N PHE A 45 9.02 6.01 -1.82
CA PHE A 45 8.25 5.54 -2.93
C PHE A 45 7.47 6.67 -3.54
N TYR A 46 6.96 6.49 -4.75
CA TYR A 46 6.12 7.51 -5.39
C TYR A 46 5.10 6.86 -6.28
N VAL A 47 3.89 7.37 -6.25
CA VAL A 47 2.87 6.84 -7.11
C VAL A 47 3.09 7.31 -8.55
N TRP A 48 3.18 6.35 -9.45
CA TRP A 48 3.42 6.67 -10.84
C TRP A 48 2.21 6.41 -11.70
N ASN A 49 1.13 6.04 -11.06
CA ASN A 49 -0.13 5.86 -11.74
C ASN A 49 -1.27 5.76 -10.74
N LYS A 50 -2.43 6.17 -11.17
CA LYS A 50 -3.64 5.94 -10.42
C LYS A 50 -4.49 4.92 -11.14
N GLU A 51 -4.72 3.85 -10.47
CA GLU A 51 -5.53 2.79 -11.03
C GLU A 51 -6.75 2.49 -10.22
N GLU A 52 -7.84 2.78 -10.81
CA GLU A 52 -9.11 2.66 -10.19
C GLU A 52 -9.88 1.52 -10.76
N ASP A 53 -10.50 0.78 -9.89
CA ASP A 53 -11.23 -0.42 -10.30
C ASP A 53 -10.28 -1.27 -11.14
N ALA A 54 -9.03 -1.19 -10.74
CA ALA A 54 -7.92 -1.81 -11.40
C ALA A 54 -7.70 -3.21 -10.92
N THR A 55 -6.83 -3.88 -11.63
CA THR A 55 -6.48 -5.23 -11.32
C THR A 55 -4.99 -5.37 -11.26
N LEU A 56 -4.55 -5.46 -10.04
CA LEU A 56 -3.18 -5.71 -9.71
C LEU A 56 -2.83 -7.11 -10.02
N LYS A 57 -1.58 -7.32 -10.24
CA LYS A 57 -1.07 -8.57 -10.65
C LYS A 57 0.37 -8.64 -10.26
N GLY A 58 0.97 -9.78 -10.42
CA GLY A 58 2.31 -9.88 -9.95
C GLY A 58 2.85 -11.27 -10.00
N THR A 59 4.14 -11.35 -9.85
CA THR A 59 4.78 -12.61 -9.76
C THR A 59 5.03 -12.94 -8.33
N ASN A 60 4.36 -13.99 -7.96
CA ASN A 60 4.40 -14.53 -6.63
C ASN A 60 5.81 -14.75 -6.12
N ASP A 61 5.92 -15.24 -4.90
CA ASP A 61 7.18 -15.74 -4.42
C ASP A 61 7.77 -16.78 -5.38
N ASP A 62 6.89 -17.41 -6.16
CA ASP A 62 7.31 -18.47 -7.06
C ASP A 62 7.67 -17.92 -8.41
N GLY A 63 7.10 -16.78 -8.72
CA GLY A 63 7.19 -16.26 -10.05
C GLY A 63 5.96 -16.62 -10.82
N THR A 64 4.85 -16.64 -10.10
CA THR A 64 3.59 -16.98 -10.62
C THR A 64 2.71 -15.78 -10.50
N PRO A 65 2.09 -15.41 -11.56
CA PRO A 65 1.28 -14.25 -11.60
C PRO A 65 0.01 -14.43 -10.80
N TYR A 66 -0.39 -13.33 -10.25
CA TYR A 66 -1.52 -13.26 -9.37
C TYR A 66 -2.27 -12.00 -9.67
N GLU A 67 -3.32 -11.74 -8.93
CA GLU A 67 -4.08 -10.51 -9.08
C GLU A 67 -4.54 -9.96 -7.74
N SER A 68 -4.89 -8.71 -7.81
CA SER A 68 -5.50 -7.99 -6.76
C SER A 68 -6.58 -7.09 -7.37
N PRO A 69 -7.84 -7.54 -7.33
CA PRO A 69 -8.96 -6.73 -7.79
C PRO A 69 -9.17 -5.55 -6.88
N VAL A 70 -8.73 -4.43 -7.34
CA VAL A 70 -8.72 -3.24 -6.59
C VAL A 70 -9.65 -2.21 -7.20
N ASN A 71 -9.94 -1.23 -6.41
CA ASN A 71 -10.86 -0.18 -6.71
C ASN A 71 -10.10 1.11 -6.75
N TYR A 72 -9.07 1.12 -5.93
CA TYR A 72 -8.12 2.23 -5.89
C TYR A 72 -6.71 1.70 -5.76
N TRP A 73 -5.93 1.95 -6.78
CA TRP A 73 -4.56 1.50 -6.86
C TRP A 73 -3.65 2.68 -7.05
N MET A 74 -2.57 2.68 -6.32
CA MET A 74 -1.55 3.67 -6.48
C MET A 74 -0.17 3.04 -6.47
N PRO A 75 0.29 2.55 -7.63
CA PRO A 75 1.60 1.90 -7.75
C PRO A 75 2.74 2.86 -7.63
N ILE A 76 3.77 2.40 -6.94
CA ILE A 76 4.93 3.20 -6.59
C ILE A 76 6.21 2.56 -7.10
N ASP A 77 6.11 1.28 -7.45
CA ASP A 77 7.23 0.54 -8.01
C ASP A 77 6.74 -0.26 -9.22
N TRP A 78 7.66 -0.76 -10.04
CA TRP A 78 7.29 -1.47 -11.26
C TRP A 78 7.33 -2.98 -11.09
N THR A 79 7.40 -3.46 -9.86
CA THR A 79 7.27 -4.88 -9.61
C THR A 79 5.83 -5.17 -9.33
N GLY A 80 5.19 -4.13 -8.82
CA GLY A 80 3.79 -4.18 -8.54
C GLY A 80 3.48 -3.78 -7.13
N VAL A 81 4.28 -2.88 -6.60
CA VAL A 81 4.04 -2.39 -5.26
C VAL A 81 3.41 -1.02 -5.29
N GLY A 82 2.58 -0.77 -4.29
CA GLY A 82 1.89 0.49 -4.19
C GLY A 82 0.88 0.50 -3.07
N ILE A 83 0.01 1.48 -3.06
CA ILE A 83 -1.05 1.53 -2.10
C ILE A 83 -2.35 1.11 -2.77
N HIS A 84 -3.17 0.35 -2.07
CA HIS A 84 -4.45 -0.06 -2.65
C HIS A 84 -5.49 -0.28 -1.57
N ASP A 85 -6.70 -0.36 -2.03
CA ASP A 85 -7.83 -0.69 -1.22
C ASP A 85 -7.98 -2.20 -1.26
N SER A 86 -8.28 -2.77 -0.14
CA SER A 86 -8.38 -4.21 -0.07
C SER A 86 -9.69 -4.60 0.54
N ASP A 87 -10.58 -4.94 -0.34
CA ASP A 87 -11.89 -5.36 0.02
C ASP A 87 -11.98 -6.88 0.08
N TRP A 88 -11.22 -7.51 -0.81
CA TRP A 88 -11.06 -8.98 -0.84
C TRP A 88 -10.31 -9.42 0.38
N GLN A 89 -9.51 -8.50 0.87
CA GLN A 89 -8.60 -8.74 1.97
C GLN A 89 -8.96 -7.84 3.11
N PRO A 90 -9.94 -8.29 3.82
CA PRO A 90 -10.74 -7.50 4.72
C PRO A 90 -10.09 -7.24 6.05
N GLU A 91 -8.84 -7.66 6.17
CA GLU A 91 -8.12 -7.50 7.41
C GLU A 91 -6.95 -6.55 7.24
N TYR A 92 -6.59 -5.93 8.35
CA TYR A 92 -5.60 -4.84 8.41
C TYR A 92 -5.18 -4.67 9.85
N GLY A 93 -3.92 -4.76 10.10
CA GLY A 93 -3.47 -4.63 11.45
C GLY A 93 -2.27 -5.48 11.69
N GLY A 94 -1.91 -5.66 12.97
CA GLY A 94 -0.83 -6.55 13.40
C GLY A 94 -0.61 -7.71 12.46
N ASP A 95 0.62 -8.20 12.40
CA ASP A 95 1.13 -8.88 11.21
C ASP A 95 0.20 -9.95 10.75
N LEU A 96 -0.51 -9.53 9.76
CA LEU A 96 -1.40 -10.32 8.98
C LEU A 96 -0.67 -10.74 7.75
N TRP A 97 0.20 -9.88 7.27
CA TRP A 97 0.88 -10.10 6.00
C TRP A 97 1.42 -11.52 5.89
N LYS A 98 1.89 -12.03 7.01
CA LYS A 98 2.51 -13.32 7.10
C LYS A 98 1.59 -14.44 6.68
N THR A 99 0.32 -14.18 6.81
CA THR A 99 -0.66 -15.18 6.51
C THR A 99 -1.50 -14.75 5.31
N ARG A 100 -1.75 -13.45 5.26
CA ARG A 100 -2.69 -12.89 4.31
C ARG A 100 -2.08 -12.64 2.94
N GLY A 101 -0.78 -12.68 2.89
CA GLY A 101 -0.09 -12.90 1.62
C GLY A 101 -0.07 -11.73 0.65
N SER A 102 0.14 -10.52 1.14
CA SER A 102 0.25 -9.35 0.26
C SER A 102 1.68 -9.27 -0.30
N HIS A 103 1.84 -9.02 -1.59
CA HIS A 103 3.16 -9.07 -2.24
C HIS A 103 3.72 -7.66 -2.40
N GLY A 104 4.08 -7.08 -1.27
CA GLY A 104 4.63 -5.74 -1.27
C GLY A 104 3.53 -4.72 -1.35
N CYS A 105 2.33 -5.21 -1.54
CA CYS A 105 1.16 -4.37 -1.71
C CYS A 105 0.48 -4.14 -0.38
N ILE A 106 0.19 -2.88 -0.11
CA ILE A 106 -0.32 -2.46 1.17
C ILE A 106 -1.83 -2.48 1.16
N ASN A 107 -2.38 -3.38 1.96
CA ASN A 107 -3.82 -3.54 2.02
C ASN A 107 -4.47 -2.44 2.83
N THR A 108 -4.83 -1.36 2.16
CA THR A 108 -5.54 -0.27 2.78
C THR A 108 -7.03 -0.52 2.69
N PRO A 109 -7.74 -0.29 3.78
CA PRO A 109 -9.17 -0.51 3.85
C PRO A 109 -9.93 0.25 2.80
N PRO A 110 -10.84 -0.39 2.11
CA PRO A 110 -11.48 0.16 0.91
C PRO A 110 -12.05 1.54 1.15
N SER A 111 -12.61 1.70 2.32
CA SER A 111 -13.24 2.92 2.69
C SER A 111 -12.18 3.98 2.98
N VAL A 112 -11.10 3.57 3.65
CA VAL A 112 -10.02 4.47 3.99
C VAL A 112 -9.13 4.76 2.79
N MET A 113 -9.03 3.80 1.88
CA MET A 113 -8.23 3.95 0.70
C MET A 113 -8.87 4.99 -0.22
N LYS A 114 -10.13 5.23 0.03
CA LYS A 114 -10.95 6.23 -0.65
C LYS A 114 -10.63 7.60 -0.15
N GLU A 115 -10.24 7.60 1.09
CA GLU A 115 -9.86 8.79 1.78
C GLU A 115 -8.52 9.17 1.31
N LEU A 116 -7.71 8.15 1.30
CA LEU A 116 -6.40 8.22 0.80
C LEU A 116 -6.36 8.52 -0.67
N PHE A 117 -6.83 7.60 -1.48
CA PHE A 117 -6.89 7.82 -2.91
C PHE A 117 -7.55 9.16 -3.16
N GLY A 118 -8.35 9.52 -2.16
CA GLY A 118 -9.11 10.73 -2.18
C GLY A 118 -8.23 11.95 -1.91
N MET A 119 -7.12 11.75 -1.16
CA MET A 119 -6.10 12.78 -0.98
C MET A 119 -5.03 12.68 -2.06
N VAL A 120 -4.55 11.47 -2.25
CA VAL A 120 -3.35 11.21 -3.02
C VAL A 120 -3.61 10.67 -4.40
N GLU A 121 -2.82 11.24 -5.25
CA GLU A 121 -2.81 11.00 -6.64
C GLU A 121 -1.38 10.92 -7.05
N LYS A 122 -1.12 10.72 -8.31
CA LYS A 122 0.23 10.68 -8.74
C LYS A 122 1.01 11.88 -8.30
N GLY A 123 2.29 11.69 -8.36
CA GLY A 123 3.20 12.70 -7.96
C GLY A 123 3.58 12.59 -6.51
N THR A 124 2.64 12.15 -5.71
CA THR A 124 2.82 12.05 -4.28
C THR A 124 3.67 10.84 -3.97
N PRO A 125 4.57 10.95 -3.01
CA PRO A 125 5.34 9.83 -2.55
C PRO A 125 4.50 8.91 -1.73
N VAL A 126 5.04 7.78 -1.51
CA VAL A 126 4.50 6.89 -0.53
C VAL A 126 5.65 6.35 0.27
N LEU A 127 5.36 5.92 1.45
CA LEU A 127 6.37 5.39 2.30
C LEU A 127 5.94 4.07 2.82
N VAL A 128 6.92 3.22 2.97
CA VAL A 128 6.77 2.03 3.73
C VAL A 128 8.08 1.80 4.44
N PHE A 129 8.04 1.22 5.63
CA PHE A 129 9.24 1.01 6.41
C PHE A 129 8.99 0.05 7.57
N GLY A 1 10.65 13.07 12.66
CA GLY A 1 10.30 11.68 12.32
C GLY A 1 10.88 11.26 11.00
N HIS A 2 10.27 10.27 10.36
CA HIS A 2 10.73 9.78 9.08
C HIS A 2 10.36 10.75 7.98
N MET A 3 11.35 11.55 7.59
CA MET A 3 11.18 12.59 6.58
C MET A 3 10.20 13.66 7.05
N GLU A 4 9.93 14.61 6.18
CA GLU A 4 9.05 15.72 6.50
C GLU A 4 8.15 16.10 5.31
N ASP A 5 8.42 15.49 4.18
CA ASP A 5 7.59 15.65 2.98
C ASP A 5 6.14 15.30 3.21
N THR A 6 5.37 15.69 2.25
CA THR A 6 4.02 15.24 2.12
C THR A 6 4.01 14.04 1.19
N TYR A 7 3.48 12.96 1.72
CA TYR A 7 3.54 11.68 1.06
C TYR A 7 2.49 10.74 1.61
N ILE A 8 2.58 9.50 1.21
CA ILE A 8 1.86 8.45 1.89
C ILE A 8 2.84 7.71 2.77
N GLU A 9 2.38 7.03 3.80
CA GLU A 9 3.29 6.31 4.68
C GLU A 9 2.73 4.96 5.04
N VAL A 10 3.63 4.07 5.34
CA VAL A 10 3.29 2.70 5.66
C VAL A 10 4.31 2.14 6.61
N ASP A 11 3.80 1.46 7.60
CA ASP A 11 4.63 0.73 8.52
C ASP A 11 4.32 -0.72 8.35
N LEU A 12 5.31 -1.49 7.97
CA LEU A 12 5.12 -2.90 7.74
C LEU A 12 4.96 -3.62 9.06
N GLU A 13 5.89 -3.30 9.93
CA GLU A 13 5.98 -3.86 11.26
C GLU A 13 4.69 -3.72 12.04
N ASN A 14 4.21 -2.49 12.07
CA ASN A 14 3.06 -2.11 12.86
C ASN A 14 1.87 -1.94 11.94
N GLN A 15 2.06 -2.50 10.74
CA GLN A 15 1.02 -2.63 9.71
C GLN A 15 0.05 -1.47 9.71
N HIS A 16 0.54 -0.32 9.32
CA HIS A 16 -0.25 0.91 9.34
C HIS A 16 0.20 1.84 8.24
N MET A 17 -0.73 2.26 7.42
CA MET A 17 -0.47 3.14 6.31
C MET A 17 -1.11 4.49 6.56
N TRP A 18 -0.29 5.52 6.42
CA TRP A 18 -0.70 6.88 6.64
C TRP A 18 -0.70 7.68 5.38
N TYR A 19 -1.22 8.88 5.48
CA TYR A 19 -1.01 9.89 4.48
C TYR A 19 -0.40 11.04 5.21
N TYR A 20 0.81 11.37 4.85
CA TYR A 20 1.45 12.47 5.48
C TYR A 20 1.39 13.69 4.61
N LYS A 21 1.01 14.76 5.22
CA LYS A 21 0.99 16.04 4.63
C LYS A 21 1.26 17.05 5.68
N ASP A 22 2.09 17.99 5.28
CA ASP A 22 2.49 19.08 6.13
C ASP A 22 3.37 18.55 7.22
N GLY A 23 3.86 17.36 6.92
CA GLY A 23 4.72 16.66 7.81
C GLY A 23 3.97 16.02 8.94
N LYS A 24 2.71 15.84 8.66
CA LYS A 24 1.72 15.49 9.62
C LYS A 24 0.81 14.49 8.94
N VAL A 25 -0.01 13.80 9.67
CA VAL A 25 -0.83 12.79 9.08
C VAL A 25 -2.16 13.32 8.74
N ALA A 26 -2.50 13.00 7.54
CA ALA A 26 -3.74 13.30 6.98
C ALA A 26 -4.63 12.09 7.05
N LEU A 27 -3.99 10.94 7.05
CA LEU A 27 -4.70 9.71 6.91
C LEU A 27 -3.93 8.60 7.57
N GLU A 28 -4.63 7.64 8.10
CA GLU A 28 -4.02 6.59 8.92
C GLU A 28 -4.91 5.39 8.95
N THR A 29 -4.37 4.27 8.55
CA THR A 29 -5.09 3.06 8.69
C THR A 29 -4.17 1.89 8.90
N ASP A 30 -4.79 0.83 9.30
CA ASP A 30 -4.19 -0.43 9.52
C ASP A 30 -4.17 -1.15 8.20
N ILE A 31 -3.09 -1.86 7.96
CA ILE A 31 -2.89 -2.52 6.68
C ILE A 31 -2.22 -3.86 6.85
N VAL A 32 -1.85 -4.44 5.72
CA VAL A 32 -1.11 -5.68 5.68
C VAL A 32 -0.39 -5.81 4.36
N SER A 33 0.92 -5.90 4.43
CA SER A 33 1.77 -5.76 3.27
C SER A 33 2.95 -6.70 3.30
N GLY A 34 3.33 -7.19 2.13
CA GLY A 34 4.63 -7.78 1.96
C GLY A 34 4.83 -9.16 2.56
N LYS A 35 3.90 -10.10 2.38
CA LYS A 35 3.96 -11.40 3.02
C LYS A 35 5.33 -12.00 2.85
N PRO A 36 5.79 -12.69 3.88
CA PRO A 36 7.16 -13.19 4.04
C PRO A 36 7.89 -13.60 2.76
N THR A 37 7.17 -14.09 1.77
CA THR A 37 7.76 -14.57 0.54
C THR A 37 8.06 -13.41 -0.42
N THR A 38 7.20 -12.40 -0.37
CA THR A 38 7.37 -11.22 -1.21
C THR A 38 7.02 -9.98 -0.41
N PRO A 39 7.92 -9.62 0.49
CA PRO A 39 7.80 -8.50 1.40
C PRO A 39 7.94 -7.15 0.73
N THR A 40 7.47 -6.15 1.44
CA THR A 40 7.58 -4.78 1.02
C THR A 40 9.01 -4.30 1.17
N PRO A 41 9.36 -3.32 0.33
CA PRO A 41 10.72 -2.82 0.15
C PRO A 41 11.14 -1.84 1.23
N ALA A 42 10.29 -0.84 1.47
CA ALA A 42 10.57 0.23 2.43
C ALA A 42 11.69 1.15 1.98
N GLY A 43 11.32 2.44 1.91
CA GLY A 43 12.22 3.46 1.46
C GLY A 43 11.46 4.72 1.13
N VAL A 44 11.67 5.21 -0.06
CA VAL A 44 11.00 6.39 -0.53
C VAL A 44 10.37 6.10 -1.89
N PHE A 45 9.07 5.94 -1.87
CA PHE A 45 8.34 5.49 -3.03
C PHE A 45 7.55 6.65 -3.60
N TYR A 46 6.99 6.49 -4.79
CA TYR A 46 6.13 7.52 -5.37
C TYR A 46 5.09 6.90 -6.25
N VAL A 47 3.87 7.39 -6.16
CA VAL A 47 2.84 6.89 -7.03
C VAL A 47 3.05 7.40 -8.43
N TRP A 48 3.14 6.47 -9.36
CA TRP A 48 3.37 6.81 -10.75
C TRP A 48 2.17 6.52 -11.60
N ASN A 49 1.10 6.14 -10.97
CA ASN A 49 -0.16 5.93 -11.65
C ASN A 49 -1.30 5.82 -10.67
N LYS A 50 -2.46 6.21 -11.12
CA LYS A 50 -3.69 5.98 -10.39
C LYS A 50 -4.51 4.97 -11.11
N GLU A 51 -4.78 3.89 -10.43
CA GLU A 51 -5.55 2.82 -11.01
C GLU A 51 -6.78 2.50 -10.21
N GLU A 52 -7.87 2.78 -10.82
CA GLU A 52 -9.15 2.62 -10.23
C GLU A 52 -9.88 1.47 -10.83
N ASP A 53 -10.49 0.69 -9.98
CA ASP A 53 -11.16 -0.53 -10.41
C ASP A 53 -10.17 -1.34 -11.24
N ALA A 54 -8.94 -1.23 -10.79
CA ALA A 54 -7.81 -1.81 -11.44
C ALA A 54 -7.55 -3.21 -10.98
N THR A 55 -6.65 -3.83 -11.67
CA THR A 55 -6.31 -5.19 -11.45
C THR A 55 -4.81 -5.33 -11.28
N LEU A 56 -4.45 -5.46 -10.05
CA LEU A 56 -3.11 -5.70 -9.64
C LEU A 56 -2.73 -7.11 -9.92
N LYS A 57 -1.46 -7.33 -10.04
CA LYS A 57 -0.92 -8.58 -10.40
C LYS A 57 0.45 -8.68 -9.85
N GLY A 58 1.01 -9.86 -9.92
CA GLY A 58 2.26 -10.04 -9.27
C GLY A 58 2.77 -11.43 -9.36
N THR A 59 4.02 -11.58 -9.07
CA THR A 59 4.63 -12.86 -9.07
C THR A 59 4.72 -13.38 -7.67
N ASN A 60 3.99 -14.45 -7.52
CA ASN A 60 3.89 -15.17 -6.28
C ASN A 60 5.23 -15.52 -5.66
N ASP A 61 5.17 -16.20 -4.53
CA ASP A 61 6.35 -16.82 -3.96
C ASP A 61 7.06 -17.69 -5.00
N ASP A 62 6.33 -18.13 -6.01
CA ASP A 62 6.88 -19.07 -6.98
C ASP A 62 7.37 -18.35 -8.20
N GLY A 63 6.78 -17.19 -8.44
CA GLY A 63 6.96 -16.53 -9.69
C GLY A 63 5.77 -16.78 -10.58
N THR A 64 4.64 -16.89 -9.93
CA THR A 64 3.41 -17.14 -10.58
C THR A 64 2.55 -15.94 -10.37
N PRO A 65 2.04 -15.43 -11.44
CA PRO A 65 1.28 -14.23 -11.40
C PRO A 65 -0.04 -14.43 -10.72
N TYR A 66 -0.44 -13.37 -10.08
CA TYR A 66 -1.64 -13.33 -9.30
C TYR A 66 -2.33 -12.05 -9.63
N GLU A 67 -3.41 -11.75 -8.95
CA GLU A 67 -4.10 -10.50 -9.12
C GLU A 67 -4.65 -9.97 -7.82
N SER A 68 -4.96 -8.70 -7.88
CA SER A 68 -5.61 -7.99 -6.83
C SER A 68 -6.67 -7.08 -7.44
N PRO A 69 -7.93 -7.51 -7.43
CA PRO A 69 -9.03 -6.68 -7.88
C PRO A 69 -9.23 -5.52 -6.95
N VAL A 70 -8.77 -4.40 -7.39
CA VAL A 70 -8.74 -3.22 -6.63
C VAL A 70 -9.65 -2.18 -7.24
N ASN A 71 -9.97 -1.23 -6.42
CA ASN A 71 -10.89 -0.17 -6.72
C ASN A 71 -10.10 1.10 -6.78
N TYR A 72 -9.09 1.11 -5.95
CA TYR A 72 -8.13 2.21 -5.91
C TYR A 72 -6.72 1.67 -5.76
N TRP A 73 -5.93 1.92 -6.78
CA TRP A 73 -4.56 1.49 -6.87
C TRP A 73 -3.66 2.67 -7.05
N MET A 74 -2.59 2.67 -6.32
CA MET A 74 -1.57 3.66 -6.47
C MET A 74 -0.18 3.03 -6.43
N PRO A 75 0.30 2.56 -7.58
CA PRO A 75 1.61 1.91 -7.70
C PRO A 75 2.73 2.90 -7.56
N ILE A 76 3.78 2.45 -6.88
CA ILE A 76 4.87 3.31 -6.50
C ILE A 76 6.20 2.79 -7.01
N ASP A 77 6.20 1.53 -7.41
CA ASP A 77 7.34 0.98 -8.12
C ASP A 77 6.87 0.15 -9.30
N TRP A 78 7.81 -0.26 -10.13
CA TRP A 78 7.50 -1.03 -11.33
C TRP A 78 7.71 -2.52 -11.10
N THR A 79 7.79 -2.95 -9.86
CA THR A 79 7.88 -4.37 -9.59
C THR A 79 6.52 -4.88 -9.19
N GLY A 80 5.74 -3.97 -8.63
CA GLY A 80 4.36 -4.24 -8.37
C GLY A 80 3.92 -3.87 -6.98
N VAL A 81 4.59 -2.91 -6.38
CA VAL A 81 4.17 -2.42 -5.08
C VAL A 81 3.50 -1.05 -5.18
N GLY A 82 2.63 -0.80 -4.23
CA GLY A 82 1.90 0.46 -4.17
C GLY A 82 0.87 0.44 -3.07
N ILE A 83 -0.01 1.44 -3.06
CA ILE A 83 -1.08 1.48 -2.10
C ILE A 83 -2.37 1.05 -2.78
N HIS A 84 -3.22 0.30 -2.09
CA HIS A 84 -4.49 -0.09 -2.66
C HIS A 84 -5.54 -0.28 -1.59
N ASP A 85 -6.77 -0.33 -2.06
CA ASP A 85 -7.90 -0.66 -1.26
C ASP A 85 -8.12 -2.15 -1.40
N SER A 86 -8.50 -2.80 -0.35
CA SER A 86 -8.66 -4.21 -0.41
C SER A 86 -9.92 -4.62 0.27
N ASP A 87 -10.85 -4.95 -0.58
CA ASP A 87 -12.14 -5.39 -0.15
C ASP A 87 -12.22 -6.91 -0.09
N TRP A 88 -11.39 -7.54 -0.93
CA TRP A 88 -11.22 -9.00 -0.95
C TRP A 88 -10.51 -9.41 0.31
N GLN A 89 -9.77 -8.46 0.83
CA GLN A 89 -8.95 -8.63 1.99
C GLN A 89 -9.43 -7.70 3.05
N PRO A 90 -10.16 -8.24 3.95
CA PRO A 90 -10.81 -7.49 4.96
C PRO A 90 -9.99 -7.27 6.23
N GLU A 91 -8.75 -7.74 6.26
CA GLU A 91 -7.99 -7.59 7.48
C GLU A 91 -6.82 -6.65 7.29
N TYR A 92 -6.46 -6.02 8.39
CA TYR A 92 -5.49 -4.93 8.45
C TYR A 92 -5.04 -4.77 9.89
N GLY A 93 -3.77 -4.81 10.12
CA GLY A 93 -3.28 -4.64 11.46
C GLY A 93 -2.04 -5.43 11.69
N GLY A 94 -1.64 -5.52 12.97
CA GLY A 94 -0.50 -6.33 13.39
C GLY A 94 -0.29 -7.56 12.54
N ASP A 95 0.93 -8.07 12.48
CA ASP A 95 1.42 -8.69 11.26
C ASP A 95 0.51 -9.79 10.80
N LEU A 96 -0.24 -9.35 9.82
CA LEU A 96 -1.15 -10.16 9.09
C LEU A 96 -0.49 -10.61 7.83
N TRP A 97 0.40 -9.78 7.31
CA TRP A 97 1.03 -10.04 6.03
C TRP A 97 1.51 -11.48 5.93
N LYS A 98 2.01 -11.99 7.05
CA LYS A 98 2.59 -13.30 7.12
C LYS A 98 1.62 -14.40 6.77
N THR A 99 0.36 -14.11 6.95
CA THR A 99 -0.66 -15.10 6.71
C THR A 99 -1.54 -14.66 5.54
N ARG A 100 -1.78 -13.37 5.48
CA ARG A 100 -2.76 -12.80 4.56
C ARG A 100 -2.19 -12.62 3.16
N GLY A 101 -0.88 -12.68 3.08
CA GLY A 101 -0.24 -12.96 1.81
C GLY A 101 -0.28 -11.83 0.78
N SER A 102 -0.08 -10.59 1.19
CA SER A 102 -0.02 -9.49 0.23
C SER A 102 1.44 -9.31 -0.21
N HIS A 103 1.69 -9.25 -1.51
CA HIS A 103 3.06 -9.38 -2.04
C HIS A 103 3.68 -8.02 -2.26
N GLY A 104 3.89 -7.29 -1.17
CA GLY A 104 4.51 -6.00 -1.25
C GLY A 104 3.46 -4.93 -1.33
N CYS A 105 2.25 -5.34 -1.60
CA CYS A 105 1.14 -4.42 -1.74
C CYS A 105 0.51 -4.16 -0.38
N ILE A 106 0.18 -2.90 -0.14
CA ILE A 106 -0.35 -2.48 1.14
C ILE A 106 -1.85 -2.56 1.16
N ASN A 107 -2.35 -3.43 2.02
CA ASN A 107 -3.76 -3.69 2.13
C ASN A 107 -4.48 -2.58 2.88
N THR A 108 -4.84 -1.52 2.19
CA THR A 108 -5.57 -0.42 2.78
C THR A 108 -7.07 -0.69 2.66
N PRO A 109 -7.79 -0.40 3.73
CA PRO A 109 -9.23 -0.56 3.78
C PRO A 109 -9.91 0.24 2.70
N PRO A 110 -10.89 -0.38 2.03
CA PRO A 110 -11.58 0.20 0.87
C PRO A 110 -12.19 1.54 1.14
N SER A 111 -12.63 1.69 2.36
CA SER A 111 -13.28 2.90 2.76
C SER A 111 -12.24 3.98 3.05
N VAL A 112 -11.13 3.57 3.66
CA VAL A 112 -10.06 4.49 4.00
C VAL A 112 -9.19 4.80 2.79
N MET A 113 -9.06 3.83 1.90
CA MET A 113 -8.28 3.98 0.70
C MET A 113 -8.90 5.00 -0.22
N LYS A 114 -10.17 5.26 0.02
CA LYS A 114 -10.95 6.25 -0.71
C LYS A 114 -10.69 7.63 -0.18
N GLU A 115 -10.25 7.63 1.06
CA GLU A 115 -9.89 8.82 1.76
C GLU A 115 -8.54 9.20 1.31
N LEU A 116 -7.72 8.17 1.29
CA LEU A 116 -6.41 8.24 0.80
C LEU A 116 -6.37 8.54 -0.67
N PHE A 117 -6.84 7.61 -1.48
CA PHE A 117 -6.89 7.83 -2.92
C PHE A 117 -7.54 9.18 -3.17
N GLY A 118 -8.38 9.53 -2.20
CA GLY A 118 -9.11 10.76 -2.20
C GLY A 118 -8.20 11.97 -1.94
N MET A 119 -7.13 11.77 -1.16
CA MET A 119 -6.10 12.79 -0.97
C MET A 119 -5.01 12.68 -2.03
N VAL A 120 -4.54 11.46 -2.22
CA VAL A 120 -3.36 11.20 -2.98
C VAL A 120 -3.63 10.69 -4.36
N GLU A 121 -2.84 11.24 -5.21
CA GLU A 121 -2.82 11.01 -6.60
C GLU A 121 -1.39 10.90 -6.99
N LYS A 122 -1.12 10.70 -8.25
CA LYS A 122 0.22 10.67 -8.69
C LYS A 122 1.03 11.84 -8.23
N GLY A 123 2.30 11.63 -8.33
CA GLY A 123 3.23 12.64 -7.92
C GLY A 123 3.63 12.50 -6.48
N THR A 124 2.68 12.07 -5.66
CA THR A 124 2.86 11.95 -4.25
C THR A 124 3.77 10.76 -3.94
N PRO A 125 4.64 10.91 -2.95
CA PRO A 125 5.44 9.82 -2.49
C PRO A 125 4.63 8.85 -1.70
N VAL A 126 5.20 7.72 -1.53
CA VAL A 126 4.65 6.72 -0.69
C VAL A 126 5.76 6.16 0.16
N LEU A 127 5.50 6.03 1.41
CA LEU A 127 6.46 5.51 2.33
C LEU A 127 6.02 4.19 2.84
N VAL A 128 6.98 3.33 3.01
CA VAL A 128 6.81 2.13 3.76
C VAL A 128 8.12 1.90 4.49
N PHE A 129 8.06 1.32 5.68
CA PHE A 129 9.25 1.11 6.49
C PHE A 129 9.02 0.04 7.55
N GLY A 1 11.93 12.25 12.72
CA GLY A 1 10.80 12.06 11.79
C GLY A 1 11.26 11.70 10.40
N HIS A 2 10.64 10.68 9.80
CA HIS A 2 11.04 10.23 8.47
C HIS A 2 10.57 11.22 7.41
N MET A 3 11.50 12.06 7.00
CA MET A 3 11.26 13.12 6.03
C MET A 3 10.26 14.15 6.55
N GLU A 4 9.94 15.09 5.69
CA GLU A 4 9.02 16.17 6.03
C GLU A 4 8.05 16.43 4.88
N ASP A 5 8.28 15.74 3.79
CA ASP A 5 7.44 15.79 2.60
C ASP A 5 5.99 15.48 2.89
N THR A 6 5.19 15.80 1.90
CA THR A 6 3.85 15.32 1.82
C THR A 6 3.89 14.05 1.00
N TYR A 7 3.42 12.97 1.59
CA TYR A 7 3.49 11.67 0.98
C TYR A 7 2.47 10.73 1.58
N ILE A 8 2.59 9.48 1.22
CA ILE A 8 1.88 8.43 1.90
C ILE A 8 2.86 7.68 2.77
N GLU A 9 2.39 6.93 3.76
CA GLU A 9 3.32 6.18 4.61
C GLU A 9 2.75 4.85 4.97
N VAL A 10 3.64 3.95 5.29
CA VAL A 10 3.31 2.60 5.63
C VAL A 10 4.32 2.04 6.58
N ASP A 11 3.82 1.36 7.57
CA ASP A 11 4.67 0.65 8.50
C ASP A 11 4.33 -0.82 8.40
N LEU A 12 5.25 -1.58 7.88
CA LEU A 12 5.02 -3.00 7.65
C LEU A 12 4.82 -3.71 8.96
N GLU A 13 5.76 -3.41 9.83
CA GLU A 13 5.83 -4.00 11.16
C GLU A 13 4.54 -3.84 11.93
N ASN A 14 4.10 -2.59 12.02
CA ASN A 14 2.95 -2.24 12.84
C ASN A 14 1.71 -2.22 12.00
N GLN A 15 1.93 -2.60 10.73
CA GLN A 15 0.89 -2.72 9.72
C GLN A 15 -0.02 -1.51 9.69
N HIS A 16 0.53 -0.38 9.34
CA HIS A 16 -0.23 0.88 9.37
C HIS A 16 0.22 1.79 8.23
N MET A 17 -0.72 2.20 7.42
CA MET A 17 -0.46 3.08 6.31
C MET A 17 -1.08 4.45 6.56
N TRP A 18 -0.24 5.45 6.41
CA TRP A 18 -0.60 6.83 6.67
C TRP A 18 -0.65 7.64 5.41
N TYR A 19 -1.10 8.86 5.55
CA TYR A 19 -0.91 9.87 4.53
C TYR A 19 -0.29 11.04 5.21
N TYR A 20 0.89 11.39 4.81
CA TYR A 20 1.56 12.48 5.43
C TYR A 20 1.47 13.73 4.61
N LYS A 21 1.05 14.75 5.29
CA LYS A 21 0.96 16.05 4.79
C LYS A 21 1.20 17.00 5.92
N ASP A 22 1.98 18.01 5.60
CA ASP A 22 2.34 19.05 6.53
C ASP A 22 3.26 18.49 7.57
N GLY A 23 3.75 17.32 7.22
CA GLY A 23 4.65 16.61 8.08
C GLY A 23 3.93 15.86 9.16
N LYS A 24 2.67 15.74 8.91
CA LYS A 24 1.69 15.24 9.84
C LYS A 24 0.83 14.27 9.05
N VAL A 25 -0.05 13.52 9.66
CA VAL A 25 -0.83 12.62 8.85
C VAL A 25 -2.20 13.13 8.62
N ALA A 26 -2.52 12.94 7.40
CA ALA A 26 -3.76 13.23 6.84
C ALA A 26 -4.62 12.02 6.92
N LEU A 27 -3.94 10.88 6.97
CA LEU A 27 -4.60 9.63 6.91
C LEU A 27 -3.78 8.60 7.64
N GLU A 28 -4.44 7.57 8.11
CA GLU A 28 -3.82 6.54 8.94
C GLU A 28 -4.73 5.35 9.01
N THR A 29 -4.23 4.22 8.59
CA THR A 29 -5.00 3.02 8.73
C THR A 29 -4.13 1.82 8.94
N ASP A 30 -4.79 0.77 9.32
CA ASP A 30 -4.21 -0.50 9.52
C ASP A 30 -4.21 -1.21 8.20
N ILE A 31 -3.14 -1.92 7.94
CA ILE A 31 -2.95 -2.58 6.67
C ILE A 31 -2.29 -3.93 6.84
N VAL A 32 -1.92 -4.51 5.71
CA VAL A 32 -1.22 -5.77 5.67
C VAL A 32 -0.49 -5.90 4.34
N SER A 33 0.83 -5.96 4.43
CA SER A 33 1.71 -5.84 3.28
C SER A 33 2.92 -6.76 3.37
N GLY A 34 3.35 -7.23 2.21
CA GLY A 34 4.69 -7.77 2.11
C GLY A 34 4.95 -9.10 2.80
N LYS A 35 4.07 -10.10 2.65
CA LYS A 35 4.17 -11.36 3.36
C LYS A 35 5.59 -11.89 3.31
N PRO A 36 6.03 -12.52 4.40
CA PRO A 36 7.40 -12.97 4.64
C PRO A 36 8.17 -13.52 3.43
N THR A 37 7.45 -14.08 2.47
CA THR A 37 8.06 -14.65 1.28
C THR A 37 8.25 -13.58 0.21
N THR A 38 7.34 -12.62 0.18
CA THR A 38 7.37 -11.55 -0.80
C THR A 38 7.03 -10.22 -0.12
N PRO A 39 7.97 -9.77 0.68
CA PRO A 39 7.87 -8.58 1.52
C PRO A 39 7.94 -7.28 0.74
N THR A 40 7.50 -6.24 1.44
CA THR A 40 7.58 -4.89 0.98
C THR A 40 9.01 -4.38 1.09
N PRO A 41 9.35 -3.43 0.23
CA PRO A 41 10.70 -2.93 0.03
C PRO A 41 11.14 -1.91 1.09
N ALA A 42 10.29 -0.93 1.34
CA ALA A 42 10.56 0.14 2.30
C ALA A 42 11.67 1.08 1.86
N GLY A 43 11.31 2.35 1.80
CA GLY A 43 12.22 3.39 1.36
C GLY A 43 11.49 4.67 1.03
N VAL A 44 11.66 5.13 -0.19
CA VAL A 44 11.02 6.32 -0.66
C VAL A 44 10.33 6.02 -1.99
N PHE A 45 9.02 5.96 -1.93
CA PHE A 45 8.22 5.49 -3.03
C PHE A 45 7.44 6.65 -3.63
N TYR A 46 6.95 6.49 -4.85
CA TYR A 46 6.12 7.52 -5.47
C TYR A 46 5.11 6.91 -6.40
N VAL A 47 3.87 7.38 -6.32
CA VAL A 47 2.85 6.89 -7.22
C VAL A 47 3.06 7.43 -8.62
N TRP A 48 3.12 6.52 -9.57
CA TRP A 48 3.34 6.87 -10.96
C TRP A 48 2.11 6.66 -11.79
N ASN A 49 1.05 6.25 -11.14
CA ASN A 49 -0.22 6.04 -11.80
C ASN A 49 -1.35 5.92 -10.78
N LYS A 50 -2.50 6.39 -11.19
CA LYS A 50 -3.72 6.18 -10.44
C LYS A 50 -4.57 5.19 -11.16
N GLU A 51 -4.68 4.04 -10.59
CA GLU A 51 -5.45 2.98 -11.16
C GLU A 51 -6.72 2.76 -10.41
N GLU A 52 -7.78 2.93 -11.12
CA GLU A 52 -9.08 2.74 -10.57
C GLU A 52 -9.78 1.61 -11.24
N ASP A 53 -10.50 0.93 -10.38
CA ASP A 53 -11.25 -0.28 -10.70
C ASP A 53 -10.26 -1.26 -11.30
N ALA A 54 -9.04 -1.07 -10.87
CA ALA A 54 -7.89 -1.68 -11.48
C ALA A 54 -7.65 -3.07 -10.99
N THR A 55 -6.76 -3.70 -11.68
CA THR A 55 -6.43 -5.06 -11.45
C THR A 55 -4.95 -5.20 -11.21
N LEU A 56 -4.65 -5.34 -9.97
CA LEU A 56 -3.34 -5.58 -9.51
C LEU A 56 -2.92 -6.96 -9.86
N LYS A 57 -1.65 -7.14 -9.94
CA LYS A 57 -1.07 -8.34 -10.37
C LYS A 57 0.29 -8.44 -9.77
N GLY A 58 0.93 -9.56 -9.92
CA GLY A 58 2.18 -9.72 -9.25
C GLY A 58 2.73 -11.09 -9.35
N THR A 59 3.97 -11.24 -8.98
CA THR A 59 4.59 -12.51 -8.98
C THR A 59 4.44 -13.16 -7.64
N ASN A 60 3.81 -14.30 -7.75
CA ASN A 60 3.61 -15.22 -6.66
C ASN A 60 4.89 -15.52 -5.90
N ASP A 61 4.79 -16.37 -4.91
CA ASP A 61 5.96 -16.91 -4.26
C ASP A 61 6.91 -17.54 -5.29
N ASP A 62 6.36 -17.94 -6.45
CA ASP A 62 7.13 -18.70 -7.44
C ASP A 62 7.66 -17.79 -8.52
N GLY A 63 6.94 -16.72 -8.77
CA GLY A 63 7.20 -15.93 -9.94
C GLY A 63 6.12 -16.14 -10.97
N THR A 64 4.93 -16.38 -10.46
CA THR A 64 3.77 -16.57 -11.26
C THR A 64 2.83 -15.49 -10.91
N PRO A 65 2.31 -14.83 -11.88
CA PRO A 65 1.49 -13.70 -11.66
C PRO A 65 0.18 -14.04 -10.96
N TYR A 66 -0.35 -13.04 -10.33
CA TYR A 66 -1.59 -13.12 -9.61
C TYR A 66 -2.40 -11.89 -9.96
N GLU A 67 -3.47 -11.66 -9.27
CA GLU A 67 -4.25 -10.44 -9.41
C GLU A 67 -4.90 -10.04 -8.11
N SER A 68 -5.15 -8.76 -8.03
CA SER A 68 -5.74 -8.16 -6.89
C SER A 68 -6.71 -7.05 -7.34
N PRO A 69 -8.00 -7.38 -7.39
CA PRO A 69 -9.07 -6.48 -7.83
C PRO A 69 -9.30 -5.31 -6.90
N VAL A 70 -8.90 -4.18 -7.35
CA VAL A 70 -8.94 -2.97 -6.61
C VAL A 70 -9.84 -1.95 -7.30
N ASN A 71 -10.26 -0.98 -6.54
CA ASN A 71 -10.95 0.18 -7.06
C ASN A 71 -9.95 1.29 -7.15
N TYR A 72 -9.12 1.34 -6.13
CA TYR A 72 -8.15 2.43 -6.02
C TYR A 72 -6.76 1.87 -5.87
N TRP A 73 -5.98 2.11 -6.88
CA TRP A 73 -4.61 1.65 -6.95
C TRP A 73 -3.68 2.81 -7.15
N MET A 74 -2.61 2.78 -6.42
CA MET A 74 -1.59 3.76 -6.59
C MET A 74 -0.22 3.12 -6.57
N PRO A 75 0.25 2.62 -7.73
CA PRO A 75 1.55 1.96 -7.86
C PRO A 75 2.68 2.94 -7.74
N ILE A 76 3.72 2.49 -7.06
CA ILE A 76 4.84 3.32 -6.68
C ILE A 76 6.14 2.75 -7.20
N ASP A 77 6.08 1.48 -7.57
CA ASP A 77 7.22 0.80 -8.15
C ASP A 77 6.77 0.01 -9.37
N TRP A 78 7.71 -0.51 -10.15
CA TRP A 78 7.36 -1.20 -11.38
C TRP A 78 7.38 -2.73 -11.25
N THR A 79 7.43 -3.26 -10.05
CA THR A 79 7.30 -4.71 -9.91
C THR A 79 5.87 -5.01 -9.56
N GLY A 80 5.26 -4.05 -8.90
CA GLY A 80 3.86 -4.12 -8.63
C GLY A 80 3.50 -3.72 -7.23
N VAL A 81 4.28 -2.83 -6.66
CA VAL A 81 3.99 -2.34 -5.33
C VAL A 81 3.36 -0.97 -5.38
N GLY A 82 2.52 -0.70 -4.40
CA GLY A 82 1.86 0.58 -4.29
C GLY A 82 0.85 0.59 -3.17
N ILE A 83 -0.02 1.59 -3.16
CA ILE A 83 -1.07 1.65 -2.18
C ILE A 83 -2.37 1.23 -2.82
N HIS A 84 -3.16 0.46 -2.11
CA HIS A 84 -4.45 0.05 -2.63
C HIS A 84 -5.44 -0.22 -1.54
N ASP A 85 -6.67 -0.42 -1.97
CA ASP A 85 -7.76 -0.78 -1.15
C ASP A 85 -7.86 -2.29 -1.15
N SER A 86 -8.34 -2.85 -0.07
CA SER A 86 -8.47 -4.27 0.01
C SER A 86 -9.80 -4.64 0.55
N ASP A 87 -10.62 -5.02 -0.37
CA ASP A 87 -11.93 -5.49 -0.08
C ASP A 87 -11.96 -7.01 -0.01
N TRP A 88 -11.08 -7.62 -0.83
CA TRP A 88 -10.89 -9.08 -0.81
C TRP A 88 -10.16 -9.45 0.45
N GLN A 89 -9.41 -8.49 0.93
CA GLN A 89 -8.65 -8.60 2.16
C GLN A 89 -9.26 -7.70 3.18
N PRO A 90 -10.10 -8.27 3.97
CA PRO A 90 -10.83 -7.57 4.95
C PRO A 90 -10.08 -7.39 6.26
N GLU A 91 -8.84 -7.85 6.31
CA GLU A 91 -8.08 -7.70 7.53
C GLU A 91 -6.92 -6.78 7.31
N TYR A 92 -6.57 -6.07 8.37
CA TYR A 92 -5.57 -5.02 8.38
C TYR A 92 -5.16 -4.76 9.81
N GLY A 93 -3.89 -4.84 10.08
CA GLY A 93 -3.45 -4.62 11.43
C GLY A 93 -2.25 -5.47 11.74
N GLY A 94 -1.94 -5.55 13.05
CA GLY A 94 -0.87 -6.42 13.55
C GLY A 94 -0.63 -7.62 12.68
N ASP A 95 0.61 -8.10 12.65
CA ASP A 95 1.15 -8.69 11.43
C ASP A 95 0.30 -9.80 10.91
N LEU A 96 -0.43 -9.39 9.90
CA LEU A 96 -1.28 -10.21 9.13
C LEU A 96 -0.55 -10.62 7.90
N TRP A 97 0.31 -9.75 7.42
CA TRP A 97 1.03 -10.00 6.18
C TRP A 97 1.58 -11.41 6.12
N LYS A 98 2.03 -11.87 7.28
CA LYS A 98 2.68 -13.16 7.41
C LYS A 98 1.79 -14.30 7.00
N THR A 99 0.51 -14.09 7.12
CA THR A 99 -0.43 -15.13 6.84
C THR A 99 -1.25 -14.77 5.61
N ARG A 100 -1.55 -13.49 5.51
CA ARG A 100 -2.52 -13.01 4.53
C ARG A 100 -1.91 -12.81 3.16
N GLY A 101 -0.59 -12.80 3.13
CA GLY A 101 0.12 -13.07 1.88
C GLY A 101 0.11 -11.94 0.86
N SER A 102 0.27 -10.70 1.30
CA SER A 102 0.36 -9.57 0.37
C SER A 102 1.78 -9.49 -0.21
N HIS A 103 1.90 -9.17 -1.48
CA HIS A 103 3.20 -9.24 -2.16
C HIS A 103 3.76 -7.84 -2.39
N GLY A 104 4.12 -7.19 -1.30
CA GLY A 104 4.66 -5.85 -1.38
C GLY A 104 3.56 -4.82 -1.41
N CYS A 105 2.34 -5.31 -1.54
CA CYS A 105 1.19 -4.46 -1.70
C CYS A 105 0.52 -4.19 -0.36
N ILE A 106 0.18 -2.94 -0.14
CA ILE A 106 -0.35 -2.50 1.14
C ILE A 106 -1.85 -2.48 1.09
N ASN A 107 -2.45 -3.35 1.87
CA ASN A 107 -3.88 -3.50 1.89
C ASN A 107 -4.56 -2.48 2.78
N THR A 108 -4.96 -1.37 2.18
CA THR A 108 -5.67 -0.32 2.86
C THR A 108 -7.16 -0.56 2.72
N PRO A 109 -7.89 -0.38 3.81
CA PRO A 109 -9.32 -0.58 3.83
C PRO A 109 -10.00 0.20 2.73
N PRO A 110 -10.94 -0.44 2.03
CA PRO A 110 -11.59 0.12 0.84
C PRO A 110 -12.22 1.47 1.09
N SER A 111 -12.66 1.62 2.31
CA SER A 111 -13.30 2.83 2.71
C SER A 111 -12.27 3.91 3.00
N VAL A 112 -11.17 3.49 3.60
CA VAL A 112 -10.08 4.40 3.93
C VAL A 112 -9.22 4.71 2.70
N MET A 113 -9.16 3.78 1.77
CA MET A 113 -8.39 3.96 0.56
C MET A 113 -9.01 5.05 -0.29
N LYS A 114 -10.28 5.32 -0.03
CA LYS A 114 -11.04 6.39 -0.66
C LYS A 114 -10.69 7.73 -0.09
N GLU A 115 -10.22 7.66 1.13
CA GLU A 115 -9.81 8.80 1.87
C GLU A 115 -8.48 9.19 1.39
N LEU A 116 -7.68 8.15 1.30
CA LEU A 116 -6.38 8.21 0.79
C LEU A 116 -6.36 8.54 -0.67
N PHE A 117 -6.84 7.64 -1.51
CA PHE A 117 -6.91 7.90 -2.93
C PHE A 117 -7.54 9.26 -3.14
N GLY A 118 -8.36 9.61 -2.15
CA GLY A 118 -9.06 10.85 -2.12
C GLY A 118 -8.15 12.03 -1.84
N MET A 119 -7.08 11.80 -1.07
CA MET A 119 -6.04 12.81 -0.86
C MET A 119 -4.96 12.74 -1.93
N VAL A 120 -4.48 11.53 -2.14
CA VAL A 120 -3.30 11.30 -2.94
C VAL A 120 -3.58 10.85 -4.33
N GLU A 121 -2.78 11.44 -5.18
CA GLU A 121 -2.77 11.21 -6.56
C GLU A 121 -1.35 11.10 -6.98
N LYS A 122 -1.12 10.90 -8.26
CA LYS A 122 0.21 10.82 -8.73
C LYS A 122 1.08 11.96 -8.34
N GLY A 123 2.33 11.67 -8.37
CA GLY A 123 3.32 12.60 -7.94
C GLY A 123 3.29 12.88 -6.46
N THR A 124 2.66 11.99 -5.73
CA THR A 124 2.81 11.93 -4.31
C THR A 124 3.71 10.76 -3.99
N PRO A 125 4.58 10.89 -3.02
CA PRO A 125 5.36 9.79 -2.55
C PRO A 125 4.52 8.87 -1.72
N VAL A 126 5.04 7.72 -1.52
CA VAL A 126 4.51 6.83 -0.54
C VAL A 126 5.67 6.28 0.23
N LEU A 127 5.39 5.89 1.41
CA LEU A 127 6.40 5.35 2.26
C LEU A 127 5.99 4.02 2.78
N VAL A 128 6.95 3.17 2.92
CA VAL A 128 6.81 1.97 3.67
C VAL A 128 8.12 1.72 4.39
N PHE A 129 8.05 1.13 5.57
CA PHE A 129 9.24 0.92 6.38
C PHE A 129 8.94 -0.02 7.54
N GLY A 1 8.68 13.64 10.68
CA GLY A 1 9.32 12.44 11.25
C GLY A 1 10.25 11.78 10.25
N HIS A 2 9.71 10.84 9.50
CA HIS A 2 10.44 10.21 8.42
C HIS A 2 10.38 11.09 7.20
N MET A 3 11.34 11.99 7.14
CA MET A 3 11.37 13.09 6.18
C MET A 3 10.35 14.14 6.53
N GLU A 4 10.30 15.17 5.72
CA GLU A 4 9.48 16.32 5.95
C GLU A 4 8.43 16.47 4.86
N ASP A 5 8.54 15.64 3.86
CA ASP A 5 7.63 15.65 2.72
C ASP A 5 6.18 15.38 3.08
N THR A 6 5.37 15.68 2.12
CA THR A 6 4.00 15.25 2.08
C THR A 6 3.94 14.04 1.18
N TYR A 7 3.46 12.95 1.72
CA TYR A 7 3.52 11.66 1.09
C TYR A 7 2.48 10.73 1.64
N ILE A 8 2.58 9.48 1.25
CA ILE A 8 1.87 8.42 1.91
C ILE A 8 2.85 7.68 2.78
N GLU A 9 2.40 7.00 3.81
CA GLU A 9 3.31 6.27 4.68
C GLU A 9 2.75 4.92 5.02
N VAL A 10 3.63 4.03 5.33
CA VAL A 10 3.29 2.66 5.65
C VAL A 10 4.30 2.09 6.62
N ASP A 11 3.80 1.41 7.59
CA ASP A 11 4.61 0.67 8.51
C ASP A 11 4.29 -0.78 8.36
N LEU A 12 5.28 -1.55 7.98
CA LEU A 12 5.10 -2.97 7.76
C LEU A 12 4.90 -3.68 9.07
N GLU A 13 5.80 -3.37 9.98
CA GLU A 13 5.85 -3.95 11.30
C GLU A 13 4.54 -3.79 12.05
N ASN A 14 4.09 -2.54 12.11
CA ASN A 14 2.91 -2.18 12.87
C ASN A 14 1.74 -2.11 11.95
N GLN A 15 1.97 -2.59 10.72
CA GLN A 15 0.93 -2.70 9.69
C GLN A 15 -0.02 -1.50 9.71
N HIS A 16 0.49 -0.37 9.28
CA HIS A 16 -0.27 0.87 9.33
C HIS A 16 0.19 1.80 8.21
N MET A 17 -0.75 2.22 7.39
CA MET A 17 -0.48 3.11 6.30
C MET A 17 -1.11 4.47 6.55
N TRP A 18 -0.27 5.48 6.42
CA TRP A 18 -0.65 6.86 6.67
C TRP A 18 -0.69 7.67 5.42
N TYR A 19 -1.15 8.89 5.55
CA TYR A 19 -0.97 9.89 4.53
C TYR A 19 -0.35 11.07 5.21
N TYR A 20 0.84 11.40 4.83
CA TYR A 20 1.49 12.51 5.45
C TYR A 20 1.41 13.74 4.60
N LYS A 21 0.98 14.78 5.24
CA LYS A 21 0.94 16.07 4.69
C LYS A 21 1.15 17.02 5.81
N ASP A 22 1.93 18.04 5.51
CA ASP A 22 2.24 19.08 6.45
C ASP A 22 3.18 18.55 7.49
N GLY A 23 3.67 17.36 7.16
CA GLY A 23 4.61 16.68 7.99
C GLY A 23 3.92 15.90 9.08
N LYS A 24 2.65 15.77 8.87
CA LYS A 24 1.71 15.24 9.80
C LYS A 24 0.81 14.32 9.00
N VAL A 25 -0.08 13.56 9.61
CA VAL A 25 -0.87 12.68 8.80
C VAL A 25 -2.24 13.20 8.58
N ALA A 26 -2.58 12.99 7.37
CA ALA A 26 -3.82 13.29 6.82
C ALA A 26 -4.68 12.07 6.92
N LEU A 27 -4.00 10.94 6.96
CA LEU A 27 -4.66 9.68 6.90
C LEU A 27 -3.85 8.66 7.63
N GLU A 28 -4.51 7.62 8.09
CA GLU A 28 -3.89 6.58 8.90
C GLU A 28 -4.81 5.39 8.98
N THR A 29 -4.32 4.25 8.56
CA THR A 29 -5.07 3.06 8.72
C THR A 29 -4.18 1.87 8.94
N ASP A 30 -4.81 0.81 9.36
CA ASP A 30 -4.18 -0.47 9.52
C ASP A 30 -4.17 -1.11 8.16
N ILE A 31 -3.15 -1.86 7.91
CA ILE A 31 -2.97 -2.53 6.64
C ILE A 31 -2.33 -3.89 6.81
N VAL A 32 -2.00 -4.48 5.69
CA VAL A 32 -1.28 -5.75 5.67
C VAL A 32 -0.50 -5.85 4.37
N SER A 33 0.81 -5.94 4.51
CA SER A 33 1.72 -5.76 3.40
C SER A 33 2.93 -6.69 3.44
N GLY A 34 3.34 -7.16 2.27
CA GLY A 34 4.68 -7.70 2.13
C GLY A 34 4.94 -9.06 2.76
N LYS A 35 4.06 -10.05 2.54
CA LYS A 35 4.16 -11.36 3.16
C LYS A 35 5.58 -11.89 3.13
N PRO A 36 5.91 -12.65 4.16
CA PRO A 36 7.24 -13.24 4.38
C PRO A 36 7.97 -13.72 3.12
N THR A 37 7.21 -14.16 2.11
CA THR A 37 7.80 -14.67 0.89
C THR A 37 8.15 -13.53 -0.05
N THR A 38 7.32 -12.51 -0.05
CA THR A 38 7.52 -11.36 -0.91
C THR A 38 7.16 -10.08 -0.17
N PRO A 39 8.04 -9.70 0.74
CA PRO A 39 7.91 -8.54 1.61
C PRO A 39 8.03 -7.22 0.89
N THR A 40 7.54 -6.21 1.57
CA THR A 40 7.62 -4.85 1.13
C THR A 40 9.05 -4.33 1.23
N PRO A 41 9.36 -3.38 0.36
CA PRO A 41 10.70 -2.86 0.13
C PRO A 41 11.14 -1.86 1.18
N ALA A 42 10.29 -0.86 1.44
CA ALA A 42 10.57 0.21 2.37
C ALA A 42 11.67 1.15 1.91
N GLY A 43 11.29 2.41 1.81
CA GLY A 43 12.17 3.44 1.33
C GLY A 43 11.42 4.70 1.01
N VAL A 44 11.62 5.19 -0.19
CA VAL A 44 10.99 6.39 -0.65
C VAL A 44 10.34 6.11 -2.00
N PHE A 45 9.05 5.88 -1.96
CA PHE A 45 8.31 5.44 -3.13
C PHE A 45 7.52 6.60 -3.68
N TYR A 46 6.94 6.45 -4.86
CA TYR A 46 6.07 7.49 -5.43
C TYR A 46 5.02 6.87 -6.29
N VAL A 47 3.82 7.40 -6.21
CA VAL A 47 2.76 6.91 -7.08
C VAL A 47 2.96 7.43 -8.49
N TRP A 48 3.10 6.49 -9.42
CA TRP A 48 3.36 6.84 -10.79
C TRP A 48 2.17 6.57 -11.69
N ASN A 49 1.08 6.17 -11.07
CA ASN A 49 -0.16 5.97 -11.76
C ASN A 49 -1.30 5.87 -10.77
N LYS A 50 -2.44 6.31 -11.19
CA LYS A 50 -3.67 6.10 -10.45
C LYS A 50 -4.54 5.13 -11.19
N GLU A 51 -4.67 3.98 -10.63
CA GLU A 51 -5.48 2.94 -11.19
C GLU A 51 -6.71 2.73 -10.38
N GLU A 52 -7.80 2.90 -11.03
CA GLU A 52 -9.07 2.76 -10.42
C GLU A 52 -9.82 1.63 -11.06
N ASP A 53 -10.53 0.94 -10.18
CA ASP A 53 -11.28 -0.25 -10.51
C ASP A 53 -10.35 -1.25 -11.16
N ALA A 54 -9.10 -1.09 -10.81
CA ALA A 54 -8.00 -1.73 -11.46
C ALA A 54 -7.77 -3.13 -10.97
N THR A 55 -6.91 -3.79 -11.67
CA THR A 55 -6.59 -5.16 -11.39
C THR A 55 -5.10 -5.33 -11.28
N LEU A 56 -4.70 -5.42 -10.06
CA LEU A 56 -3.35 -5.66 -9.70
C LEU A 56 -2.97 -7.06 -9.98
N LYS A 57 -1.70 -7.25 -10.11
CA LYS A 57 -1.16 -8.51 -10.39
C LYS A 57 0.15 -8.61 -9.68
N GLY A 58 0.83 -9.69 -9.85
CA GLY A 58 2.08 -9.78 -9.15
C GLY A 58 2.91 -10.96 -9.53
N THR A 59 3.67 -11.39 -8.54
CA THR A 59 4.39 -12.61 -8.58
C THR A 59 4.36 -13.22 -7.22
N ASN A 60 3.83 -14.40 -7.22
CA ASN A 60 3.73 -15.23 -6.04
C ASN A 60 5.09 -15.43 -5.40
N ASP A 61 5.11 -16.18 -4.33
CA ASP A 61 6.36 -16.61 -3.75
C ASP A 61 7.20 -17.35 -4.78
N ASP A 62 6.51 -17.90 -5.77
CA ASP A 62 7.14 -18.70 -6.82
C ASP A 62 7.60 -17.85 -7.97
N GLY A 63 6.94 -16.74 -8.15
CA GLY A 63 7.14 -15.97 -9.34
C GLY A 63 6.04 -16.22 -10.33
N THR A 64 4.87 -16.48 -9.78
CA THR A 64 3.70 -16.74 -10.54
C THR A 64 2.76 -15.65 -10.24
N PRO A 65 2.26 -15.01 -11.25
CA PRO A 65 1.46 -13.86 -11.09
C PRO A 65 0.15 -14.16 -10.40
N TYR A 66 -0.42 -13.11 -9.90
CA TYR A 66 -1.65 -13.15 -9.16
C TYR A 66 -2.45 -11.93 -9.56
N GLU A 67 -3.51 -11.65 -8.87
CA GLU A 67 -4.30 -10.44 -9.12
C GLU A 67 -4.93 -9.91 -7.85
N SER A 68 -5.19 -8.63 -7.90
CA SER A 68 -5.80 -7.90 -6.85
C SER A 68 -6.86 -7.00 -7.45
N PRO A 69 -8.12 -7.42 -7.42
CA PRO A 69 -9.23 -6.60 -7.86
C PRO A 69 -9.41 -5.42 -6.93
N VAL A 70 -8.94 -4.31 -7.40
CA VAL A 70 -8.89 -3.13 -6.66
C VAL A 70 -9.81 -2.10 -7.28
N ASN A 71 -10.08 -1.11 -6.49
CA ASN A 71 -10.98 -0.05 -6.80
C ASN A 71 -10.16 1.20 -6.86
N TYR A 72 -9.17 1.20 -6.02
CA TYR A 72 -8.19 2.29 -5.96
C TYR A 72 -6.78 1.73 -5.84
N TRP A 73 -6.00 2.00 -6.86
CA TRP A 73 -4.63 1.55 -6.96
C TRP A 73 -3.71 2.72 -7.14
N MET A 74 -2.65 2.70 -6.40
CA MET A 74 -1.62 3.68 -6.55
C MET A 74 -0.24 3.03 -6.52
N PRO A 75 0.25 2.57 -7.67
CA PRO A 75 1.55 1.91 -7.77
C PRO A 75 2.69 2.89 -7.63
N ILE A 76 3.72 2.44 -6.95
CA ILE A 76 4.81 3.29 -6.55
C ILE A 76 6.15 2.77 -7.05
N ASP A 77 6.17 1.50 -7.45
CA ASP A 77 7.33 0.96 -8.14
C ASP A 77 6.88 0.12 -9.34
N TRP A 78 7.84 -0.28 -10.15
CA TRP A 78 7.57 -1.03 -11.36
C TRP A 78 7.80 -2.52 -11.16
N THR A 79 7.87 -2.95 -9.91
CA THR A 79 7.94 -4.37 -9.64
C THR A 79 6.56 -4.85 -9.30
N GLY A 80 5.78 -3.92 -8.79
CA GLY A 80 4.37 -4.14 -8.62
C GLY A 80 3.88 -3.79 -7.25
N VAL A 81 4.54 -2.87 -6.59
CA VAL A 81 4.09 -2.42 -5.29
C VAL A 81 3.43 -1.06 -5.34
N GLY A 82 2.50 -0.86 -4.43
CA GLY A 82 1.84 0.43 -4.29
C GLY A 82 0.83 0.42 -3.17
N ILE A 83 -0.04 1.43 -3.15
CA ILE A 83 -1.10 1.49 -2.18
C ILE A 83 -2.39 1.09 -2.87
N HIS A 84 -3.22 0.32 -2.19
CA HIS A 84 -4.49 -0.08 -2.75
C HIS A 84 -5.54 -0.28 -1.69
N ASP A 85 -6.77 -0.32 -2.14
CA ASP A 85 -7.87 -0.65 -1.32
C ASP A 85 -8.08 -2.14 -1.43
N SER A 86 -8.37 -2.77 -0.33
CA SER A 86 -8.51 -4.19 -0.35
C SER A 86 -9.73 -4.62 0.36
N ASP A 87 -10.67 -4.98 -0.47
CA ASP A 87 -11.96 -5.40 -0.04
C ASP A 87 -12.01 -6.92 0.10
N TRP A 88 -11.19 -7.58 -0.71
CA TRP A 88 -11.01 -9.03 -0.67
C TRP A 88 -10.25 -9.42 0.58
N GLN A 89 -9.44 -8.48 1.04
CA GLN A 89 -8.55 -8.67 2.17
C GLN A 89 -8.90 -7.72 3.27
N PRO A 90 -9.91 -8.14 3.98
CA PRO A 90 -10.69 -7.32 4.87
C PRO A 90 -10.10 -7.15 6.25
N GLU A 91 -8.87 -7.62 6.42
CA GLU A 91 -8.19 -7.49 7.68
C GLU A 91 -6.99 -6.60 7.49
N TYR A 92 -6.63 -5.92 8.56
CA TYR A 92 -5.62 -4.87 8.58
C TYR A 92 -5.15 -4.69 9.99
N GLY A 93 -3.86 -4.78 10.20
CA GLY A 93 -3.35 -4.61 11.53
C GLY A 93 -2.13 -5.44 11.75
N GLY A 94 -1.74 -5.57 13.03
CA GLY A 94 -0.63 -6.43 13.45
C GLY A 94 -0.44 -7.63 12.56
N ASP A 95 0.78 -8.15 12.51
CA ASP A 95 1.28 -8.77 11.29
C ASP A 95 0.39 -9.84 10.78
N LEU A 96 -0.33 -9.41 9.79
CA LEU A 96 -1.26 -10.20 9.04
C LEU A 96 -0.60 -10.69 7.80
N TRP A 97 0.31 -9.85 7.33
CA TRP A 97 0.99 -10.06 6.07
C TRP A 97 1.58 -11.44 5.97
N LYS A 98 1.95 -11.98 7.12
CA LYS A 98 2.57 -13.27 7.21
C LYS A 98 1.66 -14.40 6.81
N THR A 99 0.38 -14.12 6.89
CA THR A 99 -0.60 -15.13 6.62
C THR A 99 -1.44 -14.71 5.42
N ARG A 100 -1.73 -13.43 5.37
CA ARG A 100 -2.65 -12.88 4.41
C ARG A 100 -2.01 -12.69 3.05
N GLY A 101 -0.70 -12.73 3.04
CA GLY A 101 0.03 -12.99 1.81
C GLY A 101 0.03 -11.86 0.79
N SER A 102 0.18 -10.63 1.25
CA SER A 102 0.29 -9.48 0.37
C SER A 102 1.71 -9.39 -0.17
N HIS A 103 1.89 -9.25 -1.46
CA HIS A 103 3.22 -9.39 -2.05
C HIS A 103 3.86 -8.05 -2.31
N GLY A 104 4.15 -7.34 -1.24
CA GLY A 104 4.81 -6.07 -1.37
C GLY A 104 3.82 -4.95 -1.39
N CYS A 105 2.58 -5.26 -1.67
CA CYS A 105 1.56 -4.23 -1.71
C CYS A 105 0.90 -4.06 -0.35
N ILE A 106 0.31 -2.90 -0.16
CA ILE A 106 -0.28 -2.53 1.11
C ILE A 106 -1.80 -2.58 1.03
N ASN A 107 -2.39 -3.40 1.87
CA ASN A 107 -3.83 -3.56 1.87
C ASN A 107 -4.51 -2.50 2.71
N THR A 108 -4.89 -1.41 2.06
CA THR A 108 -5.60 -0.32 2.70
C THR A 108 -7.08 -0.57 2.61
N PRO A 109 -7.80 -0.33 3.70
CA PRO A 109 -9.22 -0.54 3.77
C PRO A 109 -9.99 0.24 2.73
N PRO A 110 -10.90 -0.41 2.03
CA PRO A 110 -11.55 0.16 0.84
C PRO A 110 -12.10 1.53 1.08
N SER A 111 -12.67 1.70 2.25
CA SER A 111 -13.27 2.94 2.61
C SER A 111 -12.20 3.98 2.91
N VAL A 112 -11.14 3.54 3.59
CA VAL A 112 -10.06 4.45 3.96
C VAL A 112 -9.15 4.75 2.77
N MET A 113 -9.05 3.80 1.86
CA MET A 113 -8.27 3.95 0.67
C MET A 113 -8.91 5.00 -0.23
N LYS A 114 -10.17 5.22 0.01
CA LYS A 114 -10.98 6.21 -0.69
C LYS A 114 -10.72 7.59 -0.14
N GLU A 115 -10.23 7.57 1.08
CA GLU A 115 -9.85 8.76 1.79
C GLU A 115 -8.51 9.14 1.32
N LEU A 116 -7.70 8.12 1.29
CA LEU A 116 -6.38 8.18 0.80
C LEU A 116 -6.34 8.50 -0.66
N PHE A 117 -6.82 7.60 -1.48
CA PHE A 117 -6.88 7.84 -2.91
C PHE A 117 -7.55 9.20 -3.12
N GLY A 118 -8.37 9.52 -2.13
CA GLY A 118 -9.11 10.74 -2.11
C GLY A 118 -8.22 11.95 -1.83
N MET A 119 -7.11 11.74 -1.10
CA MET A 119 -6.08 12.76 -0.90
C MET A 119 -4.99 12.68 -1.96
N VAL A 120 -4.51 11.47 -2.17
CA VAL A 120 -3.33 11.23 -2.94
C VAL A 120 -3.60 10.75 -4.33
N GLU A 121 -2.80 11.33 -5.18
CA GLU A 121 -2.79 11.10 -6.56
C GLU A 121 -1.36 11.00 -6.96
N LYS A 122 -1.08 10.81 -8.23
CA LYS A 122 0.26 10.76 -8.66
C LYS A 122 1.06 11.92 -8.20
N GLY A 123 2.33 11.70 -8.28
CA GLY A 123 3.28 12.70 -7.86
C GLY A 123 3.66 12.55 -6.41
N THR A 124 2.70 12.11 -5.62
CA THR A 124 2.87 11.96 -4.20
C THR A 124 3.76 10.76 -3.91
N PRO A 125 4.64 10.88 -2.93
CA PRO A 125 5.43 9.78 -2.47
C PRO A 125 4.62 8.82 -1.68
N VAL A 126 5.18 7.67 -1.55
CA VAL A 126 4.63 6.67 -0.73
C VAL A 126 5.74 6.10 0.11
N LEU A 127 5.49 5.99 1.38
CA LEU A 127 6.46 5.46 2.28
C LEU A 127 6.03 4.15 2.81
N VAL A 128 6.98 3.30 2.97
CA VAL A 128 6.81 2.09 3.74
C VAL A 128 8.12 1.85 4.46
N PHE A 129 8.06 1.27 5.66
CA PHE A 129 9.26 1.08 6.46
C PHE A 129 9.00 0.10 7.60
N GLY A 1 8.00 9.64 12.42
CA GLY A 1 9.45 9.80 12.73
C GLY A 1 10.32 9.40 11.56
N HIS A 2 9.98 9.89 10.39
CA HIS A 2 10.66 9.50 9.16
C HIS A 2 10.36 10.52 8.07
N MET A 3 11.28 11.44 7.90
CA MET A 3 11.16 12.56 6.98
C MET A 3 10.08 13.53 7.44
N GLU A 4 9.79 14.51 6.61
CA GLU A 4 8.88 15.58 6.99
C GLU A 4 8.00 16.05 5.83
N ASP A 5 8.35 15.62 4.64
CA ASP A 5 7.55 15.89 3.44
C ASP A 5 6.14 15.36 3.49
N THR A 6 5.35 15.80 2.54
CA THR A 6 4.04 15.28 2.32
C THR A 6 4.10 14.11 1.35
N TYR A 7 3.60 12.99 1.80
CA TYR A 7 3.61 11.73 1.09
C TYR A 7 2.57 10.79 1.65
N ILE A 8 2.64 9.54 1.23
CA ILE A 8 1.92 8.49 1.90
C ILE A 8 2.90 7.72 2.78
N GLU A 9 2.43 6.96 3.75
CA GLU A 9 3.34 6.21 4.62
C GLU A 9 2.78 4.87 5.00
N VAL A 10 3.67 3.97 5.34
CA VAL A 10 3.35 2.62 5.70
C VAL A 10 4.37 2.07 6.67
N ASP A 11 3.87 1.38 7.66
CA ASP A 11 4.71 0.75 8.66
C ASP A 11 4.36 -0.72 8.70
N LEU A 12 5.29 -1.49 8.14
CA LEU A 12 5.10 -2.90 7.84
C LEU A 12 4.92 -3.71 9.08
N GLU A 13 5.73 -3.35 10.05
CA GLU A 13 5.72 -3.89 11.38
C GLU A 13 4.38 -3.77 12.05
N ASN A 14 3.91 -2.55 12.14
CA ASN A 14 2.72 -2.22 12.91
C ASN A 14 1.51 -2.26 12.02
N GLN A 15 1.81 -2.61 10.76
CA GLN A 15 0.82 -2.74 9.70
C GLN A 15 -0.10 -1.54 9.64
N HIS A 16 0.48 -0.39 9.35
CA HIS A 16 -0.28 0.86 9.35
C HIS A 16 0.21 1.75 8.22
N MET A 17 -0.72 2.22 7.44
CA MET A 17 -0.44 3.10 6.32
C MET A 17 -1.07 4.46 6.56
N TRP A 18 -0.24 5.48 6.40
CA TRP A 18 -0.61 6.86 6.64
C TRP A 18 -0.64 7.67 5.38
N TYR A 19 -1.10 8.88 5.50
CA TYR A 19 -0.86 9.88 4.49
C TYR A 19 -0.23 11.03 5.20
N TYR A 20 1.00 11.29 4.90
CA TYR A 20 1.66 12.38 5.55
C TYR A 20 1.55 13.63 4.75
N LYS A 21 1.06 14.62 5.40
CA LYS A 21 0.99 15.92 4.91
C LYS A 21 1.29 16.86 6.02
N ASP A 22 2.00 17.90 5.64
CA ASP A 22 2.32 18.98 6.52
C ASP A 22 3.24 18.48 7.59
N GLY A 23 3.78 17.31 7.28
CA GLY A 23 4.70 16.64 8.13
C GLY A 23 3.99 15.91 9.24
N LYS A 24 2.74 15.70 8.97
CA LYS A 24 1.77 15.20 9.89
C LYS A 24 0.93 14.23 9.08
N VAL A 25 -0.05 13.57 9.64
CA VAL A 25 -0.83 12.70 8.81
C VAL A 25 -2.17 13.24 8.51
N ALA A 26 -2.42 13.08 7.26
CA ALA A 26 -3.64 13.38 6.64
C ALA A 26 -4.53 12.18 6.75
N LEU A 27 -3.87 11.04 6.85
CA LEU A 27 -4.58 9.80 6.83
C LEU A 27 -3.79 8.75 7.60
N GLU A 28 -4.49 7.75 8.06
CA GLU A 28 -3.90 6.69 8.90
C GLU A 28 -4.80 5.49 8.94
N THR A 29 -4.28 4.35 8.53
CA THR A 29 -5.03 3.15 8.67
C THR A 29 -4.17 1.93 8.88
N ASP A 30 -4.85 0.91 9.27
CA ASP A 30 -4.32 -0.40 9.46
C ASP A 30 -4.31 -1.11 8.14
N ILE A 31 -3.25 -1.84 7.91
CA ILE A 31 -3.05 -2.52 6.64
C ILE A 31 -2.41 -3.88 6.84
N VAL A 32 -2.03 -4.48 5.71
CA VAL A 32 -1.30 -5.72 5.71
C VAL A 32 -0.48 -5.80 4.43
N SER A 33 0.82 -5.94 4.58
CA SER A 33 1.75 -5.78 3.46
C SER A 33 2.95 -6.71 3.51
N GLY A 34 3.36 -7.18 2.34
CA GLY A 34 4.68 -7.75 2.19
C GLY A 34 4.92 -9.11 2.81
N LYS A 35 4.01 -10.08 2.62
CA LYS A 35 4.07 -11.37 3.26
C LYS A 35 5.46 -11.96 3.15
N PRO A 36 5.87 -12.66 4.20
CA PRO A 36 7.24 -13.16 4.39
C PRO A 36 8.00 -13.59 3.13
N THR A 37 7.28 -14.11 2.14
CA THR A 37 7.88 -14.60 0.92
C THR A 37 8.21 -13.46 -0.03
N THR A 38 7.36 -12.44 -0.04
CA THR A 38 7.56 -11.28 -0.88
C THR A 38 7.19 -10.02 -0.12
N PRO A 39 8.06 -9.66 0.80
CA PRO A 39 7.92 -8.50 1.68
C PRO A 39 8.05 -7.18 0.96
N THR A 40 7.54 -6.18 1.61
CA THR A 40 7.61 -4.83 1.14
C THR A 40 9.04 -4.30 1.21
N PRO A 41 9.34 -3.38 0.30
CA PRO A 41 10.68 -2.88 0.03
C PRO A 41 11.15 -1.87 1.07
N ALA A 42 10.28 -0.89 1.36
CA ALA A 42 10.58 0.18 2.28
C ALA A 42 11.67 1.12 1.80
N GLY A 43 11.32 2.39 1.72
CA GLY A 43 12.21 3.42 1.25
C GLY A 43 11.47 4.69 0.93
N VAL A 44 11.67 5.18 -0.27
CA VAL A 44 11.03 6.38 -0.74
C VAL A 44 10.31 6.09 -2.05
N PHE A 45 9.01 5.98 -1.96
CA PHE A 45 8.20 5.51 -3.04
C PHE A 45 7.40 6.66 -3.63
N TYR A 46 6.90 6.49 -4.84
CA TYR A 46 6.06 7.51 -5.46
C TYR A 46 5.03 6.89 -6.35
N VAL A 47 3.81 7.39 -6.29
CA VAL A 47 2.78 6.89 -7.16
C VAL A 47 3.00 7.37 -8.58
N TRP A 48 3.07 6.44 -9.50
CA TRP A 48 3.32 6.77 -10.89
C TRP A 48 2.09 6.54 -11.74
N ASN A 49 1.02 6.17 -11.09
CA ASN A 49 -0.26 6.01 -11.76
C ASN A 49 -1.39 5.93 -10.77
N LYS A 50 -2.54 6.41 -11.19
CA LYS A 50 -3.77 6.20 -10.46
C LYS A 50 -4.64 5.21 -11.18
N GLU A 51 -4.76 4.07 -10.57
CA GLU A 51 -5.54 3.01 -11.11
C GLU A 51 -6.76 2.77 -10.27
N GLU A 52 -7.87 2.85 -10.92
CA GLU A 52 -9.13 2.65 -10.31
C GLU A 52 -9.85 1.50 -10.96
N ASP A 53 -10.52 0.78 -10.09
CA ASP A 53 -11.22 -0.46 -10.41
C ASP A 53 -10.23 -1.40 -11.07
N ALA A 54 -8.99 -1.18 -10.71
CA ALA A 54 -7.87 -1.77 -11.38
C ALA A 54 -7.57 -3.15 -10.89
N THR A 55 -6.74 -3.81 -11.65
CA THR A 55 -6.39 -5.16 -11.38
C THR A 55 -4.90 -5.28 -11.21
N LEU A 56 -4.55 -5.50 -9.97
CA LEU A 56 -3.21 -5.75 -9.56
C LEU A 56 -2.82 -7.15 -9.89
N LYS A 57 -1.53 -7.33 -9.99
CA LYS A 57 -0.97 -8.56 -10.37
C LYS A 57 0.38 -8.65 -9.76
N GLY A 58 0.97 -9.81 -9.78
CA GLY A 58 2.17 -9.97 -9.04
C GLY A 58 2.73 -11.34 -9.13
N THR A 59 3.96 -11.49 -8.73
CA THR A 59 4.58 -12.76 -8.73
C THR A 59 4.48 -13.40 -7.40
N ASN A 60 3.87 -14.55 -7.48
CA ASN A 60 3.70 -15.47 -6.37
C ASN A 60 5.00 -15.74 -5.63
N ASP A 61 4.94 -16.58 -4.61
CA ASP A 61 6.14 -17.03 -3.94
C ASP A 61 7.18 -17.57 -4.93
N ASP A 62 6.73 -17.98 -6.12
CA ASP A 62 7.62 -18.65 -7.05
C ASP A 62 7.94 -17.78 -8.23
N GLY A 63 7.03 -16.93 -8.57
CA GLY A 63 7.17 -16.19 -9.79
C GLY A 63 6.08 -16.51 -10.77
N THR A 64 4.90 -16.71 -10.23
CA THR A 64 3.72 -16.89 -10.99
C THR A 64 2.82 -15.76 -10.69
N PRO A 65 2.35 -15.10 -11.68
CA PRO A 65 1.55 -13.94 -11.50
C PRO A 65 0.18 -14.25 -10.94
N TYR A 66 -0.29 -13.30 -10.21
CA TYR A 66 -1.55 -13.35 -9.52
C TYR A 66 -2.30 -12.09 -9.86
N GLU A 67 -3.41 -11.85 -9.22
CA GLU A 67 -4.15 -10.61 -9.36
C GLU A 67 -4.78 -10.20 -8.06
N SER A 68 -5.04 -8.92 -7.98
CA SER A 68 -5.62 -8.29 -6.85
C SER A 68 -6.59 -7.21 -7.31
N PRO A 69 -7.90 -7.54 -7.34
CA PRO A 69 -8.96 -6.64 -7.79
C PRO A 69 -9.18 -5.47 -6.86
N VAL A 70 -8.73 -4.35 -7.31
CA VAL A 70 -8.76 -3.15 -6.57
C VAL A 70 -9.69 -2.14 -7.20
N ASN A 71 -10.03 -1.18 -6.40
CA ASN A 71 -10.92 -0.12 -6.73
C ASN A 71 -10.11 1.13 -6.79
N TYR A 72 -9.13 1.14 -5.93
CA TYR A 72 -8.17 2.24 -5.86
C TYR A 72 -6.77 1.71 -5.77
N TRP A 73 -6.01 2.01 -6.78
CA TRP A 73 -4.63 1.59 -6.90
C TRP A 73 -3.73 2.78 -7.09
N MET A 74 -2.65 2.77 -6.37
CA MET A 74 -1.63 3.75 -6.55
C MET A 74 -0.25 3.12 -6.54
N PRO A 75 0.20 2.62 -7.70
CA PRO A 75 1.50 1.95 -7.83
C PRO A 75 2.65 2.91 -7.71
N ILE A 76 3.69 2.43 -7.05
CA ILE A 76 4.85 3.22 -6.71
C ILE A 76 6.12 2.59 -7.23
N ASP A 77 6.01 1.31 -7.59
CA ASP A 77 7.12 0.58 -8.20
C ASP A 77 6.59 -0.23 -9.37
N TRP A 78 7.48 -0.67 -10.26
CA TRP A 78 7.08 -1.44 -11.44
C TRP A 78 7.14 -2.94 -11.20
N THR A 79 7.27 -3.36 -9.95
CA THR A 79 7.20 -4.77 -9.62
C THR A 79 5.76 -5.09 -9.31
N GLY A 80 5.09 -4.05 -8.87
CA GLY A 80 3.70 -4.13 -8.59
C GLY A 80 3.38 -3.73 -7.17
N VAL A 81 4.19 -2.84 -6.64
CA VAL A 81 3.96 -2.34 -5.32
C VAL A 81 3.35 -0.96 -5.36
N GLY A 82 2.53 -0.70 -4.37
CA GLY A 82 1.85 0.57 -4.28
C GLY A 82 0.86 0.59 -3.14
N ILE A 83 -0.01 1.58 -3.12
CA ILE A 83 -1.05 1.63 -2.14
C ILE A 83 -2.36 1.21 -2.79
N HIS A 84 -3.15 0.43 -2.10
CA HIS A 84 -4.42 0.00 -2.66
C HIS A 84 -5.45 -0.26 -1.59
N ASP A 85 -6.68 -0.34 -2.05
CA ASP A 85 -7.79 -0.72 -1.24
C ASP A 85 -7.94 -2.22 -1.32
N SER A 86 -8.35 -2.84 -0.26
CA SER A 86 -8.51 -4.25 -0.28
C SER A 86 -9.74 -4.66 0.47
N ASP A 87 -10.71 -4.95 -0.35
CA ASP A 87 -11.98 -5.42 0.12
C ASP A 87 -11.98 -6.95 0.14
N TRP A 88 -11.15 -7.52 -0.74
CA TRP A 88 -10.92 -8.97 -0.82
C TRP A 88 -10.13 -9.41 0.39
N GLN A 89 -9.38 -8.47 0.92
CA GLN A 89 -8.50 -8.70 2.04
C GLN A 89 -8.89 -7.81 3.18
N PRO A 90 -9.90 -8.30 3.85
CA PRO A 90 -10.73 -7.54 4.75
C PRO A 90 -10.14 -7.34 6.12
N GLU A 91 -8.91 -7.78 6.28
CA GLU A 91 -8.22 -7.62 7.53
C GLU A 91 -7.02 -6.71 7.33
N TYR A 92 -6.69 -6.00 8.39
CA TYR A 92 -5.68 -4.96 8.40
C TYR A 92 -5.26 -4.72 9.83
N GLY A 93 -3.99 -4.81 10.09
CA GLY A 93 -3.53 -4.62 11.43
C GLY A 93 -2.33 -5.46 11.70
N GLY A 94 -1.97 -5.59 12.99
CA GLY A 94 -0.88 -6.44 13.44
C GLY A 94 -0.67 -7.66 12.56
N ASP A 95 0.54 -8.19 12.54
CA ASP A 95 1.07 -8.81 11.33
C ASP A 95 0.18 -9.89 10.82
N LEU A 96 -0.52 -9.45 9.82
CA LEU A 96 -1.41 -10.25 9.04
C LEU A 96 -0.68 -10.67 7.80
N TRP A 97 0.22 -9.83 7.34
CA TRP A 97 0.91 -10.06 6.09
C TRP A 97 1.42 -11.48 5.98
N LYS A 98 1.89 -11.99 7.11
CA LYS A 98 2.51 -13.29 7.19
C LYS A 98 1.58 -14.40 6.77
N THR A 99 0.31 -14.15 6.92
CA THR A 99 -0.67 -15.15 6.62
C THR A 99 -1.48 -14.74 5.40
N ARG A 100 -1.72 -13.44 5.31
CA ARG A 100 -2.66 -12.90 4.34
C ARG A 100 -2.03 -12.68 2.98
N GLY A 101 -0.72 -12.70 2.97
CA GLY A 101 0.00 -12.95 1.73
C GLY A 101 0.05 -11.80 0.73
N SER A 102 0.23 -10.59 1.21
CA SER A 102 0.38 -9.43 0.33
C SER A 102 1.81 -9.38 -0.22
N HIS A 103 1.98 -9.20 -1.50
CA HIS A 103 3.31 -9.32 -2.12
C HIS A 103 3.89 -7.94 -2.37
N GLY A 104 4.22 -7.25 -1.28
CA GLY A 104 4.76 -5.92 -1.38
C GLY A 104 3.66 -4.89 -1.40
N CYS A 105 2.44 -5.36 -1.58
CA CYS A 105 1.31 -4.49 -1.69
C CYS A 105 0.68 -4.24 -0.32
N ILE A 106 0.21 -3.03 -0.11
CA ILE A 106 -0.34 -2.62 1.15
C ILE A 106 -1.86 -2.63 1.09
N ASN A 107 -2.46 -3.51 1.87
CA ASN A 107 -3.91 -3.64 1.89
C ASN A 107 -4.54 -2.53 2.73
N THR A 108 -4.86 -1.42 2.09
CA THR A 108 -5.56 -0.34 2.74
C THR A 108 -7.06 -0.59 2.63
N PRO A 109 -7.76 -0.35 3.72
CA PRO A 109 -9.20 -0.53 3.79
C PRO A 109 -9.90 0.23 2.69
N PRO A 110 -10.86 -0.40 2.03
CA PRO A 110 -11.56 0.14 0.85
C PRO A 110 -12.16 1.48 1.09
N SER A 111 -12.58 1.67 2.31
CA SER A 111 -13.22 2.88 2.70
C SER A 111 -12.19 3.96 2.98
N VAL A 112 -11.08 3.56 3.60
CA VAL A 112 -10.02 4.49 3.95
C VAL A 112 -9.12 4.77 2.74
N MET A 113 -9.01 3.80 1.86
CA MET A 113 -8.23 3.95 0.65
C MET A 113 -8.86 5.00 -0.25
N LYS A 114 -10.14 5.25 0.00
CA LYS A 114 -10.92 6.25 -0.69
C LYS A 114 -10.65 7.62 -0.16
N GLU A 115 -10.20 7.61 1.08
CA GLU A 115 -9.84 8.81 1.79
C GLU A 115 -8.50 9.20 1.33
N LEU A 116 -7.69 8.18 1.29
CA LEU A 116 -6.38 8.25 0.79
C LEU A 116 -6.35 8.57 -0.67
N PHE A 117 -6.82 7.65 -1.50
CA PHE A 117 -6.88 7.89 -2.92
C PHE A 117 -7.55 9.24 -3.14
N GLY A 118 -8.39 9.56 -2.17
CA GLY A 118 -9.12 10.79 -2.15
C GLY A 118 -8.22 12.00 -1.89
N MET A 119 -7.14 11.80 -1.12
CA MET A 119 -6.11 12.82 -0.94
C MET A 119 -5.04 12.74 -2.00
N VAL A 120 -4.56 11.53 -2.22
CA VAL A 120 -3.38 11.28 -3.00
C VAL A 120 -3.65 10.79 -4.38
N GLU A 121 -2.86 11.36 -5.24
CA GLU A 121 -2.85 11.13 -6.62
C GLU A 121 -1.42 11.02 -7.02
N LYS A 122 -1.15 10.84 -8.29
CA LYS A 122 0.19 10.83 -8.72
C LYS A 122 0.94 12.03 -8.27
N GLY A 123 2.22 11.88 -8.32
CA GLY A 123 3.09 12.93 -7.90
C GLY A 123 3.48 12.80 -6.45
N THR A 124 2.58 12.22 -5.66
CA THR A 124 2.78 12.08 -4.25
C THR A 124 3.65 10.87 -4.00
N PRO A 125 4.54 10.96 -3.02
CA PRO A 125 5.30 9.83 -2.60
C PRO A 125 4.47 8.90 -1.78
N VAL A 126 5.01 7.76 -1.55
CA VAL A 126 4.48 6.87 -0.57
C VAL A 126 5.65 6.33 0.21
N LEU A 127 5.39 5.94 1.40
CA LEU A 127 6.39 5.41 2.24
C LEU A 127 5.98 4.08 2.76
N VAL A 128 6.96 3.24 2.87
CA VAL A 128 6.87 2.06 3.65
C VAL A 128 8.24 1.87 4.27
N PHE A 129 8.29 1.35 5.48
CA PHE A 129 9.55 1.23 6.19
C PHE A 129 9.50 0.14 7.26
N GLY A 1 16.72 8.75 4.07
CA GLY A 1 15.80 7.70 4.57
C GLY A 1 14.36 8.18 4.62
N HIS A 2 13.91 8.59 5.79
CA HIS A 2 12.56 9.11 5.95
C HIS A 2 12.51 10.54 5.41
N MET A 3 11.35 11.18 5.50
CA MET A 3 11.19 12.48 4.88
C MET A 3 10.34 13.42 5.72
N GLU A 4 10.23 14.63 5.21
CA GLU A 4 9.43 15.68 5.80
C GLU A 4 8.43 16.17 4.77
N ASP A 5 8.58 15.62 3.59
CA ASP A 5 7.65 15.79 2.48
C ASP A 5 6.23 15.42 2.82
N THR A 6 5.39 15.77 1.91
CA THR A 6 4.04 15.32 1.88
C THR A 6 4.02 14.05 1.04
N TYR A 7 3.58 12.97 1.64
CA TYR A 7 3.62 11.68 1.02
C TYR A 7 2.58 10.77 1.63
N ILE A 8 2.65 9.52 1.24
CA ILE A 8 1.91 8.49 1.92
C ILE A 8 2.88 7.74 2.82
N GLU A 9 2.39 7.01 3.81
CA GLU A 9 3.30 6.27 4.68
C GLU A 9 2.73 4.92 5.01
N VAL A 10 3.62 4.02 5.33
CA VAL A 10 3.29 2.66 5.64
C VAL A 10 4.31 2.09 6.60
N ASP A 11 3.79 1.40 7.58
CA ASP A 11 4.61 0.68 8.51
C ASP A 11 4.30 -0.78 8.37
N LEU A 12 5.28 -1.55 7.98
CA LEU A 12 5.10 -2.97 7.78
C LEU A 12 4.90 -3.67 9.10
N GLU A 13 5.79 -3.33 10.01
CA GLU A 13 5.84 -3.89 11.34
C GLU A 13 4.53 -3.74 12.08
N ASN A 14 4.07 -2.51 12.13
CA ASN A 14 2.87 -2.14 12.88
C ASN A 14 1.72 -2.08 11.94
N GLN A 15 1.96 -2.58 10.73
CA GLN A 15 0.94 -2.69 9.68
C GLN A 15 0.00 -1.50 9.68
N HIS A 16 0.51 -0.36 9.29
CA HIS A 16 -0.26 0.88 9.34
C HIS A 16 0.20 1.81 8.23
N MET A 17 -0.74 2.25 7.42
CA MET A 17 -0.47 3.13 6.31
C MET A 17 -1.10 4.50 6.57
N TRP A 18 -0.26 5.51 6.43
CA TRP A 18 -0.63 6.89 6.71
C TRP A 18 -0.63 7.72 5.45
N TYR A 19 -1.08 8.94 5.59
CA TYR A 19 -0.88 9.94 4.58
C TYR A 19 -0.25 11.12 5.25
N TYR A 20 0.95 11.45 4.86
CA TYR A 20 1.63 12.55 5.48
C TYR A 20 1.56 13.80 4.66
N LYS A 21 1.07 14.80 5.31
CA LYS A 21 0.99 16.11 4.81
C LYS A 21 1.10 17.05 5.96
N ASP A 22 1.84 18.11 5.72
CA ASP A 22 2.05 19.15 6.68
C ASP A 22 2.94 18.62 7.77
N GLY A 23 3.57 17.51 7.41
CA GLY A 23 4.48 16.83 8.28
C GLY A 23 3.75 16.04 9.33
N LYS A 24 2.52 15.84 9.02
CA LYS A 24 1.52 15.32 9.91
C LYS A 24 0.74 14.32 9.10
N VAL A 25 -0.14 13.55 9.71
CA VAL A 25 -0.89 12.65 8.90
C VAL A 25 -2.25 13.15 8.63
N ALA A 26 -2.55 12.96 7.41
CA ALA A 26 -3.79 13.26 6.82
C ALA A 26 -4.65 12.05 6.90
N LEU A 27 -3.98 10.92 6.99
CA LEU A 27 -4.63 9.67 6.91
C LEU A 27 -3.80 8.63 7.65
N GLU A 28 -4.47 7.61 8.10
CA GLU A 28 -3.85 6.56 8.93
C GLU A 28 -4.76 5.38 8.99
N THR A 29 -4.27 4.26 8.58
CA THR A 29 -5.02 3.06 8.70
C THR A 29 -4.15 1.86 8.91
N ASP A 30 -4.80 0.83 9.31
CA ASP A 30 -4.23 -0.45 9.51
C ASP A 30 -4.22 -1.15 8.19
N ILE A 31 -3.15 -1.85 7.93
CA ILE A 31 -2.95 -2.51 6.66
C ILE A 31 -2.31 -3.86 6.82
N VAL A 32 -1.95 -4.45 5.70
CA VAL A 32 -1.23 -5.71 5.68
C VAL A 32 -0.49 -5.86 4.36
N SER A 33 0.83 -5.96 4.47
CA SER A 33 1.71 -5.82 3.33
C SER A 33 2.91 -6.78 3.39
N GLY A 34 3.33 -7.25 2.23
CA GLY A 34 4.65 -7.81 2.11
C GLY A 34 4.87 -9.18 2.75
N LYS A 35 3.98 -10.16 2.55
CA LYS A 35 4.07 -11.44 3.22
C LYS A 35 5.48 -11.99 3.15
N PRO A 36 5.89 -12.69 4.19
CA PRO A 36 7.24 -13.25 4.38
C PRO A 36 7.94 -13.71 3.09
N THR A 37 7.18 -14.21 2.12
CA THR A 37 7.72 -14.72 0.88
C THR A 37 8.09 -13.58 -0.05
N THR A 38 7.25 -12.56 -0.07
CA THR A 38 7.43 -11.42 -0.94
C THR A 38 7.07 -10.13 -0.22
N PRO A 39 7.96 -9.75 0.68
CA PRO A 39 7.83 -8.58 1.55
C PRO A 39 7.94 -7.26 0.82
N THR A 40 7.48 -6.24 1.52
CA THR A 40 7.57 -4.87 1.07
C THR A 40 8.99 -4.35 1.19
N PRO A 41 9.32 -3.42 0.31
CA PRO A 41 10.67 -2.90 0.11
C PRO A 41 11.10 -1.89 1.16
N ALA A 42 10.25 -0.90 1.40
CA ALA A 42 10.53 0.19 2.34
C ALA A 42 11.65 1.10 1.86
N GLY A 43 11.30 2.38 1.75
CA GLY A 43 12.21 3.38 1.28
C GLY A 43 11.49 4.65 0.89
N VAL A 44 11.70 5.07 -0.34
CA VAL A 44 11.09 6.26 -0.85
C VAL A 44 10.37 5.93 -2.15
N PHE A 45 9.06 5.95 -2.07
CA PHE A 45 8.22 5.48 -3.13
C PHE A 45 7.43 6.63 -3.72
N TYR A 46 6.93 6.47 -4.94
CA TYR A 46 6.10 7.51 -5.56
C TYR A 46 5.04 6.90 -6.43
N VAL A 47 3.83 7.40 -6.33
CA VAL A 47 2.78 6.92 -7.20
C VAL A 47 2.98 7.44 -8.61
N TRP A 48 3.08 6.50 -9.54
CA TRP A 48 3.31 6.87 -10.92
C TRP A 48 2.09 6.62 -11.79
N ASN A 49 1.04 6.20 -11.15
CA ASN A 49 -0.24 6.00 -11.80
C ASN A 49 -1.35 5.90 -10.80
N LYS A 50 -2.51 6.34 -11.21
CA LYS A 50 -3.71 6.11 -10.46
C LYS A 50 -4.57 5.12 -11.18
N GLU A 51 -4.74 4.00 -10.57
CA GLU A 51 -5.51 2.94 -11.13
C GLU A 51 -6.76 2.68 -10.36
N GLU A 52 -7.83 2.83 -11.05
CA GLU A 52 -9.11 2.60 -10.50
C GLU A 52 -9.77 1.46 -11.18
N ASP A 53 -10.49 0.75 -10.33
CA ASP A 53 -11.20 -0.47 -10.69
C ASP A 53 -10.20 -1.43 -11.28
N ALA A 54 -8.98 -1.24 -10.83
CA ALA A 54 -7.82 -1.81 -11.42
C ALA A 54 -7.59 -3.22 -10.94
N THR A 55 -6.68 -3.84 -11.61
CA THR A 55 -6.33 -5.19 -11.33
C THR A 55 -4.85 -5.30 -11.18
N LEU A 56 -4.48 -5.39 -9.95
CA LEU A 56 -3.14 -5.61 -9.54
C LEU A 56 -2.75 -7.00 -9.84
N LYS A 57 -1.48 -7.19 -9.97
CA LYS A 57 -0.94 -8.43 -10.31
C LYS A 57 0.41 -8.52 -9.69
N GLY A 58 1.12 -9.58 -9.95
CA GLY A 58 2.43 -9.65 -9.37
C GLY A 58 3.21 -10.86 -9.71
N THR A 59 3.93 -11.30 -8.71
CA THR A 59 4.63 -12.53 -8.72
C THR A 59 4.55 -13.14 -7.37
N ASN A 60 4.06 -14.33 -7.40
CA ASN A 60 3.93 -15.18 -6.23
C ASN A 60 5.25 -15.34 -5.50
N ASP A 61 5.22 -16.10 -4.44
CA ASP A 61 6.44 -16.49 -3.76
C ASP A 61 7.45 -17.09 -4.73
N ASP A 62 6.98 -17.62 -5.85
CA ASP A 62 7.86 -18.31 -6.80
C ASP A 62 8.17 -17.45 -7.99
N GLY A 63 7.26 -16.60 -8.33
CA GLY A 63 7.40 -15.86 -9.55
C GLY A 63 6.33 -16.22 -10.54
N THR A 64 5.14 -16.43 -10.01
CA THR A 64 3.97 -16.67 -10.79
C THR A 64 3.02 -15.57 -10.46
N PRO A 65 2.52 -14.92 -11.45
CA PRO A 65 1.70 -13.77 -11.25
C PRO A 65 0.39 -14.09 -10.56
N TYR A 66 -0.17 -13.05 -10.03
CA TYR A 66 -1.39 -13.12 -9.25
C TYR A 66 -2.21 -11.90 -9.62
N GLU A 67 -3.25 -11.63 -8.87
CA GLU A 67 -4.04 -10.42 -9.06
C GLU A 67 -4.62 -9.90 -7.76
N SER A 68 -4.96 -8.64 -7.81
CA SER A 68 -5.61 -7.92 -6.77
C SER A 68 -6.68 -7.02 -7.38
N PRO A 69 -7.94 -7.46 -7.35
CA PRO A 69 -9.07 -6.65 -7.79
C PRO A 69 -9.29 -5.48 -6.86
N VAL A 70 -8.86 -4.34 -7.32
CA VAL A 70 -8.87 -3.15 -6.59
C VAL A 70 -9.77 -2.13 -7.27
N ASN A 71 -10.21 -1.15 -6.51
CA ASN A 71 -10.90 -0.01 -7.05
C ASN A 71 -9.93 1.12 -7.11
N TYR A 72 -9.11 1.18 -6.09
CA TYR A 72 -8.17 2.29 -5.97
C TYR A 72 -6.76 1.76 -5.81
N TRP A 73 -5.98 2.03 -6.83
CA TRP A 73 -4.61 1.61 -6.91
C TRP A 73 -3.70 2.79 -7.10
N MET A 74 -2.63 2.76 -6.37
CA MET A 74 -1.61 3.75 -6.54
C MET A 74 -0.22 3.12 -6.53
N PRO A 75 0.25 2.64 -7.70
CA PRO A 75 1.55 1.97 -7.83
C PRO A 75 2.70 2.95 -7.71
N ILE A 76 3.74 2.47 -7.05
CA ILE A 76 4.88 3.29 -6.69
C ILE A 76 6.17 2.72 -7.25
N ASP A 77 6.12 1.46 -7.64
CA ASP A 77 7.21 0.85 -8.36
C ASP A 77 6.67 0.04 -9.53
N TRP A 78 7.56 -0.41 -10.39
CA TRP A 78 7.18 -1.10 -11.61
C TRP A 78 7.24 -2.62 -11.44
N THR A 79 7.30 -3.09 -10.21
CA THR A 79 7.24 -4.53 -9.99
C THR A 79 5.83 -4.89 -9.58
N GLY A 80 5.19 -3.92 -8.96
CA GLY A 80 3.80 -4.07 -8.64
C GLY A 80 3.48 -3.70 -7.21
N VAL A 81 4.28 -2.83 -6.62
CA VAL A 81 3.99 -2.36 -5.30
C VAL A 81 3.39 -0.97 -5.32
N GLY A 82 2.53 -0.72 -4.37
CA GLY A 82 1.89 0.57 -4.24
C GLY A 82 0.87 0.57 -3.13
N ILE A 83 0.00 1.56 -3.12
CA ILE A 83 -1.06 1.60 -2.16
C ILE A 83 -2.35 1.17 -2.82
N HIS A 84 -3.14 0.36 -2.14
CA HIS A 84 -4.42 -0.06 -2.68
C HIS A 84 -5.42 -0.29 -1.59
N ASP A 85 -6.65 -0.43 -2.02
CA ASP A 85 -7.73 -0.79 -1.19
C ASP A 85 -7.83 -2.31 -1.21
N SER A 86 -8.29 -2.87 -0.13
CA SER A 86 -8.41 -4.30 -0.05
C SER A 86 -9.72 -4.67 0.55
N ASP A 87 -10.61 -5.02 -0.33
CA ASP A 87 -11.94 -5.42 0.04
C ASP A 87 -12.02 -6.94 0.12
N TRP A 88 -11.24 -7.59 -0.75
CA TRP A 88 -11.08 -9.05 -0.74
C TRP A 88 -10.34 -9.47 0.50
N GLN A 89 -9.55 -8.53 0.99
CA GLN A 89 -8.65 -8.77 2.11
C GLN A 89 -8.99 -7.87 3.24
N PRO A 90 -9.97 -8.31 3.96
CA PRO A 90 -10.75 -7.52 4.86
C PRO A 90 -10.10 -7.29 6.21
N GLU A 91 -8.87 -7.75 6.35
CA GLU A 91 -8.14 -7.56 7.59
C GLU A 91 -6.95 -6.66 7.36
N TYR A 92 -6.55 -6.01 8.44
CA TYR A 92 -5.54 -4.96 8.46
C TYR A 92 -5.09 -4.76 9.89
N GLY A 93 -3.82 -4.83 10.12
CA GLY A 93 -3.35 -4.64 11.46
C GLY A 93 -2.13 -5.46 11.74
N GLY A 94 -1.75 -5.54 13.02
CA GLY A 94 -0.66 -6.40 13.48
C GLY A 94 -0.46 -7.63 12.61
N ASP A 95 0.75 -8.16 12.57
CA ASP A 95 1.27 -8.79 11.37
C ASP A 95 0.36 -9.86 10.87
N LEU A 96 -0.35 -9.43 9.87
CA LEU A 96 -1.28 -10.22 9.14
C LEU A 96 -0.63 -10.71 7.89
N TRP A 97 0.26 -9.84 7.39
CA TRP A 97 0.94 -10.05 6.14
C TRP A 97 1.51 -11.44 6.02
N LYS A 98 1.93 -11.98 7.16
CA LYS A 98 2.57 -13.26 7.22
C LYS A 98 1.67 -14.39 6.79
N THR A 99 0.38 -14.15 6.87
CA THR A 99 -0.58 -15.15 6.54
C THR A 99 -1.43 -14.70 5.37
N ARG A 100 -1.74 -13.41 5.38
CA ARG A 100 -2.71 -12.84 4.45
C ARG A 100 -2.13 -12.61 3.07
N GLY A 101 -0.82 -12.64 2.99
CA GLY A 101 -0.16 -12.89 1.71
C GLY A 101 -0.13 -11.73 0.75
N SER A 102 0.10 -10.52 1.23
CA SER A 102 0.25 -9.37 0.35
C SER A 102 1.68 -9.32 -0.19
N HIS A 103 1.86 -9.10 -1.48
CA HIS A 103 3.19 -9.17 -2.09
C HIS A 103 3.75 -7.79 -2.30
N GLY A 104 4.09 -7.13 -1.19
CA GLY A 104 4.61 -5.79 -1.26
C GLY A 104 3.50 -4.78 -1.34
N CYS A 105 2.30 -5.28 -1.51
CA CYS A 105 1.13 -4.45 -1.71
C CYS A 105 0.43 -4.21 -0.38
N ILE A 106 0.18 -2.95 -0.11
CA ILE A 106 -0.34 -2.52 1.18
C ILE A 106 -1.85 -2.53 1.16
N ASN A 107 -2.41 -3.42 1.95
CA ASN A 107 -3.85 -3.59 2.00
C ASN A 107 -4.50 -2.48 2.83
N THR A 108 -4.89 -1.40 2.16
CA THR A 108 -5.61 -0.33 2.80
C THR A 108 -7.10 -0.61 2.68
N PRO A 109 -7.82 -0.37 3.76
CA PRO A 109 -9.26 -0.57 3.80
C PRO A 109 -9.95 0.20 2.70
N PRO A 110 -10.90 -0.43 2.02
CA PRO A 110 -11.57 0.11 0.82
C PRO A 110 -12.19 1.45 1.07
N SER A 111 -12.65 1.64 2.27
CA SER A 111 -13.29 2.86 2.64
C SER A 111 -12.24 3.92 2.94
N VAL A 112 -11.15 3.50 3.56
CA VAL A 112 -10.06 4.40 3.90
C VAL A 112 -9.18 4.71 2.69
N MET A 113 -9.10 3.76 1.77
CA MET A 113 -8.32 3.93 0.57
C MET A 113 -8.94 5.01 -0.30
N LYS A 114 -10.20 5.27 -0.03
CA LYS A 114 -10.98 6.32 -0.67
C LYS A 114 -10.64 7.68 -0.12
N GLU A 115 -10.17 7.63 1.09
CA GLU A 115 -9.79 8.79 1.83
C GLU A 115 -8.44 9.17 1.37
N LEU A 116 -7.65 8.14 1.29
CA LEU A 116 -6.35 8.20 0.78
C LEU A 116 -6.33 8.53 -0.68
N PHE A 117 -6.82 7.61 -1.50
CA PHE A 117 -6.90 7.86 -2.93
C PHE A 117 -7.56 9.21 -3.13
N GLY A 118 -8.36 9.57 -2.13
CA GLY A 118 -9.07 10.80 -2.11
C GLY A 118 -8.17 12.01 -1.81
N MET A 119 -7.07 11.77 -1.09
CA MET A 119 -6.04 12.79 -0.88
C MET A 119 -4.96 12.71 -1.95
N VAL A 120 -4.48 11.50 -2.15
CA VAL A 120 -3.30 11.25 -2.94
C VAL A 120 -3.57 10.76 -4.32
N GLU A 121 -2.80 11.34 -5.17
CA GLU A 121 -2.79 11.12 -6.55
C GLU A 121 -1.37 11.03 -6.97
N LYS A 122 -1.12 10.87 -8.24
CA LYS A 122 0.22 10.82 -8.69
C LYS A 122 1.03 12.01 -8.24
N GLY A 123 2.30 11.79 -8.32
CA GLY A 123 3.23 12.79 -7.91
C GLY A 123 3.63 12.65 -6.47
N THR A 124 2.70 12.17 -5.67
CA THR A 124 2.89 12.04 -4.25
C THR A 124 3.73 10.80 -3.98
N PRO A 125 4.63 10.87 -3.02
CA PRO A 125 5.37 9.74 -2.59
C PRO A 125 4.55 8.83 -1.74
N VAL A 126 5.07 7.68 -1.53
CA VAL A 126 4.56 6.82 -0.52
C VAL A 126 5.73 6.29 0.26
N LEU A 127 5.48 6.02 1.50
CA LEU A 127 6.47 5.48 2.35
C LEU A 127 6.03 4.15 2.85
N VAL A 128 6.99 3.29 2.99
CA VAL A 128 6.82 2.09 3.73
C VAL A 128 8.13 1.83 4.46
N PHE A 129 8.07 1.26 5.64
CA PHE A 129 9.26 1.05 6.44
C PHE A 129 9.02 -0.03 7.50
N GLY A 1 8.97 13.32 12.03
CA GLY A 1 9.39 11.91 12.25
C GLY A 1 10.27 11.39 11.13
N HIS A 2 9.69 10.54 10.29
CA HIS A 2 10.40 10.02 9.13
C HIS A 2 10.14 10.90 7.94
N MET A 3 11.05 11.85 7.75
CA MET A 3 10.91 12.93 6.78
C MET A 3 9.83 13.89 7.23
N GLU A 4 9.54 14.86 6.38
CA GLU A 4 8.55 15.87 6.68
C GLU A 4 7.77 16.27 5.44
N ASP A 5 8.17 15.71 4.32
CA ASP A 5 7.47 15.87 3.04
C ASP A 5 6.02 15.46 3.13
N THR A 6 5.31 15.82 2.10
CA THR A 6 3.99 15.33 1.91
C THR A 6 4.07 14.08 1.07
N TYR A 7 3.53 13.01 1.61
CA TYR A 7 3.59 11.70 0.99
C TYR A 7 2.55 10.80 1.58
N ILE A 8 2.64 9.53 1.22
CA ILE A 8 1.90 8.51 1.90
C ILE A 8 2.87 7.73 2.78
N GLU A 9 2.39 7.01 3.77
CA GLU A 9 3.30 6.26 4.63
C GLU A 9 2.73 4.92 4.99
N VAL A 10 3.62 4.02 5.31
CA VAL A 10 3.28 2.66 5.65
C VAL A 10 4.30 2.10 6.60
N ASP A 11 3.79 1.41 7.58
CA ASP A 11 4.63 0.67 8.47
C ASP A 11 4.28 -0.79 8.34
N LEU A 12 5.24 -1.58 7.94
CA LEU A 12 5.01 -2.98 7.68
C LEU A 12 4.79 -3.72 8.98
N GLU A 13 5.68 -3.43 9.89
CA GLU A 13 5.72 -4.04 11.21
C GLU A 13 4.43 -3.84 11.97
N ASN A 14 4.06 -2.59 12.08
CA ASN A 14 2.93 -2.17 12.88
C ASN A 14 1.74 -2.06 11.98
N GLN A 15 1.92 -2.57 10.76
CA GLN A 15 0.89 -2.60 9.74
C GLN A 15 -0.04 -1.40 9.79
N HIS A 16 0.48 -0.28 9.34
CA HIS A 16 -0.27 0.96 9.38
C HIS A 16 0.20 1.88 8.25
N MET A 17 -0.74 2.30 7.45
CA MET A 17 -0.48 3.16 6.32
C MET A 17 -1.09 4.53 6.56
N TRP A 18 -0.25 5.54 6.40
CA TRP A 18 -0.61 6.92 6.67
C TRP A 18 -0.65 7.73 5.42
N TYR A 19 -1.11 8.96 5.55
CA TYR A 19 -0.92 9.96 4.53
C TYR A 19 -0.27 11.13 5.19
N TYR A 20 0.93 11.44 4.81
CA TYR A 20 1.61 12.52 5.43
C TYR A 20 1.53 13.79 4.63
N LYS A 21 1.09 14.79 5.31
CA LYS A 21 1.03 16.10 4.84
C LYS A 21 1.21 17.01 6.01
N ASP A 22 1.97 18.05 5.77
CA ASP A 22 2.25 19.06 6.75
C ASP A 22 3.19 18.50 7.77
N GLY A 23 3.77 17.37 7.36
CA GLY A 23 4.71 16.66 8.17
C GLY A 23 4.01 15.84 9.23
N LYS A 24 2.75 15.67 8.97
CA LYS A 24 1.77 15.15 9.88
C LYS A 24 0.88 14.24 9.06
N VAL A 25 -0.04 13.52 9.66
CA VAL A 25 -0.83 12.66 8.84
C VAL A 25 -2.20 13.19 8.61
N ALA A 26 -2.53 12.98 7.39
CA ALA A 26 -3.78 13.29 6.83
C ALA A 26 -4.65 12.09 6.91
N LEU A 27 -3.98 10.95 6.97
CA LEU A 27 -4.65 9.71 6.89
C LEU A 27 -3.83 8.68 7.62
N GLU A 28 -4.49 7.65 8.09
CA GLU A 28 -3.86 6.62 8.92
C GLU A 28 -4.77 5.43 9.01
N THR A 29 -4.28 4.30 8.58
CA THR A 29 -5.04 3.10 8.73
C THR A 29 -4.15 1.91 8.93
N ASP A 30 -4.80 0.86 9.32
CA ASP A 30 -4.21 -0.41 9.52
C ASP A 30 -4.20 -1.14 8.21
N ILE A 31 -3.11 -1.84 7.96
CA ILE A 31 -2.91 -2.50 6.70
C ILE A 31 -2.26 -3.86 6.88
N VAL A 32 -1.89 -4.45 5.76
CA VAL A 32 -1.14 -5.70 5.75
C VAL A 32 -0.40 -5.81 4.43
N SER A 33 0.92 -5.89 4.52
CA SER A 33 1.79 -5.73 3.38
C SER A 33 2.97 -6.67 3.42
N GLY A 34 3.36 -7.14 2.23
CA GLY A 34 4.67 -7.73 2.07
C GLY A 34 4.87 -9.11 2.69
N LYS A 35 3.91 -10.03 2.52
CA LYS A 35 3.95 -11.32 3.18
C LYS A 35 5.31 -11.95 3.01
N PRO A 36 5.75 -12.65 4.04
CA PRO A 36 7.11 -13.20 4.19
C PRO A 36 7.79 -13.67 2.90
N THR A 37 7.01 -14.19 1.94
CA THR A 37 7.54 -14.71 0.71
C THR A 37 7.85 -13.58 -0.26
N THR A 38 7.03 -12.53 -0.21
CA THR A 38 7.21 -11.39 -1.08
C THR A 38 6.92 -10.10 -0.32
N PRO A 39 7.87 -9.75 0.54
CA PRO A 39 7.81 -8.59 1.43
C PRO A 39 7.96 -7.25 0.72
N THR A 40 7.53 -6.23 1.43
CA THR A 40 7.64 -4.86 0.99
C THR A 40 9.09 -4.37 1.11
N PRO A 41 9.41 -3.39 0.29
CA PRO A 41 10.76 -2.87 0.09
C PRO A 41 11.18 -1.87 1.17
N ALA A 42 10.32 -0.89 1.43
CA ALA A 42 10.58 0.19 2.37
C ALA A 42 11.68 1.13 1.92
N GLY A 43 11.31 2.40 1.85
CA GLY A 43 12.19 3.43 1.36
C GLY A 43 11.45 4.69 1.06
N VAL A 44 11.62 5.17 -0.16
CA VAL A 44 11.01 6.39 -0.62
C VAL A 44 10.30 6.10 -1.94
N PHE A 45 9.00 6.00 -1.86
CA PHE A 45 8.20 5.54 -2.96
C PHE A 45 7.39 6.68 -3.53
N TYR A 46 6.93 6.57 -4.76
CA TYR A 46 6.05 7.60 -5.35
C TYR A 46 5.07 6.98 -6.29
N VAL A 47 3.84 7.46 -6.26
CA VAL A 47 2.85 6.93 -7.16
C VAL A 47 3.05 7.47 -8.56
N TRP A 48 3.15 6.55 -9.50
CA TRP A 48 3.40 6.90 -10.89
C TRP A 48 2.21 6.64 -11.76
N ASN A 49 1.14 6.22 -11.14
CA ASN A 49 -0.12 6.02 -11.84
C ASN A 49 -1.26 5.90 -10.84
N LYS A 50 -2.43 6.32 -11.27
CA LYS A 50 -3.64 6.11 -10.53
C LYS A 50 -4.51 5.11 -11.24
N GLU A 51 -4.67 3.98 -10.62
CA GLU A 51 -5.46 2.92 -11.14
C GLU A 51 -6.68 2.70 -10.31
N GLU A 52 -7.78 2.76 -10.97
CA GLU A 52 -9.06 2.65 -10.34
C GLU A 52 -9.84 1.53 -10.95
N ASP A 53 -10.44 0.74 -10.10
CA ASP A 53 -11.09 -0.48 -10.53
C ASP A 53 -10.08 -1.29 -11.34
N ALA A 54 -8.87 -1.23 -10.83
CA ALA A 54 -7.73 -1.84 -11.44
C ALA A 54 -7.53 -3.23 -10.94
N THR A 55 -6.68 -3.92 -11.63
CA THR A 55 -6.41 -5.30 -11.34
C THR A 55 -4.92 -5.50 -11.21
N LEU A 56 -4.54 -5.60 -9.98
CA LEU A 56 -3.20 -5.87 -9.59
C LEU A 56 -2.89 -7.31 -9.83
N LYS A 57 -1.62 -7.57 -9.95
CA LYS A 57 -1.14 -8.85 -10.23
C LYS A 57 0.20 -9.00 -9.59
N GLY A 58 0.83 -10.12 -9.80
CA GLY A 58 2.15 -10.24 -9.23
C GLY A 58 2.82 -11.54 -9.50
N THR A 59 3.53 -11.98 -8.48
CA THR A 59 4.14 -13.26 -8.45
C THR A 59 4.04 -13.82 -7.06
N ASN A 60 3.39 -14.94 -7.02
CA ASN A 60 3.17 -15.70 -5.81
C ASN A 60 4.46 -15.98 -5.07
N ASP A 61 4.33 -16.69 -3.96
CA ASP A 61 5.49 -17.25 -3.30
C ASP A 61 6.33 -18.07 -4.28
N ASP A 62 5.70 -18.58 -5.32
CA ASP A 62 6.36 -19.47 -6.26
C ASP A 62 6.94 -18.69 -7.42
N GLY A 63 6.33 -17.56 -7.70
CA GLY A 63 6.66 -16.84 -8.91
C GLY A 63 5.58 -17.03 -9.94
N THR A 64 4.37 -17.21 -9.45
CA THR A 64 3.22 -17.41 -10.25
C THR A 64 2.32 -16.26 -10.01
N PRO A 65 1.89 -15.62 -11.04
CA PRO A 65 1.14 -14.41 -10.93
C PRO A 65 -0.18 -14.61 -10.22
N TYR A 66 -0.68 -13.51 -9.74
CA TYR A 66 -1.90 -13.46 -8.99
C TYR A 66 -2.62 -12.21 -9.39
N GLU A 67 -3.68 -11.86 -8.70
CA GLU A 67 -4.38 -10.62 -8.94
C GLU A 67 -4.93 -10.03 -7.66
N SER A 68 -5.16 -8.74 -7.75
CA SER A 68 -5.76 -7.97 -6.73
C SER A 68 -6.80 -7.06 -7.38
N PRO A 69 -8.07 -7.46 -7.34
CA PRO A 69 -9.16 -6.63 -7.81
C PRO A 69 -9.33 -5.44 -6.91
N VAL A 70 -8.84 -4.35 -7.37
CA VAL A 70 -8.78 -3.15 -6.64
C VAL A 70 -9.67 -2.11 -7.28
N ASN A 71 -10.03 -1.18 -6.46
CA ASN A 71 -10.90 -0.10 -6.79
C ASN A 71 -10.07 1.14 -6.86
N TYR A 72 -9.09 1.12 -5.98
CA TYR A 72 -8.12 2.20 -5.90
C TYR A 72 -6.71 1.66 -5.80
N TRP A 73 -5.93 1.94 -6.81
CA TRP A 73 -4.56 1.52 -6.91
C TRP A 73 -3.66 2.71 -7.10
N MET A 74 -2.59 2.70 -6.36
CA MET A 74 -1.58 3.71 -6.52
C MET A 74 -0.19 3.09 -6.52
N PRO A 75 0.28 2.65 -7.70
CA PRO A 75 1.60 2.00 -7.83
C PRO A 75 2.73 2.99 -7.69
N ILE A 76 3.75 2.54 -7.00
CA ILE A 76 4.88 3.36 -6.62
C ILE A 76 6.19 2.78 -7.12
N ASP A 77 6.13 1.52 -7.52
CA ASP A 77 7.29 0.85 -8.09
C ASP A 77 6.86 0.07 -9.33
N TRP A 78 7.81 -0.30 -10.17
CA TRP A 78 7.49 -1.00 -11.42
C TRP A 78 7.55 -2.52 -11.26
N THR A 79 7.59 -3.00 -10.04
CA THR A 79 7.51 -4.43 -9.81
C THR A 79 6.07 -4.77 -9.55
N GLY A 80 5.39 -3.78 -9.04
CA GLY A 80 3.99 -3.90 -8.77
C GLY A 80 3.66 -3.61 -7.34
N VAL A 81 4.40 -2.69 -6.74
CA VAL A 81 4.11 -2.26 -5.40
C VAL A 81 3.43 -0.90 -5.40
N GLY A 82 2.63 -0.67 -4.38
CA GLY A 82 1.90 0.56 -4.27
C GLY A 82 0.89 0.51 -3.16
N ILE A 83 0.00 1.49 -3.12
CA ILE A 83 -1.05 1.52 -2.15
C ILE A 83 -2.36 1.08 -2.81
N HIS A 84 -3.17 0.31 -2.12
CA HIS A 84 -4.44 -0.11 -2.69
C HIS A 84 -5.48 -0.33 -1.61
N ASP A 85 -6.71 -0.37 -2.08
CA ASP A 85 -7.82 -0.73 -1.27
C ASP A 85 -7.99 -2.23 -1.37
N SER A 86 -8.36 -2.86 -0.30
CA SER A 86 -8.49 -4.29 -0.32
C SER A 86 -9.73 -4.71 0.40
N ASP A 87 -10.68 -5.04 -0.43
CA ASP A 87 -11.98 -5.46 0.02
C ASP A 87 -12.07 -6.98 0.11
N TRP A 88 -11.28 -7.63 -0.74
CA TRP A 88 -11.13 -9.09 -0.76
C TRP A 88 -10.38 -9.54 0.47
N GLN A 89 -9.57 -8.62 0.95
CA GLN A 89 -8.69 -8.85 2.07
C GLN A 89 -9.01 -7.90 3.18
N PRO A 90 -10.01 -8.29 3.90
CA PRO A 90 -10.77 -7.45 4.77
C PRO A 90 -10.12 -7.22 6.12
N GLU A 91 -8.89 -7.68 6.27
CA GLU A 91 -8.18 -7.51 7.50
C GLU A 91 -6.97 -6.63 7.31
N TYR A 92 -6.58 -6.00 8.40
CA TYR A 92 -5.60 -4.93 8.46
C TYR A 92 -5.16 -4.76 9.89
N GLY A 93 -3.89 -4.79 10.14
CA GLY A 93 -3.43 -4.60 11.49
C GLY A 93 -2.18 -5.39 11.74
N GLY A 94 -1.82 -5.50 13.02
CA GLY A 94 -0.70 -6.35 13.45
C GLY A 94 -0.51 -7.56 12.58
N ASP A 95 0.71 -8.07 12.54
CA ASP A 95 1.22 -8.69 11.32
C ASP A 95 0.34 -9.79 10.84
N LEU A 96 -0.41 -9.37 9.86
CA LEU A 96 -1.30 -10.19 9.12
C LEU A 96 -0.62 -10.62 7.87
N TRP A 97 0.28 -9.77 7.39
CA TRP A 97 0.95 -10.02 6.12
C TRP A 97 1.46 -11.44 6.04
N LYS A 98 1.95 -11.94 7.16
CA LYS A 98 2.57 -13.24 7.23
C LYS A 98 1.63 -14.36 6.87
N THR A 99 0.36 -14.10 7.02
CA THR A 99 -0.64 -15.09 6.77
C THR A 99 -1.50 -14.69 5.59
N ARG A 100 -1.76 -13.39 5.50
CA ARG A 100 -2.75 -12.86 4.58
C ARG A 100 -2.19 -12.62 3.18
N GLY A 101 -0.88 -12.60 3.10
CA GLY A 101 -0.23 -12.83 1.83
C GLY A 101 -0.24 -11.69 0.83
N SER A 102 -0.01 -10.45 1.27
CA SER A 102 0.10 -9.33 0.34
C SER A 102 1.54 -9.23 -0.17
N HIS A 103 1.74 -9.12 -1.47
CA HIS A 103 3.07 -9.29 -2.06
C HIS A 103 3.72 -7.96 -2.35
N GLY A 104 4.12 -7.26 -1.31
CA GLY A 104 4.74 -5.97 -1.46
C GLY A 104 3.70 -4.88 -1.51
N CYS A 105 2.47 -5.29 -1.69
CA CYS A 105 1.36 -4.37 -1.78
C CYS A 105 0.81 -4.09 -0.39
N ILE A 106 0.32 -2.89 -0.18
CA ILE A 106 -0.21 -2.51 1.10
C ILE A 106 -1.73 -2.60 1.10
N ASN A 107 -2.22 -3.44 1.99
CA ASN A 107 -3.63 -3.73 2.09
C ASN A 107 -4.38 -2.63 2.85
N THR A 108 -4.74 -1.55 2.16
CA THR A 108 -5.49 -0.47 2.77
C THR A 108 -6.97 -0.75 2.68
N PRO A 109 -7.70 -0.44 3.74
CA PRO A 109 -9.14 -0.61 3.78
C PRO A 109 -9.83 0.17 2.69
N PRO A 110 -10.80 -0.45 2.03
CA PRO A 110 -11.50 0.10 0.87
C PRO A 110 -12.12 1.44 1.14
N SER A 111 -12.56 1.62 2.35
CA SER A 111 -13.21 2.84 2.74
C SER A 111 -12.17 3.91 2.99
N VAL A 112 -11.07 3.50 3.60
CA VAL A 112 -10.02 4.44 3.96
C VAL A 112 -9.10 4.72 2.77
N MET A 113 -9.00 3.76 1.88
CA MET A 113 -8.22 3.91 0.68
C MET A 113 -8.87 4.93 -0.24
N LYS A 114 -10.14 5.17 0.02
CA LYS A 114 -10.94 6.16 -0.67
C LYS A 114 -10.68 7.54 -0.15
N GLU A 115 -10.21 7.54 1.08
CA GLU A 115 -9.84 8.73 1.78
C GLU A 115 -8.50 9.12 1.31
N LEU A 116 -7.68 8.11 1.28
CA LEU A 116 -6.37 8.18 0.79
C LEU A 116 -6.33 8.48 -0.67
N PHE A 117 -6.79 7.56 -1.50
CA PHE A 117 -6.84 7.79 -2.92
C PHE A 117 -7.52 9.12 -3.17
N GLY A 118 -8.36 9.45 -2.18
CA GLY A 118 -9.11 10.66 -2.16
C GLY A 118 -8.23 11.88 -1.92
N MET A 119 -7.15 11.71 -1.13
CA MET A 119 -6.14 12.74 -0.94
C MET A 119 -5.07 12.68 -2.01
N VAL A 120 -4.56 11.48 -2.18
CA VAL A 120 -3.35 11.24 -2.94
C VAL A 120 -3.60 10.71 -4.32
N GLU A 121 -2.82 11.29 -5.17
CA GLU A 121 -2.79 11.05 -6.55
C GLU A 121 -1.37 10.98 -6.95
N LYS A 122 -1.11 10.79 -8.22
CA LYS A 122 0.23 10.82 -8.67
C LYS A 122 0.95 12.04 -8.22
N GLY A 123 2.24 11.91 -8.29
CA GLY A 123 3.10 12.97 -7.88
C GLY A 123 3.48 12.86 -6.43
N THR A 124 2.58 12.31 -5.63
CA THR A 124 2.78 12.16 -4.21
C THR A 124 3.61 10.92 -3.97
N PRO A 125 4.52 10.97 -3.03
CA PRO A 125 5.26 9.82 -2.66
C PRO A 125 4.45 8.91 -1.78
N VAL A 126 5.00 7.79 -1.52
CA VAL A 126 4.50 6.92 -0.50
C VAL A 126 5.66 6.39 0.27
N LEU A 127 5.40 5.93 1.45
CA LEU A 127 6.40 5.38 2.28
C LEU A 127 5.98 4.06 2.80
N VAL A 128 6.95 3.21 2.96
CA VAL A 128 6.81 2.02 3.72
C VAL A 128 8.12 1.79 4.43
N PHE A 129 8.08 1.22 5.63
CA PHE A 129 9.28 1.04 6.43
C PHE A 129 9.05 0.04 7.56
N GLY A 1 13.40 7.96 12.86
CA GLY A 1 13.68 9.16 12.04
C GLY A 1 13.18 8.99 10.61
N HIS A 2 12.76 10.09 10.00
CA HIS A 2 12.27 10.06 8.62
C HIS A 2 12.10 11.46 8.08
N MET A 3 11.53 11.51 6.89
CA MET A 3 11.30 12.75 6.19
C MET A 3 10.24 13.60 6.86
N GLU A 4 9.92 14.70 6.21
CA GLU A 4 8.90 15.62 6.68
C GLU A 4 8.03 16.07 5.52
N ASP A 5 8.39 15.62 4.34
CA ASP A 5 7.61 15.82 3.13
C ASP A 5 6.19 15.35 3.26
N THR A 6 5.41 15.76 2.30
CA THR A 6 4.08 15.28 2.17
C THR A 6 4.09 14.11 1.21
N TYR A 7 3.57 13.00 1.71
CA TYR A 7 3.59 11.74 1.04
C TYR A 7 2.56 10.81 1.62
N ILE A 8 2.62 9.56 1.21
CA ILE A 8 1.89 8.52 1.89
C ILE A 8 2.86 7.77 2.78
N GLU A 9 2.39 7.01 3.77
CA GLU A 9 3.29 6.27 4.64
C GLU A 9 2.73 4.94 5.00
N VAL A 10 3.62 4.04 5.33
CA VAL A 10 3.31 2.68 5.69
C VAL A 10 4.36 2.16 6.64
N ASP A 11 3.92 1.39 7.59
CA ASP A 11 4.81 0.78 8.55
C ASP A 11 4.50 -0.70 8.65
N LEU A 12 5.42 -1.47 8.09
CA LEU A 12 5.25 -2.91 7.89
C LEU A 12 5.25 -3.63 9.20
N GLU A 13 5.96 -3.09 10.12
CA GLU A 13 5.94 -3.63 11.47
C GLU A 13 4.53 -3.65 12.03
N ASN A 14 3.99 -2.45 12.17
CA ASN A 14 2.75 -2.23 12.90
C ASN A 14 1.57 -2.36 11.98
N GLN A 15 1.93 -2.56 10.71
CA GLN A 15 1.00 -2.66 9.60
C GLN A 15 0.02 -1.51 9.60
N HIS A 16 0.55 -0.34 9.33
CA HIS A 16 -0.23 0.89 9.35
C HIS A 16 0.23 1.81 8.25
N MET A 17 -0.70 2.29 7.46
CA MET A 17 -0.44 3.16 6.35
C MET A 17 -1.06 4.53 6.60
N TRP A 18 -0.24 5.54 6.42
CA TRP A 18 -0.62 6.91 6.67
C TRP A 18 -0.66 7.72 5.42
N TYR A 19 -1.13 8.94 5.56
CA TYR A 19 -0.94 9.94 4.53
C TYR A 19 -0.32 11.10 5.22
N TYR A 20 0.89 11.40 4.87
CA TYR A 20 1.56 12.50 5.50
C TYR A 20 1.50 13.72 4.66
N LYS A 21 1.09 14.77 5.28
CA LYS A 21 1.06 16.06 4.72
C LYS A 21 1.30 17.04 5.82
N ASP A 22 2.12 18.01 5.48
CA ASP A 22 2.47 19.08 6.38
C ASP A 22 3.34 18.53 7.47
N GLY A 23 3.77 17.32 7.21
CA GLY A 23 4.64 16.62 8.11
C GLY A 23 3.86 15.89 9.17
N LYS A 24 2.59 15.82 8.93
CA LYS A 24 1.60 15.33 9.84
C LYS A 24 0.76 14.36 9.05
N VAL A 25 -0.10 13.58 9.66
CA VAL A 25 -0.86 12.68 8.85
C VAL A 25 -2.24 13.19 8.61
N ALA A 26 -2.54 13.01 7.40
CA ALA A 26 -3.78 13.32 6.82
C ALA A 26 -4.65 12.10 6.92
N LEU A 27 -3.98 10.97 6.97
CA LEU A 27 -4.64 9.72 6.90
C LEU A 27 -3.81 8.69 7.64
N GLU A 28 -4.48 7.67 8.11
CA GLU A 28 -3.86 6.64 8.93
C GLU A 28 -4.76 5.45 9.00
N THR A 29 -4.27 4.33 8.58
CA THR A 29 -5.03 3.12 8.73
C THR A 29 -4.14 1.92 8.91
N ASP A 30 -4.77 0.88 9.31
CA ASP A 30 -4.19 -0.40 9.50
C ASP A 30 -4.20 -1.11 8.18
N ILE A 31 -3.12 -1.80 7.92
CA ILE A 31 -2.94 -2.46 6.65
C ILE A 31 -2.29 -3.82 6.81
N VAL A 32 -1.94 -4.42 5.70
CA VAL A 32 -1.21 -5.68 5.69
C VAL A 32 -0.47 -5.81 4.36
N SER A 33 0.84 -5.90 4.46
CA SER A 33 1.71 -5.76 3.33
C SER A 33 2.89 -6.72 3.37
N GLY A 34 3.28 -7.18 2.20
CA GLY A 34 4.59 -7.78 2.06
C GLY A 34 4.80 -9.16 2.68
N LYS A 35 3.88 -10.12 2.49
CA LYS A 35 3.98 -11.42 3.16
C LYS A 35 5.38 -11.97 3.07
N PRO A 36 5.82 -12.67 4.10
CA PRO A 36 7.19 -13.17 4.27
C PRO A 36 7.90 -13.59 2.98
N THR A 37 7.16 -14.17 2.04
CA THR A 37 7.73 -14.65 0.80
C THR A 37 8.02 -13.50 -0.15
N THR A 38 7.16 -12.49 -0.13
CA THR A 38 7.29 -11.34 -1.00
C THR A 38 6.95 -10.07 -0.25
N PRO A 39 7.85 -9.68 0.64
CA PRO A 39 7.75 -8.52 1.51
C PRO A 39 7.89 -7.20 0.80
N THR A 40 7.45 -6.16 1.49
CA THR A 40 7.57 -4.81 1.05
C THR A 40 9.00 -4.31 1.17
N PRO A 41 9.35 -3.36 0.31
CA PRO A 41 10.70 -2.84 0.11
C PRO A 41 11.14 -1.86 1.18
N ALA A 42 10.29 -0.86 1.44
CA ALA A 42 10.57 0.20 2.40
C ALA A 42 11.68 1.14 1.96
N GLY A 43 11.32 2.42 1.86
CA GLY A 43 12.23 3.42 1.39
C GLY A 43 11.51 4.69 1.01
N VAL A 44 11.70 5.11 -0.22
CA VAL A 44 11.05 6.29 -0.73
C VAL A 44 10.32 5.93 -2.01
N PHE A 45 9.01 5.99 -1.94
CA PHE A 45 8.18 5.50 -3.00
C PHE A 45 7.39 6.64 -3.61
N TYR A 46 6.90 6.47 -4.82
CA TYR A 46 6.09 7.50 -5.46
C TYR A 46 5.05 6.89 -6.36
N VAL A 47 3.84 7.39 -6.28
CA VAL A 47 2.80 6.90 -7.16
C VAL A 47 3.03 7.42 -8.57
N TRP A 48 3.18 6.49 -9.49
CA TRP A 48 3.44 6.83 -10.87
C TRP A 48 2.25 6.56 -11.75
N ASN A 49 1.19 6.12 -11.12
CA ASN A 49 -0.06 5.88 -11.81
C ASN A 49 -1.18 5.74 -10.81
N LYS A 50 -2.36 6.11 -11.23
CA LYS A 50 -3.54 5.87 -10.48
C LYS A 50 -4.40 4.87 -11.20
N GLU A 51 -4.76 3.86 -10.49
CA GLU A 51 -5.54 2.79 -11.04
C GLU A 51 -6.77 2.49 -10.25
N GLU A 52 -7.87 2.78 -10.88
CA GLU A 52 -9.15 2.66 -10.30
C GLU A 52 -9.88 1.50 -10.90
N ASP A 53 -10.48 0.73 -10.04
CA ASP A 53 -11.17 -0.48 -10.46
C ASP A 53 -10.20 -1.30 -11.30
N ALA A 54 -8.97 -1.23 -10.84
CA ALA A 54 -7.84 -1.84 -11.49
C ALA A 54 -7.58 -3.23 -10.98
N THR A 55 -6.71 -3.89 -11.67
CA THR A 55 -6.36 -5.25 -11.38
C THR A 55 -4.88 -5.36 -11.20
N LEU A 56 -4.52 -5.51 -9.97
CA LEU A 56 -3.18 -5.76 -9.56
C LEU A 56 -2.79 -7.14 -9.93
N LYS A 57 -1.52 -7.33 -10.06
CA LYS A 57 -0.98 -8.54 -10.46
C LYS A 57 0.37 -8.71 -9.85
N GLY A 58 1.04 -9.77 -10.18
CA GLY A 58 2.37 -9.88 -9.67
C GLY A 58 3.08 -11.13 -10.04
N THR A 59 3.85 -11.57 -9.08
CA THR A 59 4.53 -12.81 -9.13
C THR A 59 4.51 -13.40 -7.76
N ASN A 60 3.96 -14.58 -7.73
CA ASN A 60 3.83 -15.38 -6.52
C ASN A 60 5.16 -15.55 -5.83
N ASP A 61 5.15 -16.28 -4.73
CA ASP A 61 6.39 -16.67 -4.08
C ASP A 61 7.32 -17.37 -5.07
N ASP A 62 6.75 -17.91 -6.15
CA ASP A 62 7.51 -18.69 -7.10
C ASP A 62 7.86 -17.88 -8.32
N GLY A 63 7.05 -16.91 -8.63
CA GLY A 63 7.20 -16.21 -9.87
C GLY A 63 6.08 -16.53 -10.82
N THR A 64 4.92 -16.72 -10.26
CA THR A 64 3.73 -16.97 -11.00
C THR A 64 2.80 -15.85 -10.72
N PRO A 65 2.32 -15.24 -11.73
CA PRO A 65 1.51 -14.05 -11.59
C PRO A 65 0.21 -14.34 -10.89
N TYR A 66 -0.28 -13.31 -10.29
CA TYR A 66 -1.48 -13.34 -9.49
C TYR A 66 -2.22 -12.07 -9.75
N GLU A 67 -3.33 -11.87 -9.08
CA GLU A 67 -4.07 -10.63 -9.22
C GLU A 67 -4.66 -10.17 -7.91
N SER A 68 -4.95 -8.90 -7.89
CA SER A 68 -5.55 -8.25 -6.77
C SER A 68 -6.53 -7.18 -7.27
N PRO A 69 -7.83 -7.53 -7.29
CA PRO A 69 -8.90 -6.66 -7.77
C PRO A 69 -9.16 -5.48 -6.87
N VAL A 70 -8.73 -4.35 -7.34
CA VAL A 70 -8.76 -3.15 -6.60
C VAL A 70 -9.69 -2.14 -7.25
N ASN A 71 -10.03 -1.18 -6.46
CA ASN A 71 -10.91 -0.11 -6.82
C ASN A 71 -10.10 1.14 -6.87
N TYR A 72 -9.11 1.15 -6.00
CA TYR A 72 -8.14 2.24 -5.94
C TYR A 72 -6.72 1.69 -5.79
N TRP A 73 -5.94 1.93 -6.81
CA TRP A 73 -4.57 1.49 -6.88
C TRP A 73 -3.66 2.67 -7.08
N MET A 74 -2.58 2.67 -6.35
CA MET A 74 -1.57 3.66 -6.52
C MET A 74 -0.18 3.03 -6.50
N PRO A 75 0.30 2.56 -7.65
CA PRO A 75 1.62 1.92 -7.78
C PRO A 75 2.74 2.92 -7.62
N ILE A 76 3.76 2.48 -6.92
CA ILE A 76 4.89 3.29 -6.55
C ILE A 76 6.19 2.69 -7.03
N ASP A 77 6.12 1.43 -7.42
CA ASP A 77 7.27 0.75 -7.99
C ASP A 77 6.86 -0.05 -9.21
N TRP A 78 7.82 -0.45 -10.03
CA TRP A 78 7.53 -1.17 -11.26
C TRP A 78 7.60 -2.68 -11.08
N THR A 79 7.60 -3.14 -9.85
CA THR A 79 7.52 -4.56 -9.59
C THR A 79 6.07 -4.90 -9.36
N GLY A 80 5.37 -3.88 -8.90
CA GLY A 80 3.96 -3.97 -8.67
C GLY A 80 3.59 -3.62 -7.26
N VAL A 81 4.36 -2.74 -6.67
CA VAL A 81 4.09 -2.30 -5.33
C VAL A 81 3.44 -0.94 -5.33
N GLY A 82 2.61 -0.70 -4.33
CA GLY A 82 1.90 0.55 -4.22
C GLY A 82 0.89 0.51 -3.10
N ILE A 83 -0.01 1.49 -3.07
CA ILE A 83 -1.06 1.53 -2.10
C ILE A 83 -2.37 1.11 -2.77
N HIS A 84 -3.20 0.37 -2.06
CA HIS A 84 -4.47 -0.04 -2.63
C HIS A 84 -5.52 -0.25 -1.57
N ASP A 85 -6.75 -0.32 -2.04
CA ASP A 85 -7.87 -0.68 -1.24
C ASP A 85 -8.06 -2.17 -1.37
N SER A 86 -8.37 -2.82 -0.30
CA SER A 86 -8.54 -4.25 -0.39
C SER A 86 -9.77 -4.66 0.35
N ASP A 87 -10.75 -4.94 -0.45
CA ASP A 87 -12.03 -5.35 0.02
C ASP A 87 -12.12 -6.88 0.08
N TRP A 88 -11.29 -7.51 -0.77
CA TRP A 88 -11.11 -8.96 -0.77
C TRP A 88 -10.34 -9.37 0.46
N GLN A 89 -9.57 -8.43 0.95
CA GLN A 89 -8.66 -8.66 2.07
C GLN A 89 -9.01 -7.76 3.23
N PRO A 90 -9.96 -8.23 3.96
CA PRO A 90 -10.73 -7.45 4.88
C PRO A 90 -10.08 -7.27 6.24
N GLU A 91 -8.83 -7.71 6.36
CA GLU A 91 -8.11 -7.57 7.61
C GLU A 91 -6.92 -6.65 7.42
N TYR A 92 -6.53 -6.02 8.51
CA TYR A 92 -5.52 -4.94 8.52
C TYR A 92 -5.01 -4.75 9.93
N GLY A 93 -3.73 -4.81 10.10
CA GLY A 93 -3.19 -4.62 11.42
C GLY A 93 -1.95 -5.43 11.64
N GLY A 94 -1.56 -5.54 12.91
CA GLY A 94 -0.46 -6.41 13.33
C GLY A 94 -0.31 -7.64 12.47
N ASP A 95 0.88 -8.20 12.40
CA ASP A 95 1.34 -8.85 11.19
C ASP A 95 0.41 -9.93 10.74
N LEU A 96 -0.34 -9.49 9.77
CA LEU A 96 -1.28 -10.29 9.05
C LEU A 96 -0.61 -10.74 7.79
N TRP A 97 0.24 -9.90 7.25
CA TRP A 97 0.87 -10.16 5.97
C TRP A 97 1.36 -11.60 5.89
N LYS A 98 1.88 -12.08 7.02
CA LYS A 98 2.48 -13.39 7.10
C LYS A 98 1.54 -14.49 6.72
N THR A 99 0.27 -14.21 6.84
CA THR A 99 -0.74 -15.19 6.56
C THR A 99 -1.59 -14.76 5.39
N ARG A 100 -1.80 -13.45 5.33
CA ARG A 100 -2.76 -12.87 4.40
C ARG A 100 -2.18 -12.64 3.01
N GLY A 101 -0.88 -12.70 2.94
CA GLY A 101 -0.22 -12.93 1.66
C GLY A 101 -0.22 -11.77 0.67
N SER A 102 0.01 -10.55 1.13
CA SER A 102 0.12 -9.40 0.23
C SER A 102 1.56 -9.27 -0.25
N HIS A 103 1.77 -9.12 -1.56
CA HIS A 103 3.12 -9.22 -2.14
C HIS A 103 3.73 -7.86 -2.34
N GLY A 104 4.04 -7.20 -1.24
CA GLY A 104 4.65 -5.89 -1.30
C GLY A 104 3.59 -4.82 -1.38
N CYS A 105 2.38 -5.25 -1.62
CA CYS A 105 1.27 -4.34 -1.74
C CYS A 105 0.66 -4.08 -0.38
N ILE A 106 0.23 -2.85 -0.16
CA ILE A 106 -0.32 -2.46 1.11
C ILE A 106 -1.84 -2.48 1.07
N ASN A 107 -2.40 -3.36 1.88
CA ASN A 107 -3.84 -3.49 1.97
C ASN A 107 -4.45 -2.37 2.81
N THR A 108 -4.86 -1.32 2.14
CA THR A 108 -5.58 -0.23 2.77
C THR A 108 -7.08 -0.50 2.67
N PRO A 109 -7.79 -0.28 3.77
CA PRO A 109 -9.22 -0.52 3.85
C PRO A 109 -9.99 0.25 2.80
N PRO A 110 -10.89 -0.41 2.11
CA PRO A 110 -11.56 0.14 0.92
C PRO A 110 -12.11 1.52 1.12
N SER A 111 -12.65 1.71 2.30
CA SER A 111 -13.26 2.96 2.65
C SER A 111 -12.18 3.99 2.93
N VAL A 112 -11.14 3.57 3.64
CA VAL A 112 -10.06 4.47 4.01
C VAL A 112 -9.14 4.74 2.82
N MET A 113 -9.05 3.79 1.91
CA MET A 113 -8.27 3.94 0.72
C MET A 113 -8.91 4.97 -0.20
N LYS A 114 -10.17 5.20 0.04
CA LYS A 114 -10.96 6.18 -0.68
C LYS A 114 -10.71 7.56 -0.16
N GLU A 115 -10.24 7.57 1.07
CA GLU A 115 -9.87 8.75 1.77
C GLU A 115 -8.52 9.14 1.29
N LEU A 116 -7.70 8.12 1.29
CA LEU A 116 -6.39 8.19 0.79
C LEU A 116 -6.36 8.49 -0.68
N PHE A 117 -6.83 7.55 -1.50
CA PHE A 117 -6.88 7.79 -2.92
C PHE A 117 -7.55 9.13 -3.17
N GLY A 118 -8.40 9.46 -2.19
CA GLY A 118 -9.14 10.67 -2.19
C GLY A 118 -8.26 11.89 -1.94
N MET A 119 -7.18 11.71 -1.16
CA MET A 119 -6.16 12.76 -0.98
C MET A 119 -5.09 12.67 -2.05
N VAL A 120 -4.58 11.46 -2.23
CA VAL A 120 -3.38 11.22 -2.99
C VAL A 120 -3.65 10.72 -4.37
N GLU A 121 -2.86 11.30 -5.23
CA GLU A 121 -2.84 11.06 -6.62
C GLU A 121 -1.42 10.97 -7.03
N LYS A 122 -1.16 10.77 -8.29
CA LYS A 122 0.17 10.77 -8.73
C LYS A 122 0.94 11.97 -8.30
N GLY A 123 2.23 11.80 -8.37
CA GLY A 123 3.11 12.83 -7.95
C GLY A 123 3.52 12.69 -6.51
N THR A 124 2.61 12.19 -5.69
CA THR A 124 2.80 12.06 -4.28
C THR A 124 3.67 10.85 -4.00
N PRO A 125 4.56 10.94 -3.03
CA PRO A 125 5.31 9.81 -2.60
C PRO A 125 4.49 8.89 -1.75
N VAL A 126 5.03 7.76 -1.51
CA VAL A 126 4.52 6.90 -0.49
C VAL A 126 5.68 6.36 0.29
N LEU A 127 5.42 5.96 1.47
CA LEU A 127 6.42 5.43 2.33
C LEU A 127 6.00 4.10 2.85
N VAL A 128 6.96 3.25 3.02
CA VAL A 128 6.80 2.05 3.78
C VAL A 128 8.10 1.81 4.52
N PHE A 129 8.02 1.24 5.71
CA PHE A 129 9.21 1.01 6.53
C PHE A 129 8.89 0.11 7.71
N GLY A 1 7.23 8.16 10.18
CA GLY A 1 7.26 9.65 10.14
C GLY A 1 8.58 10.19 9.65
N HIS A 2 9.14 9.60 8.58
CA HIS A 2 10.45 10.05 8.12
C HIS A 2 10.35 10.90 6.87
N MET A 3 11.18 11.94 6.85
CA MET A 3 11.13 13.04 5.89
C MET A 3 10.12 14.08 6.31
N GLU A 4 10.13 15.17 5.58
CA GLU A 4 9.32 16.33 5.87
C GLU A 4 8.28 16.54 4.79
N ASP A 5 8.43 15.78 3.74
CA ASP A 5 7.56 15.83 2.58
C ASP A 5 6.11 15.53 2.90
N THR A 6 5.30 15.84 1.92
CA THR A 6 3.95 15.36 1.87
C THR A 6 3.96 14.08 1.06
N TYR A 7 3.49 13.01 1.66
CA TYR A 7 3.55 11.69 1.06
C TYR A 7 2.50 10.78 1.63
N ILE A 8 2.61 9.52 1.26
CA ILE A 8 1.88 8.47 1.93
C ILE A 8 2.85 7.72 2.82
N GLU A 9 2.37 6.99 3.81
CA GLU A 9 3.29 6.25 4.67
C GLU A 9 2.74 4.91 5.02
N VAL A 10 3.64 4.02 5.33
CA VAL A 10 3.31 2.66 5.67
C VAL A 10 4.33 2.09 6.64
N ASP A 11 3.83 1.44 7.64
CA ASP A 11 4.65 0.75 8.60
C ASP A 11 4.36 -0.72 8.49
N LEU A 12 5.36 -1.47 8.08
CA LEU A 12 5.20 -2.89 7.88
C LEU A 12 5.00 -3.60 9.20
N GLU A 13 5.91 -3.30 10.09
CA GLU A 13 5.95 -3.82 11.42
C GLU A 13 4.61 -3.75 12.14
N ASN A 14 4.06 -2.55 12.14
CA ASN A 14 2.85 -2.25 12.86
C ASN A 14 1.70 -2.18 11.89
N GLN A 15 2.00 -2.61 10.66
CA GLN A 15 1.01 -2.68 9.58
C GLN A 15 0.01 -1.54 9.63
N HIS A 16 0.50 -0.38 9.26
CA HIS A 16 -0.29 0.85 9.32
C HIS A 16 0.18 1.81 8.22
N MET A 17 -0.74 2.25 7.41
CA MET A 17 -0.47 3.15 6.32
C MET A 17 -1.09 4.51 6.56
N TRP A 18 -0.26 5.53 6.43
CA TRP A 18 -0.65 6.90 6.69
C TRP A 18 -0.67 7.72 5.43
N TYR A 19 -1.14 8.94 5.55
CA TYR A 19 -0.95 9.93 4.52
C TYR A 19 -0.32 11.12 5.18
N TYR A 20 0.87 11.44 4.80
CA TYR A 20 1.54 12.54 5.41
C TYR A 20 1.44 13.79 4.60
N LYS A 21 0.98 14.79 5.26
CA LYS A 21 0.90 16.10 4.78
C LYS A 21 1.06 17.03 5.94
N ASP A 22 1.79 18.09 5.68
CA ASP A 22 2.03 19.12 6.65
C ASP A 22 2.94 18.60 7.72
N GLY A 23 3.54 17.47 7.34
CA GLY A 23 4.47 16.79 8.19
C GLY A 23 3.77 16.00 9.25
N LYS A 24 2.51 15.79 8.98
CA LYS A 24 1.54 15.25 9.87
C LYS A 24 0.71 14.29 9.05
N VAL A 25 -0.18 13.53 9.63
CA VAL A 25 -0.95 12.65 8.81
C VAL A 25 -2.32 13.14 8.57
N ALA A 26 -2.63 12.95 7.35
CA ALA A 26 -3.86 13.26 6.76
C ALA A 26 -4.73 12.05 6.83
N LEU A 27 -4.06 10.92 6.91
CA LEU A 27 -4.71 9.67 6.83
C LEU A 27 -3.89 8.64 7.58
N GLU A 28 -4.54 7.61 8.04
CA GLU A 28 -3.92 6.59 8.87
C GLU A 28 -4.83 5.40 8.94
N THR A 29 -4.33 4.26 8.53
CA THR A 29 -5.06 3.06 8.69
C THR A 29 -4.17 1.88 8.89
N ASP A 30 -4.80 0.83 9.30
CA ASP A 30 -4.20 -0.44 9.51
C ASP A 30 -4.20 -1.16 8.20
N ILE A 31 -3.13 -1.87 7.94
CA ILE A 31 -2.96 -2.54 6.68
C ILE A 31 -2.30 -3.89 6.86
N VAL A 32 -1.94 -4.51 5.75
CA VAL A 32 -1.21 -5.76 5.76
C VAL A 32 -0.45 -5.88 4.45
N SER A 33 0.86 -5.97 4.58
CA SER A 33 1.76 -5.80 3.46
C SER A 33 2.95 -6.75 3.50
N GLY A 34 3.35 -7.20 2.33
CA GLY A 34 4.66 -7.81 2.19
C GLY A 34 4.85 -9.19 2.79
N LYS A 35 3.90 -10.11 2.57
CA LYS A 35 3.93 -11.43 3.16
C LYS A 35 5.30 -12.04 2.99
N PRO A 36 5.74 -12.76 4.02
CA PRO A 36 7.09 -13.28 4.18
C PRO A 36 7.83 -13.69 2.89
N THR A 37 7.10 -14.16 1.89
CA THR A 37 7.70 -14.63 0.66
C THR A 37 8.00 -13.47 -0.28
N THR A 38 7.15 -12.46 -0.22
CA THR A 38 7.33 -11.27 -1.04
C THR A 38 6.98 -10.03 -0.24
N PRO A 39 7.88 -9.68 0.65
CA PRO A 39 7.77 -8.53 1.55
C PRO A 39 7.95 -7.21 0.84
N THR A 40 7.50 -6.18 1.54
CA THR A 40 7.59 -4.83 1.08
C THR A 40 9.02 -4.33 1.17
N PRO A 41 9.33 -3.37 0.30
CA PRO A 41 10.68 -2.85 0.08
C PRO A 41 11.12 -1.85 1.13
N ALA A 42 10.25 -0.88 1.42
CA ALA A 42 10.53 0.18 2.37
C ALA A 42 11.65 1.13 1.94
N GLY A 43 11.28 2.40 1.87
CA GLY A 43 12.19 3.43 1.43
C GLY A 43 11.46 4.69 1.07
N VAL A 44 11.66 5.13 -0.16
CA VAL A 44 11.03 6.32 -0.66
C VAL A 44 10.37 6.02 -2.00
N PHE A 45 9.07 5.90 -1.98
CA PHE A 45 8.33 5.45 -3.12
C PHE A 45 7.52 6.63 -3.66
N TYR A 46 6.99 6.49 -4.87
CA TYR A 46 6.16 7.54 -5.45
C TYR A 46 5.12 6.95 -6.36
N VAL A 47 3.90 7.45 -6.27
CA VAL A 47 2.87 6.98 -7.15
C VAL A 47 3.09 7.50 -8.56
N TRP A 48 3.15 6.59 -9.50
CA TRP A 48 3.40 6.95 -10.88
C TRP A 48 2.21 6.68 -11.76
N ASN A 49 1.13 6.27 -11.15
CA ASN A 49 -0.10 6.04 -11.85
C ASN A 49 -1.27 5.95 -10.87
N LYS A 50 -2.42 6.38 -11.34
CA LYS A 50 -3.64 6.19 -10.61
C LYS A 50 -4.52 5.20 -11.32
N GLU A 51 -4.65 4.06 -10.72
CA GLU A 51 -5.47 3.00 -11.23
C GLU A 51 -6.68 2.86 -10.36
N GLU A 52 -7.79 2.81 -11.01
CA GLU A 52 -9.06 2.74 -10.34
C GLU A 52 -9.87 1.62 -10.90
N ASP A 53 -10.49 0.88 -10.02
CA ASP A 53 -11.19 -0.35 -10.40
C ASP A 53 -10.22 -1.18 -11.23
N ALA A 54 -9.01 -1.14 -10.75
CA ALA A 54 -7.87 -1.72 -11.40
C ALA A 54 -7.65 -3.12 -10.92
N THR A 55 -6.77 -3.77 -11.60
CA THR A 55 -6.47 -5.15 -11.34
C THR A 55 -4.98 -5.34 -11.21
N LEU A 56 -4.61 -5.46 -9.98
CA LEU A 56 -3.27 -5.75 -9.59
C LEU A 56 -2.97 -7.19 -9.82
N LYS A 57 -1.71 -7.48 -9.93
CA LYS A 57 -1.26 -8.77 -10.21
C LYS A 57 0.06 -8.98 -9.54
N GLY A 58 0.67 -10.10 -9.77
CA GLY A 58 1.98 -10.26 -9.19
C GLY A 58 2.63 -11.58 -9.47
N THR A 59 3.35 -12.02 -8.47
CA THR A 59 3.92 -13.33 -8.44
C THR A 59 3.83 -13.86 -7.05
N ASN A 60 3.17 -14.98 -7.00
CA ASN A 60 2.97 -15.73 -5.78
C ASN A 60 4.27 -16.03 -5.08
N ASP A 61 4.19 -16.72 -3.97
CA ASP A 61 5.35 -17.30 -3.34
C ASP A 61 6.15 -18.13 -4.34
N ASP A 62 5.47 -18.66 -5.34
CA ASP A 62 6.08 -19.57 -6.29
C ASP A 62 6.63 -18.83 -7.48
N GLY A 63 6.03 -17.71 -7.76
CA GLY A 63 6.31 -17.02 -8.99
C GLY A 63 5.21 -17.24 -9.98
N THR A 64 4.01 -17.31 -9.44
CA THR A 64 2.82 -17.48 -10.21
C THR A 64 1.99 -16.29 -9.96
N PRO A 65 1.54 -15.67 -10.98
CA PRO A 65 0.84 -14.42 -10.87
C PRO A 65 -0.47 -14.57 -10.14
N TYR A 66 -0.94 -13.45 -9.70
CA TYR A 66 -2.16 -13.36 -8.94
C TYR A 66 -2.85 -12.08 -9.35
N GLU A 67 -3.88 -11.70 -8.66
CA GLU A 67 -4.55 -10.44 -8.92
C GLU A 67 -5.14 -9.82 -7.68
N SER A 68 -5.31 -8.53 -7.77
CA SER A 68 -5.91 -7.74 -6.75
C SER A 68 -6.93 -6.81 -7.40
N PRO A 69 -8.20 -7.17 -7.34
CA PRO A 69 -9.30 -6.32 -7.77
C PRO A 69 -9.45 -5.14 -6.83
N VAL A 70 -8.93 -4.04 -7.29
CA VAL A 70 -8.80 -2.87 -6.49
C VAL A 70 -9.55 -1.71 -7.11
N ASN A 71 -10.29 -1.02 -6.27
CA ASN A 71 -11.07 0.11 -6.67
C ASN A 71 -10.20 1.34 -6.84
N TYR A 72 -9.14 1.37 -6.05
CA TYR A 72 -8.17 2.46 -6.06
C TYR A 72 -6.76 1.92 -5.87
N TRP A 73 -5.97 2.15 -6.89
CA TRP A 73 -4.59 1.68 -6.95
C TRP A 73 -3.65 2.84 -7.15
N MET A 74 -2.59 2.82 -6.42
CA MET A 74 -1.56 3.80 -6.58
C MET A 74 -0.19 3.15 -6.55
N PRO A 75 0.31 2.68 -7.70
CA PRO A 75 1.61 2.01 -7.80
C PRO A 75 2.75 3.00 -7.67
N ILE A 76 3.77 2.55 -6.98
CA ILE A 76 4.86 3.41 -6.59
C ILE A 76 6.19 2.89 -7.10
N ASP A 77 6.20 1.63 -7.51
CA ASP A 77 7.32 1.06 -8.23
C ASP A 77 6.81 0.25 -9.41
N TRP A 78 7.72 -0.16 -10.27
CA TRP A 78 7.36 -0.88 -11.49
C TRP A 78 7.46 -2.39 -11.31
N THR A 79 7.55 -2.86 -10.08
CA THR A 79 7.54 -4.30 -9.85
C THR A 79 6.14 -4.70 -9.50
N GLY A 80 5.42 -3.75 -8.94
CA GLY A 80 4.03 -3.94 -8.68
C GLY A 80 3.64 -3.62 -7.26
N VAL A 81 4.39 -2.74 -6.63
CA VAL A 81 4.05 -2.28 -5.30
C VAL A 81 3.43 -0.90 -5.32
N GLY A 82 2.59 -0.64 -4.35
CA GLY A 82 1.92 0.63 -4.23
C GLY A 82 0.90 0.61 -3.13
N ILE A 83 0.00 1.58 -3.13
CA ILE A 83 -1.06 1.64 -2.16
C ILE A 83 -2.36 1.18 -2.80
N HIS A 84 -3.14 0.38 -2.09
CA HIS A 84 -4.40 -0.09 -2.63
C HIS A 84 -5.38 -0.40 -1.52
N ASP A 85 -6.61 -0.62 -1.95
CA ASP A 85 -7.68 -1.03 -1.10
C ASP A 85 -7.71 -2.54 -1.08
N SER A 86 -8.23 -3.10 -0.03
CA SER A 86 -8.40 -4.53 0.03
C SER A 86 -9.70 -4.86 0.67
N ASP A 87 -10.62 -5.15 -0.19
CA ASP A 87 -11.94 -5.56 0.20
C ASP A 87 -12.04 -7.08 0.23
N TRP A 88 -11.26 -7.71 -0.66
CA TRP A 88 -11.11 -9.15 -0.72
C TRP A 88 -10.34 -9.62 0.49
N GLN A 89 -9.52 -8.70 0.97
CA GLN A 89 -8.59 -8.96 2.04
C GLN A 89 -8.92 -8.06 3.19
N PRO A 90 -9.87 -8.52 3.93
CA PRO A 90 -10.66 -7.73 4.81
C PRO A 90 -10.00 -7.41 6.14
N GLU A 91 -8.76 -7.84 6.30
CA GLU A 91 -8.05 -7.61 7.54
C GLU A 91 -6.88 -6.67 7.33
N TYR A 92 -6.49 -6.04 8.42
CA TYR A 92 -5.51 -4.96 8.44
C TYR A 92 -5.02 -4.78 9.86
N GLY A 93 -3.74 -4.82 10.06
CA GLY A 93 -3.22 -4.61 11.39
C GLY A 93 -1.95 -5.39 11.64
N GLY A 94 -1.55 -5.43 12.91
CA GLY A 94 -0.44 -6.25 13.36
C GLY A 94 -0.30 -7.53 12.57
N ASP A 95 0.91 -8.10 12.52
CA ASP A 95 1.36 -8.80 11.34
C ASP A 95 0.42 -9.89 10.94
N LEU A 96 -0.33 -9.48 9.95
CA LEU A 96 -1.26 -10.29 9.26
C LEU A 96 -0.64 -10.80 7.99
N TRP A 97 0.22 -9.95 7.45
CA TRP A 97 0.86 -10.17 6.16
C TRP A 97 1.41 -11.57 6.04
N LYS A 98 1.89 -12.10 7.15
CA LYS A 98 2.50 -13.40 7.19
C LYS A 98 1.58 -14.50 6.80
N THR A 99 0.30 -14.26 6.95
CA THR A 99 -0.68 -15.25 6.63
C THR A 99 -1.55 -14.78 5.48
N ARG A 100 -1.81 -13.47 5.48
CA ARG A 100 -2.79 -12.87 4.59
C ARG A 100 -2.24 -12.61 3.20
N GLY A 101 -0.93 -12.65 3.09
CA GLY A 101 -0.30 -12.87 1.80
C GLY A 101 -0.30 -11.68 0.84
N SER A 102 -0.01 -10.48 1.33
CA SER A 102 0.13 -9.33 0.44
C SER A 102 1.57 -9.27 -0.10
N HIS A 103 1.75 -9.10 -1.39
CA HIS A 103 3.07 -9.28 -2.00
C HIS A 103 3.72 -7.94 -2.28
N GLY A 104 4.14 -7.28 -1.21
CA GLY A 104 4.75 -5.98 -1.34
C GLY A 104 3.70 -4.91 -1.37
N CYS A 105 2.47 -5.34 -1.56
CA CYS A 105 1.36 -4.44 -1.64
C CYS A 105 0.78 -4.17 -0.26
N ILE A 106 0.26 -2.97 -0.08
CA ILE A 106 -0.29 -2.56 1.19
C ILE A 106 -1.81 -2.60 1.13
N ASN A 107 -2.40 -3.42 1.98
CA ASN A 107 -3.84 -3.61 1.97
C ASN A 107 -4.54 -2.56 2.83
N THR A 108 -4.89 -1.46 2.20
CA THR A 108 -5.64 -0.39 2.83
C THR A 108 -7.12 -0.67 2.73
N PRO A 109 -7.84 -0.41 3.81
CA PRO A 109 -9.28 -0.61 3.84
C PRO A 109 -9.96 0.12 2.72
N PRO A 110 -10.92 -0.53 2.07
CA PRO A 110 -11.58 -0.02 0.86
C PRO A 110 -12.19 1.34 1.06
N SER A 111 -12.62 1.55 2.27
CA SER A 111 -13.27 2.78 2.61
C SER A 111 -12.23 3.86 2.86
N VAL A 112 -11.14 3.47 3.50
CA VAL A 112 -10.06 4.38 3.80
C VAL A 112 -9.19 4.66 2.57
N MET A 113 -9.09 3.68 1.68
CA MET A 113 -8.33 3.82 0.48
C MET A 113 -8.91 4.92 -0.41
N LYS A 114 -10.19 5.17 -0.20
CA LYS A 114 -10.94 6.24 -0.85
C LYS A 114 -10.58 7.59 -0.31
N GLU A 115 -10.21 7.57 0.93
CA GLU A 115 -9.84 8.74 1.66
C GLU A 115 -8.50 9.13 1.22
N LEU A 116 -7.69 8.11 1.18
CA LEU A 116 -6.38 8.17 0.71
C LEU A 116 -6.32 8.50 -0.76
N PHE A 117 -6.78 7.59 -1.59
CA PHE A 117 -6.80 7.84 -3.03
C PHE A 117 -7.45 9.18 -3.26
N GLY A 118 -8.30 9.53 -2.29
CA GLY A 118 -9.03 10.74 -2.30
C GLY A 118 -8.14 11.95 -2.01
N MET A 119 -7.08 11.74 -1.20
CA MET A 119 -6.06 12.77 -0.98
C MET A 119 -4.96 12.70 -2.04
N VAL A 120 -4.49 11.49 -2.25
CA VAL A 120 -3.30 11.26 -3.02
C VAL A 120 -3.55 10.76 -4.40
N GLU A 121 -2.76 11.35 -5.26
CA GLU A 121 -2.76 11.11 -6.64
C GLU A 121 -1.33 11.02 -7.05
N LYS A 122 -1.07 10.83 -8.32
CA LYS A 122 0.26 10.77 -8.77
C LYS A 122 1.09 11.92 -8.30
N GLY A 123 2.36 11.67 -8.36
CA GLY A 123 3.32 12.64 -7.92
C GLY A 123 3.71 12.46 -6.48
N THR A 124 2.73 12.06 -5.67
CA THR A 124 2.91 11.91 -4.26
C THR A 124 3.81 10.73 -3.95
N PRO A 125 4.68 10.88 -2.96
CA PRO A 125 5.46 9.78 -2.48
C PRO A 125 4.64 8.84 -1.68
N VAL A 126 5.18 7.69 -1.55
CA VAL A 126 4.62 6.70 -0.71
C VAL A 126 5.72 6.14 0.14
N LEU A 127 5.48 6.06 1.40
CA LEU A 127 6.45 5.52 2.30
C LEU A 127 6.01 4.20 2.80
N VAL A 128 6.96 3.34 2.94
CA VAL A 128 6.84 2.14 3.70
C VAL A 128 8.17 1.92 4.36
N PHE A 129 8.18 1.38 5.57
CA PHE A 129 9.41 1.26 6.33
C PHE A 129 9.30 0.19 7.40
N GLY A 1 13.85 11.70 11.99
CA GLY A 1 12.75 10.99 11.29
C GLY A 1 13.05 10.87 9.81
N HIS A 2 12.05 11.14 8.98
CA HIS A 2 12.26 11.12 7.54
C HIS A 2 11.32 12.10 6.84
N MET A 3 11.92 12.98 6.04
CA MET A 3 11.21 13.77 5.03
C MET A 3 10.01 14.53 5.57
N GLU A 4 10.23 15.83 5.67
CA GLU A 4 9.23 16.78 6.07
C GLU A 4 8.20 16.96 4.96
N ASP A 5 8.45 16.29 3.87
CA ASP A 5 7.56 16.23 2.71
C ASP A 5 6.17 15.74 3.01
N THR A 6 5.33 15.98 2.03
CA THR A 6 4.02 15.42 1.97
C THR A 6 4.07 14.16 1.12
N TYR A 7 3.61 13.06 1.71
CA TYR A 7 3.63 11.77 1.06
C TYR A 7 2.59 10.85 1.65
N ILE A 8 2.66 9.60 1.25
CA ILE A 8 1.93 8.55 1.92
C ILE A 8 2.90 7.79 2.81
N GLU A 9 2.40 7.02 3.77
CA GLU A 9 3.30 6.26 4.64
C GLU A 9 2.74 4.91 4.97
N VAL A 10 3.63 4.02 5.31
CA VAL A 10 3.30 2.66 5.64
C VAL A 10 4.31 2.11 6.61
N ASP A 11 3.81 1.41 7.58
CA ASP A 11 4.63 0.69 8.50
C ASP A 11 4.30 -0.77 8.38
N LEU A 12 5.27 -1.55 7.93
CA LEU A 12 5.07 -2.95 7.70
C LEU A 12 4.85 -3.68 9.01
N GLU A 13 5.76 -3.38 9.91
CA GLU A 13 5.81 -3.96 11.24
C GLU A 13 4.49 -3.79 11.96
N ASN A 14 4.06 -2.56 12.05
CA ASN A 14 2.91 -2.20 12.86
C ASN A 14 1.67 -2.16 12.01
N GLN A 15 1.90 -2.55 10.74
CA GLN A 15 0.87 -2.68 9.72
C GLN A 15 -0.06 -1.48 9.68
N HIS A 16 0.48 -0.35 9.31
CA HIS A 16 -0.28 0.89 9.33
C HIS A 16 0.20 1.82 8.22
N MET A 17 -0.73 2.23 7.40
CA MET A 17 -0.46 3.11 6.28
C MET A 17 -1.09 4.47 6.51
N TRP A 18 -0.27 5.49 6.37
CA TRP A 18 -0.64 6.86 6.63
C TRP A 18 -0.65 7.70 5.39
N TYR A 19 -1.10 8.92 5.54
CA TYR A 19 -0.91 9.93 4.53
C TYR A 19 -0.28 11.10 5.22
N TYR A 20 0.91 11.42 4.85
CA TYR A 20 1.59 12.51 5.49
C TYR A 20 1.54 13.76 4.67
N LYS A 21 1.10 14.79 5.32
CA LYS A 21 1.07 16.09 4.81
C LYS A 21 1.28 17.05 5.93
N ASP A 22 2.10 18.04 5.63
CA ASP A 22 2.43 19.09 6.54
C ASP A 22 3.29 18.54 7.62
N GLY A 23 3.78 17.34 7.33
CA GLY A 23 4.66 16.64 8.21
C GLY A 23 3.90 15.88 9.27
N LYS A 24 2.64 15.75 9.00
CA LYS A 24 1.65 15.25 9.89
C LYS A 24 0.79 14.30 9.09
N VAL A 25 -0.09 13.54 9.69
CA VAL A 25 -0.87 12.66 8.87
C VAL A 25 -2.22 13.18 8.62
N ALA A 26 -2.53 12.98 7.39
CA ALA A 26 -3.78 13.28 6.82
C ALA A 26 -4.64 12.08 6.89
N LEU A 27 -3.97 10.94 6.95
CA LEU A 27 -4.63 9.69 6.87
C LEU A 27 -3.82 8.65 7.59
N GLU A 28 -4.49 7.62 8.05
CA GLU A 28 -3.88 6.57 8.85
C GLU A 28 -4.80 5.39 8.90
N THR A 29 -4.31 4.26 8.48
CA THR A 29 -5.06 3.06 8.62
C THR A 29 -4.17 1.87 8.82
N ASP A 30 -4.81 0.84 9.24
CA ASP A 30 -4.25 -0.44 9.45
C ASP A 30 -4.22 -1.16 8.13
N ILE A 31 -3.16 -1.86 7.89
CA ILE A 31 -2.94 -2.54 6.63
C ILE A 31 -2.30 -3.90 6.82
N VAL A 32 -1.92 -4.49 5.70
CA VAL A 32 -1.21 -5.76 5.68
C VAL A 32 -0.45 -5.89 4.37
N SER A 33 0.87 -5.96 4.48
CA SER A 33 1.73 -5.78 3.33
C SER A 33 2.92 -6.73 3.35
N GLY A 34 3.34 -7.17 2.18
CA GLY A 34 4.65 -7.75 2.05
C GLY A 34 4.87 -9.09 2.74
N LYS A 35 3.94 -10.04 2.57
CA LYS A 35 3.98 -11.32 3.26
C LYS A 35 5.38 -11.90 3.19
N PRO A 36 5.79 -12.58 4.22
CA PRO A 36 7.15 -13.11 4.41
C PRO A 36 7.86 -13.58 3.13
N THR A 37 7.12 -14.13 2.18
CA THR A 37 7.70 -14.67 0.97
C THR A 37 8.02 -13.55 -0.03
N THR A 38 7.18 -12.53 -0.03
CA THR A 38 7.35 -11.42 -0.93
C THR A 38 7.02 -10.12 -0.21
N PRO A 39 7.93 -9.74 0.67
CA PRO A 39 7.83 -8.57 1.53
C PRO A 39 7.95 -7.25 0.78
N THR A 40 7.49 -6.21 1.47
CA THR A 40 7.58 -4.86 1.00
C THR A 40 9.03 -4.36 1.10
N PRO A 41 9.34 -3.39 0.25
CA PRO A 41 10.69 -2.87 0.04
C PRO A 41 11.12 -1.87 1.10
N ALA A 42 10.27 -0.88 1.35
CA ALA A 42 10.56 0.20 2.28
C ALA A 42 11.67 1.13 1.80
N GLY A 43 11.32 2.41 1.71
CA GLY A 43 12.22 3.41 1.23
C GLY A 43 11.51 4.69 0.88
N VAL A 44 11.68 5.13 -0.34
CA VAL A 44 11.06 6.33 -0.82
C VAL A 44 10.32 6.05 -2.12
N PHE A 45 9.02 5.97 -2.01
CA PHE A 45 8.18 5.52 -3.07
C PHE A 45 7.41 6.68 -3.67
N TYR A 46 6.89 6.52 -4.87
CA TYR A 46 6.04 7.54 -5.48
C TYR A 46 5.00 6.92 -6.36
N VAL A 47 3.78 7.41 -6.27
CA VAL A 47 2.74 6.91 -7.13
C VAL A 47 2.94 7.42 -8.55
N TRP A 48 3.10 6.50 -9.46
CA TRP A 48 3.36 6.85 -10.85
C TRP A 48 2.15 6.61 -11.71
N ASN A 49 1.07 6.21 -11.08
CA ASN A 49 -0.19 6.06 -11.76
C ASN A 49 -1.34 5.96 -10.76
N LYS A 50 -2.48 6.43 -11.18
CA LYS A 50 -3.70 6.22 -10.45
C LYS A 50 -4.57 5.23 -11.17
N GLU A 51 -4.70 4.09 -10.57
CA GLU A 51 -5.50 3.04 -11.11
C GLU A 51 -6.71 2.80 -10.27
N GLU A 52 -7.82 2.92 -10.90
CA GLU A 52 -9.08 2.70 -10.28
C GLU A 52 -9.76 1.55 -10.94
N ASP A 53 -10.46 0.83 -10.09
CA ASP A 53 -11.18 -0.38 -10.46
C ASP A 53 -10.20 -1.34 -11.12
N ALA A 54 -8.96 -1.13 -10.75
CA ALA A 54 -7.83 -1.73 -11.40
C ALA A 54 -7.57 -3.12 -10.92
N THR A 55 -6.70 -3.77 -11.62
CA THR A 55 -6.37 -5.13 -11.36
C THR A 55 -4.88 -5.28 -11.22
N LEU A 56 -4.50 -5.39 -9.98
CA LEU A 56 -3.16 -5.63 -9.59
C LEU A 56 -2.77 -7.02 -9.89
N LYS A 57 -1.51 -7.24 -9.98
CA LYS A 57 -0.98 -8.50 -10.28
C LYS A 57 0.32 -8.66 -9.56
N GLY A 58 0.98 -9.76 -9.77
CA GLY A 58 2.21 -9.92 -9.04
C GLY A 58 2.96 -11.17 -9.35
N THR A 59 3.66 -11.62 -8.33
CA THR A 59 4.36 -12.86 -8.36
C THR A 59 4.21 -13.56 -7.04
N ASN A 60 3.64 -14.73 -7.18
CA ASN A 60 3.46 -15.67 -6.10
C ASN A 60 4.75 -15.96 -5.37
N ASP A 61 4.68 -16.82 -4.39
CA ASP A 61 5.88 -17.34 -3.76
C ASP A 61 6.84 -17.92 -4.80
N ASP A 62 6.29 -18.32 -5.95
CA ASP A 62 7.08 -19.00 -6.96
C ASP A 62 7.61 -18.05 -8.00
N GLY A 63 6.90 -16.98 -8.20
CA GLY A 63 7.22 -16.12 -9.30
C GLY A 63 6.23 -16.28 -10.42
N THR A 64 5.01 -16.56 -10.02
CA THR A 64 3.92 -16.69 -10.90
C THR A 64 2.99 -15.57 -10.58
N PRO A 65 2.21 -15.13 -11.49
CA PRO A 65 1.39 -13.99 -11.29
C PRO A 65 0.27 -14.24 -10.32
N TYR A 66 -0.37 -13.18 -10.03
CA TYR A 66 -1.60 -13.18 -9.27
C TYR A 66 -2.35 -11.93 -9.63
N GLU A 67 -3.41 -11.63 -8.92
CA GLU A 67 -4.14 -10.40 -9.13
C GLU A 67 -4.75 -9.89 -7.84
N SER A 68 -5.01 -8.61 -7.87
CA SER A 68 -5.65 -7.90 -6.81
C SER A 68 -6.70 -7.00 -7.45
N PRO A 69 -7.97 -7.44 -7.43
CA PRO A 69 -9.07 -6.63 -7.88
C PRO A 69 -9.27 -5.46 -6.95
N VAL A 70 -8.82 -4.34 -7.40
CA VAL A 70 -8.78 -3.17 -6.63
C VAL A 70 -9.70 -2.13 -7.24
N ASN A 71 -9.98 -1.16 -6.44
CA ASN A 71 -10.89 -0.10 -6.73
C ASN A 71 -10.08 1.16 -6.79
N TYR A 72 -9.09 1.16 -5.93
CA TYR A 72 -8.14 2.25 -5.85
C TYR A 72 -6.72 1.72 -5.77
N TRP A 73 -5.97 2.02 -6.78
CA TRP A 73 -4.59 1.59 -6.91
C TRP A 73 -3.70 2.78 -7.08
N MET A 74 -2.62 2.78 -6.36
CA MET A 74 -1.61 3.77 -6.53
C MET A 74 -0.22 3.14 -6.52
N PRO A 75 0.23 2.66 -7.68
CA PRO A 75 1.53 2.01 -7.82
C PRO A 75 2.68 2.97 -7.68
N ILE A 76 3.70 2.49 -7.00
CA ILE A 76 4.85 3.29 -6.64
C ILE A 76 6.13 2.68 -7.15
N ASP A 77 6.05 1.40 -7.52
CA ASP A 77 7.18 0.69 -8.09
C ASP A 77 6.73 -0.10 -9.30
N TRP A 78 7.65 -0.48 -10.17
CA TRP A 78 7.30 -1.20 -11.38
C TRP A 78 7.36 -2.72 -11.18
N THR A 79 7.42 -3.17 -9.94
CA THR A 79 7.34 -4.59 -9.66
C THR A 79 5.90 -4.93 -9.41
N GLY A 80 5.20 -3.91 -8.96
CA GLY A 80 3.81 -4.01 -8.69
C GLY A 80 3.48 -3.66 -7.28
N VAL A 81 4.28 -2.78 -6.71
CA VAL A 81 4.03 -2.33 -5.37
C VAL A 81 3.40 -0.95 -5.39
N GLY A 82 2.57 -0.70 -4.40
CA GLY A 82 1.89 0.56 -4.29
C GLY A 82 0.89 0.54 -3.17
N ILE A 83 0.01 1.52 -3.14
CA ILE A 83 -1.05 1.55 -2.16
C ILE A 83 -2.35 1.14 -2.84
N HIS A 84 -3.15 0.34 -2.16
CA HIS A 84 -4.44 -0.07 -2.72
C HIS A 84 -5.46 -0.32 -1.67
N ASP A 85 -6.69 -0.36 -2.10
CA ASP A 85 -7.80 -0.72 -1.29
C ASP A 85 -8.02 -2.21 -1.42
N SER A 86 -8.27 -2.86 -0.33
CA SER A 86 -8.37 -4.29 -0.35
C SER A 86 -9.61 -4.71 0.36
N ASP A 87 -10.58 -5.03 -0.46
CA ASP A 87 -11.87 -5.43 0.02
C ASP A 87 -11.98 -6.95 0.10
N TRP A 88 -11.24 -7.61 -0.81
CA TRP A 88 -11.12 -9.07 -0.84
C TRP A 88 -10.38 -9.52 0.40
N GLN A 89 -9.57 -8.60 0.89
CA GLN A 89 -8.66 -8.86 1.99
C GLN A 89 -8.97 -7.94 3.12
N PRO A 90 -9.95 -8.38 3.85
CA PRO A 90 -10.74 -7.56 4.73
C PRO A 90 -10.10 -7.29 6.07
N GLU A 91 -8.85 -7.72 6.22
CA GLU A 91 -8.15 -7.54 7.46
C GLU A 91 -6.97 -6.61 7.25
N TYR A 92 -6.61 -5.96 8.34
CA TYR A 92 -5.62 -4.90 8.38
C TYR A 92 -5.21 -4.68 9.82
N GLY A 93 -3.94 -4.76 10.08
CA GLY A 93 -3.50 -4.57 11.43
C GLY A 93 -2.29 -5.41 11.72
N GLY A 94 -1.93 -5.50 13.01
CA GLY A 94 -0.82 -6.33 13.48
C GLY A 94 -0.59 -7.55 12.62
N ASP A 95 0.65 -8.03 12.58
CA ASP A 95 1.19 -8.62 11.37
C ASP A 95 0.32 -9.72 10.85
N LEU A 96 -0.41 -9.29 9.86
CA LEU A 96 -1.31 -10.09 9.11
C LEU A 96 -0.60 -10.56 7.87
N TRP A 97 0.30 -9.72 7.39
CA TRP A 97 0.99 -10.01 6.15
C TRP A 97 1.48 -11.44 6.09
N LYS A 98 1.93 -11.92 7.23
CA LYS A 98 2.52 -13.23 7.35
C LYS A 98 1.56 -14.35 7.01
N THR A 99 0.29 -14.05 7.15
CA THR A 99 -0.72 -15.04 6.92
C THR A 99 -1.56 -14.68 5.70
N ARG A 100 -1.77 -13.38 5.54
CA ARG A 100 -2.73 -12.86 4.58
C ARG A 100 -2.13 -12.68 3.19
N GLY A 101 -0.83 -12.66 3.12
CA GLY A 101 -0.18 -12.89 1.83
C GLY A 101 -0.24 -11.74 0.83
N SER A 102 0.00 -10.51 1.27
CA SER A 102 0.12 -9.40 0.32
C SER A 102 1.58 -9.34 -0.16
N HIS A 103 1.82 -9.26 -1.45
CA HIS A 103 3.17 -9.46 -1.99
C HIS A 103 3.84 -8.13 -2.28
N GLY A 104 4.08 -7.36 -1.23
CA GLY A 104 4.70 -6.07 -1.37
C GLY A 104 3.67 -4.98 -1.47
N CYS A 105 2.44 -5.40 -1.67
CA CYS A 105 1.33 -4.48 -1.81
C CYS A 105 0.70 -4.20 -0.45
N ILE A 106 0.28 -2.96 -0.25
CA ILE A 106 -0.28 -2.55 1.02
C ILE A 106 -1.78 -2.62 0.99
N ASN A 107 -2.27 -3.43 1.90
CA ASN A 107 -3.66 -3.68 2.05
C ASN A 107 -4.37 -2.56 2.80
N THR A 108 -4.73 -1.50 2.10
CA THR A 108 -5.48 -0.42 2.70
C THR A 108 -6.96 -0.72 2.63
N PRO A 109 -7.67 -0.45 3.72
CA PRO A 109 -9.10 -0.64 3.78
C PRO A 109 -9.82 0.14 2.70
N PRO A 110 -10.79 -0.49 2.05
CA PRO A 110 -11.48 0.06 0.88
C PRO A 110 -12.10 1.41 1.14
N SER A 111 -12.52 1.60 2.36
CA SER A 111 -13.16 2.82 2.73
C SER A 111 -12.12 3.87 3.01
N VAL A 112 -11.03 3.45 3.64
CA VAL A 112 -10.00 4.38 4.02
C VAL A 112 -9.05 4.67 2.86
N MET A 113 -8.94 3.72 1.95
CA MET A 113 -8.17 3.90 0.75
C MET A 113 -8.83 4.92 -0.16
N LYS A 114 -10.11 5.12 0.09
CA LYS A 114 -10.92 6.11 -0.61
C LYS A 114 -10.66 7.49 -0.08
N GLU A 115 -10.18 7.49 1.13
CA GLU A 115 -9.83 8.68 1.84
C GLU A 115 -8.49 9.09 1.38
N LEU A 116 -7.66 8.08 1.33
CA LEU A 116 -6.35 8.17 0.83
C LEU A 116 -6.33 8.48 -0.63
N PHE A 117 -6.79 7.57 -1.46
CA PHE A 117 -6.86 7.80 -2.88
C PHE A 117 -7.55 9.14 -3.09
N GLY A 118 -8.41 9.44 -2.11
CA GLY A 118 -9.15 10.65 -2.08
C GLY A 118 -8.27 11.88 -1.81
N MET A 119 -7.16 11.69 -1.07
CA MET A 119 -6.15 12.73 -0.90
C MET A 119 -5.08 12.67 -1.97
N VAL A 120 -4.58 11.48 -2.18
CA VAL A 120 -3.38 11.26 -2.96
C VAL A 120 -3.64 10.77 -4.35
N GLU A 121 -2.85 11.36 -5.20
CA GLU A 121 -2.83 11.13 -6.59
C GLU A 121 -1.39 11.04 -6.99
N LYS A 122 -1.13 10.85 -8.26
CA LYS A 122 0.21 10.82 -8.71
C LYS A 122 1.00 11.99 -8.26
N GLY A 123 2.28 11.79 -8.34
CA GLY A 123 3.20 12.80 -7.93
C GLY A 123 3.60 12.65 -6.48
N THR A 124 2.65 12.19 -5.67
CA THR A 124 2.84 12.06 -4.26
C THR A 124 3.70 10.84 -3.97
N PRO A 125 4.59 10.94 -3.01
CA PRO A 125 5.35 9.81 -2.56
C PRO A 125 4.53 8.91 -1.73
N VAL A 126 5.05 7.76 -1.51
CA VAL A 126 4.53 6.88 -0.52
C VAL A 126 5.69 6.33 0.26
N LEU A 127 5.42 5.99 1.46
CA LEU A 127 6.42 5.44 2.30
C LEU A 127 5.99 4.11 2.81
N VAL A 128 6.96 3.25 2.94
CA VAL A 128 6.82 2.06 3.70
C VAL A 128 8.15 1.83 4.40
N PHE A 129 8.12 1.28 5.60
CA PHE A 129 9.34 1.12 6.39
C PHE A 129 9.14 0.09 7.49
N GLY A 1 11.31 12.94 12.45
CA GLY A 1 11.07 11.49 12.22
C GLY A 1 11.59 11.05 10.87
N HIS A 2 10.69 10.63 9.99
CA HIS A 2 11.06 10.17 8.67
C HIS A 2 10.59 11.17 7.63
N MET A 3 11.50 12.03 7.24
CA MET A 3 11.24 13.13 6.31
C MET A 3 10.21 14.10 6.87
N GLU A 4 9.81 15.04 6.04
CA GLU A 4 8.82 16.04 6.41
C GLU A 4 7.94 16.40 5.21
N ASP A 5 8.29 15.84 4.07
CA ASP A 5 7.49 15.97 2.85
C ASP A 5 6.06 15.53 3.04
N THR A 6 5.29 15.88 2.04
CA THR A 6 3.98 15.38 1.89
C THR A 6 4.04 14.13 1.03
N TYR A 7 3.53 13.05 1.58
CA TYR A 7 3.58 11.75 0.97
C TYR A 7 2.55 10.82 1.56
N ILE A 8 2.66 9.56 1.20
CA ILE A 8 1.92 8.53 1.88
C ILE A 8 2.89 7.78 2.79
N GLU A 9 2.40 7.05 3.78
CA GLU A 9 3.31 6.31 4.65
C GLU A 9 2.74 4.96 4.99
N VAL A 10 3.64 4.07 5.31
CA VAL A 10 3.31 2.71 5.65
C VAL A 10 4.33 2.18 6.61
N ASP A 11 3.83 1.56 7.62
CA ASP A 11 4.66 0.83 8.53
C ASP A 11 4.29 -0.62 8.42
N LEU A 12 5.21 -1.39 7.89
CA LEU A 12 5.03 -2.82 7.76
C LEU A 12 4.83 -3.39 9.13
N GLU A 13 5.87 -3.12 9.91
CA GLU A 13 6.08 -3.68 11.23
C GLU A 13 4.87 -3.58 12.11
N ASN A 14 4.30 -2.39 12.11
CA ASN A 14 3.15 -2.05 12.93
C ASN A 14 1.95 -1.86 12.04
N GLN A 15 2.07 -2.45 10.84
CA GLN A 15 0.98 -2.60 9.88
C GLN A 15 0.04 -1.40 9.86
N HIS A 16 0.53 -0.28 9.39
CA HIS A 16 -0.24 0.96 9.41
C HIS A 16 0.22 1.88 8.29
N MET A 17 -0.71 2.27 7.46
CA MET A 17 -0.45 3.14 6.33
C MET A 17 -1.08 4.51 6.56
N TRP A 18 -0.25 5.53 6.41
CA TRP A 18 -0.62 6.91 6.66
C TRP A 18 -0.65 7.72 5.41
N TYR A 19 -1.10 8.95 5.54
CA TYR A 19 -0.92 9.94 4.50
C TYR A 19 -0.30 11.12 5.17
N TYR A 20 0.86 11.48 4.74
CA TYR A 20 1.53 12.60 5.34
C TYR A 20 1.42 13.81 4.49
N LYS A 21 1.01 14.86 5.12
CA LYS A 21 0.97 16.14 4.57
C LYS A 21 1.21 17.12 5.67
N ASP A 22 2.02 18.10 5.33
CA ASP A 22 2.36 19.18 6.21
C ASP A 22 3.26 18.65 7.30
N GLY A 23 3.76 17.46 7.00
CA GLY A 23 4.66 16.78 7.88
C GLY A 23 3.93 16.08 9.00
N LYS A 24 2.67 15.92 8.75
CA LYS A 24 1.70 15.44 9.68
C LYS A 24 0.84 14.45 8.92
N VAL A 25 0.00 13.67 9.56
CA VAL A 25 -0.79 12.77 8.77
C VAL A 25 -2.15 13.26 8.55
N ALA A 26 -2.50 13.04 7.35
CA ALA A 26 -3.76 13.34 6.80
C ALA A 26 -4.61 12.12 6.91
N LEU A 27 -3.94 11.00 6.96
CA LEU A 27 -4.61 9.74 6.90
C LEU A 27 -3.78 8.70 7.63
N GLU A 28 -4.45 7.67 8.09
CA GLU A 28 -3.84 6.63 8.91
C GLU A 28 -4.74 5.44 8.99
N THR A 29 -4.25 4.30 8.58
CA THR A 29 -5.00 3.11 8.72
C THR A 29 -4.12 1.91 8.94
N ASP A 30 -4.77 0.86 9.33
CA ASP A 30 -4.19 -0.41 9.57
C ASP A 30 -4.17 -1.16 8.28
N ILE A 31 -3.09 -1.87 8.06
CA ILE A 31 -2.89 -2.56 6.80
C ILE A 31 -2.21 -3.91 6.98
N VAL A 32 -1.88 -4.51 5.85
CA VAL A 32 -1.15 -5.77 5.82
C VAL A 32 -0.38 -5.85 4.50
N SER A 33 0.92 -5.94 4.61
CA SER A 33 1.79 -5.77 3.47
C SER A 33 2.97 -6.73 3.48
N GLY A 34 3.34 -7.19 2.30
CA GLY A 34 4.63 -7.81 2.11
C GLY A 34 4.81 -9.21 2.68
N LYS A 35 3.85 -10.15 2.48
CA LYS A 35 3.90 -11.45 3.11
C LYS A 35 5.29 -12.05 2.98
N PRO A 36 5.72 -12.76 4.01
CA PRO A 36 7.08 -13.27 4.19
C PRO A 36 7.82 -13.68 2.90
N THR A 37 7.07 -14.20 1.94
CA THR A 37 7.62 -14.66 0.67
C THR A 37 8.00 -13.49 -0.22
N THR A 38 7.17 -12.45 -0.18
CA THR A 38 7.37 -11.28 -1.01
C THR A 38 7.03 -10.02 -0.23
N PRO A 39 7.92 -9.68 0.69
CA PRO A 39 7.83 -8.51 1.57
C PRO A 39 8.01 -7.19 0.86
N THR A 40 7.53 -6.17 1.54
CA THR A 40 7.63 -4.81 1.10
C THR A 40 9.07 -4.30 1.19
N PRO A 41 9.36 -3.32 0.33
CA PRO A 41 10.71 -2.81 0.09
C PRO A 41 11.17 -1.80 1.14
N ALA A 42 10.32 -0.82 1.41
CA ALA A 42 10.61 0.25 2.36
C ALA A 42 11.71 1.20 1.90
N GLY A 43 11.33 2.47 1.85
CA GLY A 43 12.23 3.51 1.39
C GLY A 43 11.48 4.78 1.07
N VAL A 44 11.66 5.26 -0.13
CA VAL A 44 11.01 6.46 -0.60
C VAL A 44 10.32 6.18 -1.94
N PHE A 45 9.02 6.08 -1.87
CA PHE A 45 8.24 5.59 -2.99
C PHE A 45 7.45 6.73 -3.60
N TYR A 46 6.94 6.54 -4.81
CA TYR A 46 6.08 7.55 -5.44
C TYR A 46 5.04 6.90 -6.31
N VAL A 47 3.82 7.39 -6.23
CA VAL A 47 2.78 6.87 -7.09
C VAL A 47 2.97 7.37 -8.51
N TRP A 48 3.11 6.43 -9.43
CA TRP A 48 3.33 6.77 -10.81
C TRP A 48 2.12 6.48 -11.66
N ASN A 49 1.06 6.08 -11.01
CA ASN A 49 -0.20 5.84 -11.68
C ASN A 49 -1.33 5.77 -10.68
N LYS A 50 -2.49 6.22 -11.10
CA LYS A 50 -3.69 6.02 -10.34
C LYS A 50 -4.56 5.03 -11.05
N GLU A 51 -4.76 3.93 -10.41
CA GLU A 51 -5.56 2.88 -10.98
C GLU A 51 -6.78 2.56 -10.17
N GLU A 52 -7.88 2.88 -10.75
CA GLU A 52 -9.14 2.64 -10.19
C GLU A 52 -9.77 1.47 -10.87
N ASP A 53 -10.47 0.72 -10.05
CA ASP A 53 -11.18 -0.50 -10.45
C ASP A 53 -10.18 -1.44 -11.08
N ALA A 54 -8.94 -1.22 -10.71
CA ALA A 54 -7.82 -1.81 -11.36
C ALA A 54 -7.54 -3.20 -10.87
N THR A 55 -6.63 -3.82 -11.57
CA THR A 55 -6.26 -5.16 -11.31
C THR A 55 -4.77 -5.26 -11.17
N LEU A 56 -4.39 -5.39 -9.93
CA LEU A 56 -3.05 -5.61 -9.52
C LEU A 56 -2.64 -6.99 -9.84
N LYS A 57 -1.37 -7.18 -9.95
CA LYS A 57 -0.82 -8.41 -10.33
C LYS A 57 0.54 -8.53 -9.71
N GLY A 58 1.25 -9.58 -10.02
CA GLY A 58 2.57 -9.66 -9.49
C GLY A 58 3.32 -10.89 -9.87
N THR A 59 4.07 -11.35 -8.90
CA THR A 59 4.74 -12.61 -8.94
C THR A 59 4.68 -13.22 -7.59
N ASN A 60 4.15 -14.40 -7.61
CA ASN A 60 4.01 -15.23 -6.43
C ASN A 60 5.34 -15.42 -5.73
N ASP A 61 5.32 -16.19 -4.66
CA ASP A 61 6.55 -16.61 -4.02
C ASP A 61 7.53 -17.24 -5.02
N ASP A 62 7.00 -17.77 -6.12
CA ASP A 62 7.83 -18.49 -7.07
C ASP A 62 8.15 -17.63 -8.27
N GLY A 63 7.25 -16.76 -8.59
CA GLY A 63 7.40 -16.01 -9.80
C GLY A 63 6.31 -16.31 -10.79
N THR A 64 5.12 -16.52 -10.25
CA THR A 64 3.94 -16.72 -11.03
C THR A 64 3.04 -15.59 -10.68
N PRO A 65 2.54 -14.91 -11.65
CA PRO A 65 1.77 -13.75 -11.42
C PRO A 65 0.47 -14.04 -10.70
N TYR A 66 -0.07 -13.02 -10.16
CA TYR A 66 -1.27 -13.09 -9.36
C TYR A 66 -2.10 -11.87 -9.71
N GLU A 67 -3.15 -11.63 -8.96
CA GLU A 67 -3.93 -10.42 -9.14
C GLU A 67 -4.56 -9.95 -7.84
N SER A 68 -4.87 -8.68 -7.86
CA SER A 68 -5.53 -7.99 -6.79
C SER A 68 -6.60 -7.09 -7.40
N PRO A 69 -7.85 -7.54 -7.40
CA PRO A 69 -8.97 -6.72 -7.85
C PRO A 69 -9.20 -5.56 -6.92
N VAL A 70 -8.75 -4.43 -7.35
CA VAL A 70 -8.74 -3.24 -6.59
C VAL A 70 -9.69 -2.24 -7.19
N ASN A 71 -9.97 -1.25 -6.40
CA ASN A 71 -10.89 -0.20 -6.72
C ASN A 71 -10.10 1.07 -6.76
N TYR A 72 -9.10 1.09 -5.90
CA TYR A 72 -8.14 2.19 -5.84
C TYR A 72 -6.73 1.66 -5.72
N TRP A 73 -5.96 1.94 -6.74
CA TRP A 73 -4.58 1.51 -6.84
C TRP A 73 -3.69 2.70 -7.01
N MET A 74 -2.61 2.70 -6.29
CA MET A 74 -1.60 3.69 -6.46
C MET A 74 -0.20 3.06 -6.45
N PRO A 75 0.24 2.55 -7.60
CA PRO A 75 1.54 1.91 -7.73
C PRO A 75 2.69 2.88 -7.65
N ILE A 76 3.72 2.44 -6.95
CA ILE A 76 4.88 3.26 -6.61
C ILE A 76 6.17 2.63 -7.10
N ASP A 77 6.08 1.36 -7.45
CA ASP A 77 7.22 0.64 -8.00
C ASP A 77 6.80 -0.16 -9.23
N TRP A 78 7.73 -0.60 -10.04
CA TRP A 78 7.41 -1.33 -11.26
C TRP A 78 7.50 -2.84 -11.04
N THR A 79 7.57 -3.26 -9.80
CA THR A 79 7.53 -4.67 -9.50
C THR A 79 6.08 -5.03 -9.24
N GLY A 80 5.37 -4.02 -8.79
CA GLY A 80 3.98 -4.12 -8.54
C GLY A 80 3.62 -3.74 -7.14
N VAL A 81 4.40 -2.84 -6.57
CA VAL A 81 4.11 -2.35 -5.24
C VAL A 81 3.47 -0.98 -5.28
N GLY A 82 2.62 -0.74 -4.31
CA GLY A 82 1.91 0.52 -4.22
C GLY A 82 0.91 0.50 -3.10
N ILE A 83 0.03 1.49 -3.07
CA ILE A 83 -1.03 1.52 -2.10
C ILE A 83 -2.33 1.09 -2.78
N HIS A 84 -3.15 0.33 -2.08
CA HIS A 84 -4.43 -0.08 -2.65
C HIS A 84 -5.47 -0.27 -1.59
N ASP A 85 -6.70 -0.33 -2.05
CA ASP A 85 -7.81 -0.67 -1.24
C ASP A 85 -8.02 -2.16 -1.37
N SER A 86 -8.32 -2.82 -0.30
CA SER A 86 -8.44 -4.24 -0.36
C SER A 86 -9.68 -4.67 0.35
N ASP A 87 -10.64 -4.99 -0.47
CA ASP A 87 -11.93 -5.41 -0.02
C ASP A 87 -12.02 -6.93 0.04
N TRP A 88 -11.30 -7.57 -0.89
CA TRP A 88 -11.18 -9.03 -0.93
C TRP A 88 -10.44 -9.50 0.30
N GLN A 89 -9.62 -8.60 0.79
CA GLN A 89 -8.72 -8.87 1.90
C GLN A 89 -9.02 -7.92 3.02
N PRO A 90 -10.00 -8.32 3.76
CA PRO A 90 -10.76 -7.46 4.65
C PRO A 90 -10.09 -7.21 5.98
N GLU A 91 -8.86 -7.66 6.13
CA GLU A 91 -8.16 -7.52 7.39
C GLU A 91 -6.97 -6.58 7.25
N TYR A 92 -6.62 -6.00 8.39
CA TYR A 92 -5.63 -4.92 8.50
C TYR A 92 -5.23 -4.79 9.94
N GLY A 93 -3.95 -4.83 10.18
CA GLY A 93 -3.47 -4.72 11.54
C GLY A 93 -2.24 -5.54 11.74
N GLY A 94 -1.87 -5.73 13.01
CA GLY A 94 -0.78 -6.63 13.39
C GLY A 94 -0.57 -7.78 12.44
N ASP A 95 0.65 -8.27 12.34
CA ASP A 95 1.14 -8.92 11.13
C ASP A 95 0.21 -9.99 10.67
N LEU A 96 -0.53 -9.56 9.69
CA LEU A 96 -1.44 -10.35 8.95
C LEU A 96 -0.76 -10.78 7.70
N TRP A 97 0.10 -9.93 7.20
CA TRP A 97 0.74 -10.16 5.92
C TRP A 97 1.25 -11.58 5.79
N LYS A 98 1.76 -12.10 6.90
CA LYS A 98 2.36 -13.40 6.96
C LYS A 98 1.40 -14.50 6.58
N THR A 99 0.14 -14.23 6.77
CA THR A 99 -0.87 -15.22 6.50
C THR A 99 -1.71 -14.79 5.31
N ARG A 100 -1.91 -13.47 5.22
CA ARG A 100 -2.86 -12.90 4.30
C ARG A 100 -2.28 -12.65 2.92
N GLY A 101 -0.96 -12.69 2.85
CA GLY A 101 -0.30 -12.92 1.56
C GLY A 101 -0.29 -11.76 0.58
N SER A 102 -0.05 -10.55 1.05
CA SER A 102 0.07 -9.41 0.15
C SER A 102 1.54 -9.23 -0.27
N HIS A 103 1.81 -9.08 -1.55
CA HIS A 103 3.18 -9.19 -2.07
C HIS A 103 3.82 -7.82 -2.25
N GLY A 104 4.08 -7.15 -1.14
CA GLY A 104 4.68 -5.85 -1.19
C GLY A 104 3.62 -4.79 -1.29
N CYS A 105 2.41 -5.23 -1.56
CA CYS A 105 1.29 -4.34 -1.67
C CYS A 105 0.68 -4.10 -0.31
N ILE A 106 0.26 -2.87 -0.07
CA ILE A 106 -0.27 -2.49 1.22
C ILE A 106 -1.78 -2.57 1.22
N ASN A 107 -2.28 -3.45 2.07
CA ASN A 107 -3.70 -3.72 2.17
C ASN A 107 -4.43 -2.61 2.92
N THR A 108 -4.77 -1.53 2.23
CA THR A 108 -5.50 -0.44 2.82
C THR A 108 -6.99 -0.72 2.73
N PRO A 109 -7.71 -0.42 3.81
CA PRO A 109 -9.15 -0.58 3.84
C PRO A 109 -9.84 0.20 2.75
N PRO A 110 -10.79 -0.43 2.08
CA PRO A 110 -11.48 0.12 0.91
C PRO A 110 -12.09 1.47 1.18
N SER A 111 -12.54 1.63 2.40
CA SER A 111 -13.18 2.84 2.79
C SER A 111 -12.14 3.92 3.09
N VAL A 112 -11.06 3.52 3.74
CA VAL A 112 -10.00 4.45 4.08
C VAL A 112 -9.10 4.74 2.88
N MET A 113 -8.99 3.79 1.98
CA MET A 113 -8.21 3.95 0.78
C MET A 113 -8.87 4.96 -0.15
N LYS A 114 -10.14 5.19 0.12
CA LYS A 114 -10.95 6.17 -0.58
C LYS A 114 -10.69 7.56 -0.07
N GLU A 115 -10.20 7.55 1.13
CA GLU A 115 -9.81 8.75 1.83
C GLU A 115 -8.48 9.13 1.34
N LEU A 116 -7.66 8.11 1.32
CA LEU A 116 -6.35 8.18 0.82
C LEU A 116 -6.32 8.48 -0.65
N PHE A 117 -6.80 7.56 -1.46
CA PHE A 117 -6.87 7.77 -2.89
C PHE A 117 -7.54 9.12 -3.13
N GLY A 118 -8.36 9.45 -2.14
CA GLY A 118 -9.11 10.67 -2.14
C GLY A 118 -8.22 11.89 -1.89
N MET A 119 -7.13 11.70 -1.11
CA MET A 119 -6.12 12.75 -0.93
C MET A 119 -5.04 12.66 -1.99
N VAL A 120 -4.54 11.46 -2.18
CA VAL A 120 -3.34 11.23 -2.95
C VAL A 120 -3.62 10.74 -4.34
N GLU A 121 -2.83 11.30 -5.19
CA GLU A 121 -2.84 11.08 -6.58
C GLU A 121 -1.43 10.94 -7.01
N LYS A 122 -1.19 10.75 -8.28
CA LYS A 122 0.14 10.69 -8.74
C LYS A 122 0.95 11.88 -8.31
N GLY A 123 2.22 11.66 -8.41
CA GLY A 123 3.14 12.67 -8.02
C GLY A 123 3.56 12.54 -6.57
N THR A 124 2.61 12.13 -5.73
CA THR A 124 2.83 12.04 -4.32
C THR A 124 3.68 10.83 -4.01
N PRO A 125 4.58 10.95 -3.06
CA PRO A 125 5.34 9.85 -2.60
C PRO A 125 4.52 8.93 -1.76
N VAL A 126 5.06 7.79 -1.52
CA VAL A 126 4.53 6.92 -0.52
C VAL A 126 5.70 6.39 0.27
N LEU A 127 5.42 5.99 1.46
CA LEU A 127 6.42 5.45 2.30
C LEU A 127 6.01 4.12 2.82
N VAL A 128 6.98 3.28 2.96
CA VAL A 128 6.85 2.09 3.72
C VAL A 128 8.18 1.88 4.42
N PHE A 129 8.15 1.32 5.62
CA PHE A 129 9.37 1.14 6.40
C PHE A 129 9.19 0.07 7.47
N GLY A 1 8.85 9.35 12.81
CA GLY A 1 9.64 10.49 12.29
C GLY A 1 10.45 10.12 11.08
N HIS A 2 9.77 9.83 9.98
CA HIS A 2 10.43 9.42 8.76
C HIS A 2 10.17 10.44 7.67
N MET A 3 11.03 11.44 7.65
CA MET A 3 10.95 12.59 6.75
C MET A 3 9.88 13.57 7.20
N GLU A 4 9.68 14.60 6.41
CA GLU A 4 8.76 15.67 6.74
C GLU A 4 7.95 16.13 5.54
N ASP A 5 8.30 15.64 4.37
CA ASP A 5 7.53 15.87 3.15
C ASP A 5 6.09 15.42 3.26
N THR A 6 5.34 15.83 2.27
CA THR A 6 4.01 15.36 2.09
C THR A 6 4.04 14.16 1.17
N TYR A 7 3.52 13.06 1.68
CA TYR A 7 3.56 11.78 1.01
C TYR A 7 2.53 10.85 1.60
N ILE A 8 2.62 9.59 1.20
CA ILE A 8 1.89 8.55 1.89
C ILE A 8 2.88 7.82 2.78
N GLU A 9 2.41 7.09 3.78
CA GLU A 9 3.32 6.35 4.64
C GLU A 9 2.76 5.01 4.99
N VAL A 10 3.66 4.12 5.29
CA VAL A 10 3.34 2.77 5.64
C VAL A 10 4.38 2.24 6.57
N ASP A 11 3.92 1.60 7.60
CA ASP A 11 4.77 0.89 8.49
C ASP A 11 4.37 -0.55 8.42
N LEU A 12 5.26 -1.35 7.85
CA LEU A 12 5.03 -2.75 7.68
C LEU A 12 4.81 -3.35 9.03
N GLU A 13 5.82 -3.12 9.83
CA GLU A 13 5.99 -3.73 11.14
C GLU A 13 4.74 -3.71 11.96
N ASN A 14 4.19 -2.53 12.05
CA ASN A 14 3.04 -2.22 12.89
C ASN A 14 1.79 -2.20 12.06
N GLN A 15 2.00 -2.54 10.78
CA GLN A 15 0.96 -2.63 9.77
C GLN A 15 0.05 -1.42 9.77
N HIS A 16 0.59 -0.29 9.41
CA HIS A 16 -0.17 0.96 9.43
C HIS A 16 0.29 1.88 8.30
N MET A 17 -0.65 2.30 7.50
CA MET A 17 -0.41 3.18 6.38
C MET A 17 -1.05 4.54 6.62
N TRP A 18 -0.22 5.55 6.45
CA TRP A 18 -0.60 6.93 6.70
C TRP A 18 -0.65 7.74 5.44
N TYR A 19 -1.12 8.95 5.57
CA TYR A 19 -0.94 9.95 4.55
C TYR A 19 -0.33 11.14 5.22
N TYR A 20 0.86 11.48 4.83
CA TYR A 20 1.52 12.59 5.45
C TYR A 20 1.42 13.82 4.61
N LYS A 21 0.99 14.86 5.26
CA LYS A 21 0.95 16.15 4.72
C LYS A 21 1.17 17.12 5.82
N ASP A 22 1.98 18.11 5.50
CA ASP A 22 2.31 19.18 6.40
C ASP A 22 3.18 18.66 7.50
N GLY A 23 3.71 17.49 7.19
CA GLY A 23 4.58 16.81 8.10
C GLY A 23 3.82 16.10 9.18
N LYS A 24 2.57 15.91 8.88
CA LYS A 24 1.57 15.44 9.78
C LYS A 24 0.76 14.42 9.01
N VAL A 25 -0.11 13.67 9.65
CA VAL A 25 -0.88 12.76 8.85
C VAL A 25 -2.25 13.25 8.61
N ALA A 26 -2.57 13.03 7.40
CA ALA A 26 -3.83 13.30 6.83
C ALA A 26 -4.68 12.08 6.94
N LEU A 27 -4.00 10.96 7.00
CA LEU A 27 -4.64 9.70 6.92
C LEU A 27 -3.81 8.69 7.66
N GLU A 28 -4.46 7.64 8.12
CA GLU A 28 -3.82 6.61 8.94
C GLU A 28 -4.72 5.41 9.04
N THR A 29 -4.22 4.29 8.62
CA THR A 29 -4.95 3.09 8.79
C THR A 29 -4.07 1.90 8.98
N ASP A 30 -4.69 0.85 9.39
CA ASP A 30 -4.10 -0.42 9.58
C ASP A 30 -4.11 -1.13 8.26
N ILE A 31 -3.05 -1.85 8.00
CA ILE A 31 -2.87 -2.52 6.73
C ILE A 31 -2.23 -3.88 6.90
N VAL A 32 -1.93 -4.50 5.77
CA VAL A 32 -1.21 -5.77 5.74
C VAL A 32 -0.44 -5.89 4.42
N SER A 33 0.88 -5.96 4.53
CA SER A 33 1.75 -5.83 3.37
C SER A 33 2.95 -6.77 3.41
N GLY A 34 3.38 -7.19 2.23
CA GLY A 34 4.69 -7.76 2.10
C GLY A 34 4.87 -9.15 2.70
N LYS A 35 3.94 -10.07 2.47
CA LYS A 35 3.96 -11.38 3.10
C LYS A 35 5.34 -11.98 2.98
N PRO A 36 5.74 -12.70 4.02
CA PRO A 36 7.10 -13.22 4.22
C PRO A 36 7.86 -13.64 2.95
N THR A 37 7.15 -14.13 1.94
CA THR A 37 7.76 -14.61 0.72
C THR A 37 8.08 -13.45 -0.21
N THR A 38 7.23 -12.44 -0.19
CA THR A 38 7.40 -11.28 -1.05
C THR A 38 7.06 -10.02 -0.28
N PRO A 39 7.94 -9.65 0.62
CA PRO A 39 7.83 -8.50 1.50
C PRO A 39 8.01 -7.18 0.80
N THR A 40 7.53 -6.15 1.48
CA THR A 40 7.63 -4.79 1.04
C THR A 40 9.07 -4.28 1.16
N PRO A 41 9.40 -3.33 0.30
CA PRO A 41 10.75 -2.81 0.08
C PRO A 41 11.20 -1.79 1.13
N ALA A 42 10.34 -0.81 1.39
CA ALA A 42 10.60 0.24 2.36
C ALA A 42 11.71 1.21 1.93
N GLY A 43 11.33 2.48 1.87
CA GLY A 43 12.22 3.52 1.45
C GLY A 43 11.45 4.77 1.12
N VAL A 44 11.67 5.27 -0.08
CA VAL A 44 10.99 6.45 -0.55
C VAL A 44 10.32 6.12 -1.89
N PHE A 45 9.02 6.11 -1.87
CA PHE A 45 8.25 5.61 -2.98
C PHE A 45 7.47 6.74 -3.61
N TYR A 46 6.98 6.54 -4.84
CA TYR A 46 6.14 7.55 -5.48
C TYR A 46 5.12 6.89 -6.36
N VAL A 47 3.89 7.38 -6.31
CA VAL A 47 2.86 6.83 -7.16
C VAL A 47 3.05 7.32 -8.58
N TRP A 48 3.17 6.37 -9.50
CA TRP A 48 3.39 6.69 -10.89
C TRP A 48 2.17 6.45 -11.73
N ASN A 49 1.11 6.07 -11.09
CA ASN A 49 -0.16 5.87 -11.75
C ASN A 49 -1.29 5.78 -10.75
N LYS A 50 -2.45 6.23 -11.16
CA LYS A 50 -3.66 6.01 -10.43
C LYS A 50 -4.51 5.00 -11.15
N GLU A 51 -4.59 3.84 -10.58
CA GLU A 51 -5.37 2.78 -11.14
C GLU A 51 -6.62 2.58 -10.35
N GLU A 52 -7.70 2.70 -11.03
CA GLU A 52 -9.00 2.64 -10.42
C GLU A 52 -9.80 1.53 -11.01
N ASP A 53 -10.43 0.80 -10.15
CA ASP A 53 -11.13 -0.42 -10.55
C ASP A 53 -10.14 -1.26 -11.34
N ALA A 54 -8.93 -1.21 -10.84
CA ALA A 54 -7.80 -1.81 -11.46
C ALA A 54 -7.60 -3.22 -10.98
N THR A 55 -6.71 -3.86 -11.68
CA THR A 55 -6.38 -5.22 -11.39
C THR A 55 -4.90 -5.36 -11.23
N LEU A 56 -4.53 -5.51 -10.00
CA LEU A 56 -3.20 -5.77 -9.59
C LEU A 56 -2.84 -7.17 -9.88
N LYS A 57 -1.57 -7.40 -9.99
CA LYS A 57 -1.06 -8.67 -10.29
C LYS A 57 0.27 -8.82 -9.61
N GLY A 58 0.94 -9.89 -9.84
CA GLY A 58 2.24 -9.99 -9.22
C GLY A 58 2.98 -11.25 -9.50
N THR A 59 3.64 -11.70 -8.47
CA THR A 59 4.29 -12.96 -8.43
C THR A 59 4.12 -13.55 -7.08
N ASN A 60 3.59 -14.73 -7.12
CA ASN A 60 3.36 -15.56 -5.95
C ASN A 60 4.62 -15.77 -5.15
N ASP A 61 4.51 -16.53 -4.10
CA ASP A 61 5.67 -16.98 -3.36
C ASP A 61 6.73 -17.61 -4.28
N ASP A 62 6.30 -18.12 -5.42
CA ASP A 62 7.20 -18.83 -6.31
C ASP A 62 7.62 -17.99 -7.48
N GLY A 63 6.76 -17.10 -7.87
CA GLY A 63 7.00 -16.37 -9.07
C GLY A 63 5.97 -16.68 -10.13
N THR A 64 4.75 -16.87 -9.68
CA THR A 64 3.62 -17.07 -10.53
C THR A 64 2.70 -15.94 -10.26
N PRO A 65 2.27 -15.27 -11.26
CA PRO A 65 1.49 -14.10 -11.11
C PRO A 65 0.15 -14.38 -10.47
N TYR A 66 -0.43 -13.33 -9.99
CA TYR A 66 -1.69 -13.35 -9.27
C TYR A 66 -2.44 -12.11 -9.65
N GLU A 67 -3.52 -11.82 -8.97
CA GLU A 67 -4.24 -10.56 -9.15
C GLU A 67 -4.82 -10.05 -7.86
N SER A 68 -5.08 -8.76 -7.88
CA SER A 68 -5.71 -8.05 -6.81
C SER A 68 -6.76 -7.12 -7.42
N PRO A 69 -8.03 -7.52 -7.38
CA PRO A 69 -9.13 -6.69 -7.81
C PRO A 69 -9.30 -5.51 -6.89
N VAL A 70 -8.84 -4.40 -7.36
CA VAL A 70 -8.79 -3.20 -6.64
C VAL A 70 -9.69 -2.16 -7.28
N ASN A 71 -10.07 -1.24 -6.48
CA ASN A 71 -10.94 -0.16 -6.84
C ASN A 71 -10.10 1.07 -6.94
N TYR A 72 -9.12 1.11 -6.08
CA TYR A 72 -8.15 2.19 -6.07
C TYR A 72 -6.74 1.66 -5.86
N TRP A 73 -5.92 1.93 -6.84
CA TRP A 73 -4.55 1.48 -6.89
C TRP A 73 -3.63 2.65 -7.09
N MET A 74 -2.57 2.66 -6.33
CA MET A 74 -1.56 3.65 -6.48
C MET A 74 -0.17 3.02 -6.46
N PRO A 75 0.30 2.55 -7.62
CA PRO A 75 1.62 1.89 -7.75
C PRO A 75 2.76 2.87 -7.64
N ILE A 76 3.80 2.40 -6.97
CA ILE A 76 4.96 3.21 -6.65
C ILE A 76 6.24 2.55 -7.15
N ASP A 77 6.12 1.27 -7.47
CA ASP A 77 7.24 0.51 -8.02
C ASP A 77 6.77 -0.29 -9.22
N TRP A 78 7.69 -0.75 -10.06
CA TRP A 78 7.33 -1.48 -11.27
C TRP A 78 7.35 -2.99 -11.06
N THR A 79 7.39 -3.44 -9.82
CA THR A 79 7.26 -4.86 -9.54
C THR A 79 5.82 -5.14 -9.26
N GLY A 80 5.18 -4.10 -8.77
CA GLY A 80 3.78 -4.15 -8.47
C GLY A 80 3.49 -3.76 -7.06
N VAL A 81 4.28 -2.83 -6.54
CA VAL A 81 4.06 -2.34 -5.20
C VAL A 81 3.42 -0.98 -5.24
N GLY A 82 2.61 -0.71 -4.23
CA GLY A 82 1.90 0.53 -4.13
C GLY A 82 0.87 0.49 -3.03
N ILE A 83 -0.02 1.48 -3.01
CA ILE A 83 -1.11 1.47 -2.06
C ILE A 83 -2.38 1.03 -2.77
N HIS A 84 -3.18 0.23 -2.11
CA HIS A 84 -4.46 -0.17 -2.69
C HIS A 84 -5.51 -0.34 -1.64
N ASP A 85 -6.74 -0.31 -2.10
CA ASP A 85 -7.87 -0.63 -1.32
C ASP A 85 -8.06 -2.13 -1.39
N SER A 86 -8.35 -2.73 -0.27
CA SER A 86 -8.45 -4.16 -0.25
C SER A 86 -9.70 -4.60 0.43
N ASP A 87 -10.62 -4.96 -0.42
CA ASP A 87 -11.93 -5.36 -0.01
C ASP A 87 -12.03 -6.88 0.14
N TRP A 88 -11.28 -7.57 -0.72
CA TRP A 88 -11.17 -9.03 -0.69
C TRP A 88 -10.46 -9.46 0.58
N GLN A 89 -9.64 -8.54 1.05
CA GLN A 89 -8.77 -8.77 2.19
C GLN A 89 -9.06 -7.78 3.27
N PRO A 90 -10.09 -8.11 3.99
CA PRO A 90 -10.81 -7.22 4.86
C PRO A 90 -10.17 -7.02 6.22
N GLU A 91 -8.97 -7.55 6.38
CA GLU A 91 -8.26 -7.42 7.62
C GLU A 91 -7.00 -6.58 7.42
N TYR A 92 -6.59 -5.95 8.50
CA TYR A 92 -5.54 -4.93 8.50
C TYR A 92 -5.08 -4.73 9.92
N GLY A 93 -3.82 -4.84 10.16
CA GLY A 93 -3.35 -4.71 11.49
C GLY A 93 -2.15 -5.57 11.75
N GLY A 94 -1.83 -5.77 13.02
CA GLY A 94 -0.82 -6.73 13.46
C GLY A 94 -0.65 -7.90 12.50
N ASP A 95 0.54 -8.45 12.45
CA ASP A 95 1.04 -9.07 11.24
C ASP A 95 0.12 -10.13 10.73
N LEU A 96 -0.61 -9.68 9.74
CA LEU A 96 -1.50 -10.44 8.96
C LEU A 96 -0.79 -10.84 7.71
N TRP A 97 0.07 -9.97 7.23
CA TRP A 97 0.75 -10.18 5.96
C TRP A 97 1.28 -11.59 5.84
N LYS A 98 1.77 -12.11 6.96
CA LYS A 98 2.38 -13.42 7.02
C LYS A 98 1.45 -14.53 6.64
N THR A 99 0.19 -14.26 6.79
CA THR A 99 -0.83 -15.25 6.51
C THR A 99 -1.65 -14.83 5.31
N ARG A 100 -1.85 -13.52 5.21
CA ARG A 100 -2.79 -12.95 4.27
C ARG A 100 -2.16 -12.69 2.91
N GLY A 101 -0.86 -12.69 2.89
CA GLY A 101 -0.15 -12.90 1.64
C GLY A 101 -0.15 -11.74 0.65
N SER A 102 0.02 -10.51 1.13
CA SER A 102 0.13 -9.36 0.24
C SER A 102 1.58 -9.25 -0.22
N HIS A 103 1.83 -9.05 -1.51
CA HIS A 103 3.17 -9.21 -2.07
C HIS A 103 3.82 -7.86 -2.32
N GLY A 104 4.11 -7.17 -1.23
CA GLY A 104 4.72 -5.85 -1.34
C GLY A 104 3.65 -4.79 -1.41
N CYS A 105 2.43 -5.24 -1.60
CA CYS A 105 1.31 -4.34 -1.74
C CYS A 105 0.67 -4.06 -0.40
N ILE A 106 0.34 -2.81 -0.16
CA ILE A 106 -0.21 -2.41 1.11
C ILE A 106 -1.71 -2.47 1.09
N ASN A 107 -2.19 -3.28 1.99
CA ASN A 107 -3.58 -3.57 2.13
C ASN A 107 -4.31 -2.46 2.87
N THR A 108 -4.68 -1.40 2.18
CA THR A 108 -5.43 -0.33 2.78
C THR A 108 -6.91 -0.64 2.71
N PRO A 109 -7.62 -0.37 3.79
CA PRO A 109 -9.05 -0.57 3.86
C PRO A 109 -9.75 0.24 2.81
N PRO A 110 -10.68 -0.37 2.10
CA PRO A 110 -11.33 0.20 0.93
C PRO A 110 -11.98 1.53 1.21
N SER A 111 -12.51 1.63 2.40
CA SER A 111 -13.19 2.82 2.80
C SER A 111 -12.18 3.91 3.13
N VAL A 112 -11.08 3.50 3.74
CA VAL A 112 -10.02 4.43 4.10
C VAL A 112 -9.13 4.71 2.88
N MET A 113 -9.05 3.77 1.98
CA MET A 113 -8.29 3.94 0.76
C MET A 113 -8.90 5.05 -0.05
N LYS A 114 -10.18 5.12 0.01
CA LYS A 114 -10.98 6.14 -0.64
C LYS A 114 -10.68 7.52 -0.10
N GLU A 115 -10.22 7.52 1.12
CA GLU A 115 -9.85 8.71 1.82
C GLU A 115 -8.51 9.11 1.34
N LEU A 116 -7.69 8.10 1.32
CA LEU A 116 -6.38 8.18 0.82
C LEU A 116 -6.32 8.50 -0.64
N PHE A 117 -6.77 7.58 -1.46
CA PHE A 117 -6.84 7.80 -2.89
C PHE A 117 -7.52 9.14 -3.12
N GLY A 118 -8.38 9.44 -2.15
CA GLY A 118 -9.12 10.66 -2.12
C GLY A 118 -8.23 11.88 -1.89
N MET A 119 -7.15 11.69 -1.12
CA MET A 119 -6.12 12.73 -0.95
C MET A 119 -5.05 12.64 -2.03
N VAL A 120 -4.57 11.43 -2.23
CA VAL A 120 -3.38 11.18 -3.01
C VAL A 120 -3.65 10.67 -4.39
N GLU A 121 -2.86 11.25 -5.25
CA GLU A 121 -2.85 11.01 -6.64
C GLU A 121 -1.42 10.91 -7.04
N LYS A 122 -1.16 10.73 -8.31
CA LYS A 122 0.19 10.71 -8.75
C LYS A 122 0.96 11.90 -8.31
N GLY A 123 2.24 11.72 -8.39
CA GLY A 123 3.14 12.75 -7.99
C GLY A 123 3.54 12.63 -6.54
N THR A 124 2.60 12.15 -5.73
CA THR A 124 2.79 12.03 -4.32
C THR A 124 3.68 10.84 -4.02
N PRO A 125 4.55 10.96 -3.05
CA PRO A 125 5.34 9.86 -2.59
C PRO A 125 4.51 8.94 -1.76
N VAL A 126 5.05 7.81 -1.54
CA VAL A 126 4.52 6.92 -0.55
C VAL A 126 5.68 6.39 0.24
N LEU A 127 5.40 6.00 1.43
CA LEU A 127 6.40 5.46 2.28
C LEU A 127 5.99 4.13 2.79
N VAL A 128 6.96 3.29 2.94
CA VAL A 128 6.82 2.09 3.69
C VAL A 128 8.13 1.86 4.41
N PHE A 129 8.08 1.27 5.59
CA PHE A 129 9.28 1.05 6.38
C PHE A 129 9.01 0.08 7.54
N GLY A 1 8.91 11.70 12.34
CA GLY A 1 10.27 11.65 11.77
C GLY A 1 10.27 11.10 10.38
N HIS A 2 11.45 10.85 9.82
CA HIS A 2 11.60 10.28 8.48
C HIS A 2 11.02 11.23 7.44
N MET A 3 11.90 12.09 6.95
CA MET A 3 11.57 13.13 5.99
C MET A 3 10.60 14.14 6.58
N GLU A 4 10.12 15.01 5.71
CA GLU A 4 9.17 16.04 6.10
C GLU A 4 8.25 16.41 4.94
N ASP A 5 8.50 15.80 3.80
CA ASP A 5 7.63 15.90 2.63
C ASP A 5 6.19 15.51 2.91
N THR A 6 5.37 15.84 1.96
CA THR A 6 4.03 15.35 1.91
C THR A 6 4.02 14.09 1.07
N TYR A 7 3.57 13.02 1.66
CA TYR A 7 3.59 11.72 1.04
C TYR A 7 2.56 10.80 1.65
N ILE A 8 2.64 9.54 1.26
CA ILE A 8 1.91 8.51 1.94
C ILE A 8 2.88 7.75 2.84
N GLU A 9 2.40 7.01 3.82
CA GLU A 9 3.30 6.26 4.69
C GLU A 9 2.74 4.91 5.03
N VAL A 10 3.64 4.00 5.35
CA VAL A 10 3.29 2.64 5.67
C VAL A 10 4.31 2.06 6.63
N ASP A 11 3.80 1.35 7.59
CA ASP A 11 4.61 0.63 8.54
C ASP A 11 4.21 -0.82 8.50
N LEU A 12 5.12 -1.60 7.91
CA LEU A 12 4.88 -2.98 7.53
C LEU A 12 4.73 -3.85 8.73
N GLU A 13 5.56 -3.53 9.68
CA GLU A 13 5.65 -4.20 10.96
C GLU A 13 4.39 -4.01 11.76
N ASN A 14 4.04 -2.75 11.96
CA ASN A 14 2.92 -2.36 12.79
C ASN A 14 1.72 -2.21 11.92
N GLN A 15 1.88 -2.69 10.68
CA GLN A 15 0.84 -2.70 9.67
C GLN A 15 -0.09 -1.50 9.74
N HIS A 16 0.44 -0.37 9.33
CA HIS A 16 -0.31 0.89 9.36
C HIS A 16 0.17 1.80 8.25
N MET A 17 -0.75 2.25 7.44
CA MET A 17 -0.49 3.13 6.33
C MET A 17 -1.11 4.49 6.57
N TRP A 18 -0.27 5.50 6.43
CA TRP A 18 -0.64 6.88 6.70
C TRP A 18 -0.64 7.71 5.45
N TYR A 19 -1.09 8.93 5.60
CA TYR A 19 -0.88 9.94 4.58
C TYR A 19 -0.26 11.12 5.25
N TYR A 20 0.93 11.45 4.87
CA TYR A 20 1.61 12.55 5.50
C TYR A 20 1.55 13.80 4.69
N LYS A 21 1.08 14.81 5.35
CA LYS A 21 1.00 16.12 4.86
C LYS A 21 1.16 17.07 6.01
N ASP A 22 1.94 18.09 5.73
CA ASP A 22 2.24 19.13 6.69
C ASP A 22 3.14 18.57 7.75
N GLY A 23 3.68 17.42 7.39
CA GLY A 23 4.58 16.71 8.24
C GLY A 23 3.83 15.93 9.30
N LYS A 24 2.57 15.80 9.01
CA LYS A 24 1.57 15.32 9.90
C LYS A 24 0.76 14.32 9.11
N VAL A 25 -0.11 13.56 9.71
CA VAL A 25 -0.87 12.67 8.90
C VAL A 25 -2.23 13.17 8.64
N ALA A 26 -2.53 12.98 7.42
CA ALA A 26 -3.77 13.29 6.84
C ALA A 26 -4.63 12.08 6.91
N LEU A 27 -3.97 10.95 7.00
CA LEU A 27 -4.63 9.70 6.90
C LEU A 27 -3.82 8.67 7.64
N GLU A 28 -4.49 7.64 8.09
CA GLU A 28 -3.88 6.59 8.92
C GLU A 28 -4.79 5.40 8.98
N THR A 29 -4.30 4.27 8.57
CA THR A 29 -5.05 3.07 8.70
C THR A 29 -4.17 1.88 8.91
N ASP A 30 -4.83 0.83 9.28
CA ASP A 30 -4.25 -0.45 9.48
C ASP A 30 -4.24 -1.17 8.17
N ILE A 31 -3.16 -1.86 7.93
CA ILE A 31 -2.96 -2.53 6.66
C ILE A 31 -2.32 -3.89 6.82
N VAL A 32 -1.96 -4.49 5.69
CA VAL A 32 -1.24 -5.75 5.66
C VAL A 32 -0.49 -5.90 4.33
N SER A 33 0.84 -5.92 4.41
CA SER A 33 1.68 -5.81 3.23
C SER A 33 2.89 -6.74 3.31
N GLY A 34 3.35 -7.18 2.15
CA GLY A 34 4.68 -7.74 2.06
C GLY A 34 4.91 -9.10 2.71
N LYS A 35 4.00 -10.06 2.53
CA LYS A 35 4.09 -11.34 3.22
C LYS A 35 5.49 -11.91 3.10
N PRO A 36 5.92 -12.61 4.15
CA PRO A 36 7.27 -13.15 4.33
C PRO A 36 7.97 -13.61 3.04
N THR A 37 7.20 -14.13 2.09
CA THR A 37 7.73 -14.65 0.84
C THR A 37 8.07 -13.50 -0.11
N THR A 38 7.21 -12.50 -0.13
CA THR A 38 7.37 -11.37 -1.03
C THR A 38 7.02 -10.07 -0.32
N PRO A 39 7.92 -9.68 0.57
CA PRO A 39 7.81 -8.51 1.44
C PRO A 39 7.89 -7.18 0.72
N THR A 40 7.47 -6.16 1.44
CA THR A 40 7.57 -4.79 0.99
C THR A 40 9.00 -4.29 1.13
N PRO A 41 9.34 -3.33 0.27
CA PRO A 41 10.70 -2.83 0.08
C PRO A 41 11.15 -1.83 1.14
N ALA A 42 10.29 -0.84 1.39
CA ALA A 42 10.57 0.22 2.36
C ALA A 42 11.68 1.17 1.92
N GLY A 43 11.33 2.44 1.85
CA GLY A 43 12.24 3.47 1.42
C GLY A 43 11.51 4.74 1.07
N VAL A 44 11.69 5.18 -0.15
CA VAL A 44 11.03 6.36 -0.66
C VAL A 44 10.34 6.01 -1.96
N PHE A 45 9.03 6.05 -1.93
CA PHE A 45 8.23 5.56 -3.01
C PHE A 45 7.44 6.71 -3.62
N TYR A 46 6.96 6.54 -4.84
CA TYR A 46 6.14 7.56 -5.48
C TYR A 46 5.12 6.94 -6.38
N VAL A 47 3.89 7.41 -6.33
CA VAL A 47 2.88 6.89 -7.22
C VAL A 47 3.09 7.41 -8.63
N TRP A 48 3.17 6.47 -9.57
CA TRP A 48 3.44 6.82 -10.95
C TRP A 48 2.24 6.57 -11.84
N ASN A 49 1.19 6.11 -11.23
CA ASN A 49 -0.06 5.86 -11.93
C ASN A 49 -1.19 5.76 -10.93
N LYS A 50 -2.35 6.15 -11.36
CA LYS A 50 -3.55 5.97 -10.59
C LYS A 50 -4.45 4.99 -11.29
N GLU A 51 -4.71 3.93 -10.60
CA GLU A 51 -5.52 2.86 -11.11
C GLU A 51 -6.73 2.65 -10.28
N GLU A 52 -7.83 2.78 -10.92
CA GLU A 52 -9.09 2.61 -10.30
C GLU A 52 -9.82 1.47 -10.94
N ASP A 53 -10.52 0.78 -10.05
CA ASP A 53 -11.27 -0.42 -10.37
C ASP A 53 -10.33 -1.41 -11.03
N ALA A 54 -9.06 -1.23 -10.69
CA ALA A 54 -7.96 -1.84 -11.35
C ALA A 54 -7.70 -3.23 -10.85
N THR A 55 -6.83 -3.89 -11.55
CA THR A 55 -6.50 -5.25 -11.26
C THR A 55 -5.01 -5.41 -11.17
N LEU A 56 -4.60 -5.49 -9.95
CA LEU A 56 -3.26 -5.74 -9.58
C LEU A 56 -2.90 -7.15 -9.86
N LYS A 57 -1.64 -7.37 -10.01
CA LYS A 57 -1.12 -8.63 -10.31
C LYS A 57 0.24 -8.73 -9.69
N GLY A 58 0.93 -9.80 -9.93
CA GLY A 58 2.27 -9.85 -9.42
C GLY A 58 3.00 -11.09 -9.74
N THR A 59 3.72 -11.54 -8.75
CA THR A 59 4.37 -12.80 -8.74
C THR A 59 4.27 -13.38 -7.38
N ASN A 60 3.69 -14.54 -7.37
CA ASN A 60 3.57 -15.35 -6.18
C ASN A 60 4.91 -15.55 -5.50
N ASP A 61 4.92 -16.27 -4.41
CA ASP A 61 6.17 -16.70 -3.80
C ASP A 61 7.01 -17.46 -4.82
N ASP A 62 6.31 -18.02 -5.82
CA ASP A 62 6.94 -18.88 -6.81
C ASP A 62 7.46 -18.08 -7.97
N GLY A 63 6.83 -16.96 -8.20
CA GLY A 63 7.07 -16.22 -9.41
C GLY A 63 5.97 -16.47 -10.40
N THR A 64 4.79 -16.69 -9.86
CA THR A 64 3.62 -16.95 -10.61
C THR A 64 2.66 -15.88 -10.31
N PRO A 65 2.13 -15.25 -11.29
CA PRO A 65 1.41 -14.06 -11.09
C PRO A 65 0.08 -14.30 -10.42
N TYR A 66 -0.39 -13.27 -9.80
CA TYR A 66 -1.62 -13.27 -9.05
C TYR A 66 -2.40 -12.05 -9.46
N GLU A 67 -3.46 -11.75 -8.76
CA GLU A 67 -4.22 -10.52 -8.97
C GLU A 67 -4.76 -9.98 -7.68
N SER A 68 -5.06 -8.71 -7.75
CA SER A 68 -5.68 -7.97 -6.69
C SER A 68 -6.74 -7.07 -7.32
N PRO A 69 -8.02 -7.50 -7.27
CA PRO A 69 -9.12 -6.70 -7.72
C PRO A 69 -9.31 -5.50 -6.81
N VAL A 70 -8.85 -4.39 -7.28
CA VAL A 70 -8.81 -3.20 -6.54
C VAL A 70 -9.73 -2.17 -7.15
N ASN A 71 -10.02 -1.20 -6.35
CA ASN A 71 -10.90 -0.12 -6.67
C ASN A 71 -10.07 1.11 -6.76
N TYR A 72 -9.08 1.12 -5.90
CA TYR A 72 -8.11 2.21 -5.86
C TYR A 72 -6.70 1.67 -5.75
N TRP A 73 -5.94 1.94 -6.78
CA TRP A 73 -4.57 1.51 -6.90
C TRP A 73 -3.67 2.69 -7.10
N MET A 74 -2.59 2.69 -6.38
CA MET A 74 -1.58 3.69 -6.55
C MET A 74 -0.19 3.07 -6.54
N PRO A 75 0.29 2.60 -7.71
CA PRO A 75 1.60 1.95 -7.83
C PRO A 75 2.73 2.95 -7.70
N ILE A 76 3.76 2.49 -7.01
CA ILE A 76 4.90 3.31 -6.65
C ILE A 76 6.18 2.71 -7.16
N ASP A 77 6.10 1.43 -7.54
CA ASP A 77 7.24 0.73 -8.12
C ASP A 77 6.78 -0.06 -9.34
N TRP A 78 7.70 -0.50 -10.18
CA TRP A 78 7.35 -1.19 -11.41
C TRP A 78 7.37 -2.71 -11.26
N THR A 79 7.41 -3.20 -10.04
CA THR A 79 7.30 -4.64 -9.82
C THR A 79 5.84 -4.94 -9.58
N GLY A 80 5.18 -3.93 -9.08
CA GLY A 80 3.79 -4.01 -8.78
C GLY A 80 3.50 -3.65 -7.36
N VAL A 81 4.30 -2.75 -6.81
CA VAL A 81 4.08 -2.30 -5.46
C VAL A 81 3.43 -0.93 -5.45
N GLY A 82 2.64 -0.69 -4.43
CA GLY A 82 1.94 0.56 -4.30
C GLY A 82 0.93 0.53 -3.17
N ILE A 83 0.05 1.51 -3.14
CA ILE A 83 -1.00 1.54 -2.16
C ILE A 83 -2.30 1.11 -2.83
N HIS A 84 -3.11 0.34 -2.13
CA HIS A 84 -4.39 -0.07 -2.67
C HIS A 84 -5.41 -0.27 -1.59
N ASP A 85 -6.64 -0.35 -2.03
CA ASP A 85 -7.73 -0.71 -1.20
C ASP A 85 -7.90 -2.20 -1.30
N SER A 86 -8.33 -2.83 -0.24
CA SER A 86 -8.47 -4.26 -0.28
C SER A 86 -9.69 -4.68 0.46
N ASP A 87 -10.66 -5.02 -0.36
CA ASP A 87 -11.94 -5.45 0.11
C ASP A 87 -11.99 -6.99 0.21
N TRP A 88 -11.21 -7.62 -0.68
CA TRP A 88 -11.07 -9.09 -0.70
C TRP A 88 -10.32 -9.53 0.53
N GLN A 89 -9.51 -8.62 1.01
CA GLN A 89 -8.64 -8.85 2.16
C GLN A 89 -8.99 -7.89 3.24
N PRO A 90 -10.01 -8.28 3.94
CA PRO A 90 -10.78 -7.44 4.81
C PRO A 90 -10.17 -7.26 6.18
N GLU A 91 -8.95 -7.75 6.33
CA GLU A 91 -8.23 -7.63 7.58
C GLU A 91 -7.03 -6.73 7.39
N TYR A 92 -6.70 -6.02 8.44
CA TYR A 92 -5.68 -4.98 8.47
C TYR A 92 -5.24 -4.79 9.89
N GLY A 93 -3.97 -4.83 10.13
CA GLY A 93 -3.51 -4.64 11.48
C GLY A 93 -2.27 -5.42 11.74
N GLY A 94 -1.94 -5.58 13.03
CA GLY A 94 -0.85 -6.44 13.48
C GLY A 94 -0.64 -7.63 12.57
N ASP A 95 0.58 -8.16 12.55
CA ASP A 95 1.11 -8.78 11.35
C ASP A 95 0.23 -9.87 10.83
N LEU A 96 -0.49 -9.44 9.82
CA LEU A 96 -1.35 -10.25 9.04
C LEU A 96 -0.61 -10.65 7.80
N TRP A 97 0.26 -9.78 7.33
CA TRP A 97 0.98 -10.01 6.10
C TRP A 97 1.51 -11.44 6.02
N LYS A 98 2.00 -11.93 7.15
CA LYS A 98 2.61 -13.23 7.23
C LYS A 98 1.68 -14.35 6.86
N THR A 99 0.41 -14.08 7.01
CA THR A 99 -0.59 -15.08 6.78
C THR A 99 -1.43 -14.72 5.57
N ARG A 100 -1.66 -13.42 5.41
CA ARG A 100 -2.63 -12.93 4.46
C ARG A 100 -2.04 -12.69 3.08
N GLY A 101 -0.73 -12.65 3.02
CA GLY A 101 -0.05 -12.88 1.75
C GLY A 101 -0.07 -11.74 0.75
N SER A 102 0.11 -10.51 1.20
CA SER A 102 0.21 -9.37 0.28
C SER A 102 1.66 -9.28 -0.23
N HIS A 103 1.86 -8.95 -1.50
CA HIS A 103 3.20 -9.04 -2.11
C HIS A 103 3.76 -7.66 -2.35
N GLY A 104 4.15 -6.99 -1.28
CA GLY A 104 4.70 -5.66 -1.39
C GLY A 104 3.60 -4.63 -1.47
N CYS A 105 2.39 -5.12 -1.61
CA CYS A 105 1.24 -4.26 -1.78
C CYS A 105 0.55 -4.03 -0.45
N ILE A 106 0.26 -2.77 -0.18
CA ILE A 106 -0.28 -2.36 1.09
C ILE A 106 -1.78 -2.44 1.10
N ASN A 107 -2.26 -3.31 1.96
CA ASN A 107 -3.67 -3.62 2.06
C ASN A 107 -4.42 -2.55 2.83
N THR A 108 -4.80 -1.46 2.16
CA THR A 108 -5.57 -0.40 2.77
C THR A 108 -7.05 -0.69 2.68
N PRO A 109 -7.78 -0.39 3.73
CA PRO A 109 -9.23 -0.56 3.77
C PRO A 109 -9.90 0.22 2.66
N PRO A 110 -10.87 -0.40 2.00
CA PRO A 110 -11.55 0.15 0.80
C PRO A 110 -12.16 1.49 1.05
N SER A 111 -12.59 1.69 2.26
CA SER A 111 -13.23 2.91 2.63
C SER A 111 -12.19 3.98 2.93
N VAL A 112 -11.10 3.56 3.58
CA VAL A 112 -10.04 4.49 3.94
C VAL A 112 -9.12 4.77 2.75
N MET A 113 -9.00 3.80 1.86
CA MET A 113 -8.20 3.95 0.67
C MET A 113 -8.82 4.99 -0.25
N LYS A 114 -10.10 5.24 -0.01
CA LYS A 114 -10.87 6.24 -0.71
C LYS A 114 -10.61 7.61 -0.16
N GLU A 115 -10.17 7.60 1.08
CA GLU A 115 -9.80 8.77 1.79
C GLU A 115 -8.45 9.16 1.32
N LEU A 116 -7.64 8.15 1.29
CA LEU A 116 -6.33 8.22 0.79
C LEU A 116 -6.30 8.54 -0.67
N PHE A 117 -6.77 7.63 -1.49
CA PHE A 117 -6.82 7.86 -2.93
C PHE A 117 -7.49 9.21 -3.16
N GLY A 118 -8.33 9.54 -2.17
CA GLY A 118 -9.05 10.76 -2.17
C GLY A 118 -8.16 11.98 -1.90
N MET A 119 -7.08 11.77 -1.11
CA MET A 119 -6.05 12.80 -0.92
C MET A 119 -4.98 12.72 -1.98
N VAL A 120 -4.50 11.52 -2.20
CA VAL A 120 -3.32 11.27 -2.98
C VAL A 120 -3.59 10.78 -4.36
N GLU A 121 -2.79 11.34 -5.23
CA GLU A 121 -2.77 11.07 -6.60
C GLU A 121 -1.34 10.97 -7.00
N LYS A 122 -1.09 10.75 -8.27
CA LYS A 122 0.24 10.71 -8.73
C LYS A 122 1.05 11.89 -8.30
N GLY A 123 2.31 11.68 -8.38
CA GLY A 123 3.24 12.68 -7.97
C GLY A 123 3.62 12.55 -6.51
N THR A 124 2.65 12.14 -5.69
CA THR A 124 2.85 12.03 -4.27
C THR A 124 3.68 10.80 -3.98
N PRO A 125 4.58 10.92 -3.01
CA PRO A 125 5.34 9.80 -2.56
C PRO A 125 4.52 8.89 -1.72
N VAL A 126 5.04 7.74 -1.52
CA VAL A 126 4.51 6.87 -0.50
C VAL A 126 5.68 6.34 0.29
N LEU A 127 5.41 5.98 1.48
CA LEU A 127 6.41 5.44 2.33
C LEU A 127 5.99 4.11 2.83
N VAL A 128 6.96 3.27 2.97
CA VAL A 128 6.82 2.06 3.71
C VAL A 128 8.15 1.83 4.42
N PHE A 129 8.11 1.25 5.61
CA PHE A 129 9.32 1.05 6.40
C PHE A 129 9.13 -0.04 7.45
#